data_4KQ6
#
_entry.id   4KQ6
#
_cell.length_a   84.750
_cell.length_b   84.840
_cell.length_c   310.200
_cell.angle_alpha   90.00
_cell.angle_beta   90.00
_cell.angle_gamma   90.00
#
_symmetry.space_group_name_H-M   'P 21 21 21'
#
loop_
_entity.id
_entity.type
_entity.pdbx_description
1 polymer '6,7-dimethyl-8-ribityllumazine synthase'
2 non-polymer 'SULFATE ION'
3 non-polymer 1-deoxy-1-(6,7-dimethyl-2,4-dioxo-3,4-dihydropteridin-8(2H)-yl)-D-ribitol
4 non-polymer GLYCEROL
5 water water
#
_entity_poly.entity_id   1
_entity_poly.type   'polypeptide(L)'
_entity_poly.pdbx_seq_one_letter_code
;MRGSHHHHHHGSAVKGLGQLDQNYDGSKLRVGIIHARWNRVIIDALVKGAIDRMLSLGVKEENIIVETVPGSFELPYGSK
RFAEKQAKKGEPLDVVIPIGVLIKGSTMHFEYISDSTTQAIMNLQDKINIPVIFGLLTCLTEEQALARAGIDEGKTMHNH
GEDWGAAAVEMATKFGANA
;
_entity_poly.pdbx_strand_id   A,B,C,D,E,F,G,H,I,J
#
loop_
_chem_comp.id
_chem_comp.type
_chem_comp.name
_chem_comp.formula
DLZ non-polymer 1-deoxy-1-(6,7-dimethyl-2,4-dioxo-3,4-dihydropteridin-8(2H)-yl)-D-ribitol 'C13 H18 N4 O6'
GOL non-polymer GLYCEROL 'C3 H8 O3'
SO4 non-polymer 'SULFATE ION' 'O4 S -2'
#
# COMPACT_ATOMS: atom_id res chain seq x y z
N GLN A 22 39.76 1.01 0.45
CA GLN A 22 39.98 0.48 1.84
C GLN A 22 40.16 -1.05 1.98
N ASN A 23 40.61 -1.44 3.16
CA ASN A 23 40.49 -2.80 3.61
C ASN A 23 39.07 -2.84 4.14
N TYR A 24 38.28 -3.81 3.69
CA TYR A 24 36.98 -4.03 4.33
C TYR A 24 37.07 -5.40 4.99
N ASP A 25 36.70 -5.49 6.26
CA ASP A 25 36.68 -6.75 6.97
C ASP A 25 35.44 -7.55 6.54
N GLY A 26 35.62 -8.63 5.81
CA GLY A 26 34.47 -9.41 5.44
C GLY A 26 34.13 -10.55 6.38
N SER A 27 34.74 -10.58 7.58
CA SER A 27 34.60 -11.78 8.46
C SER A 27 33.17 -11.97 8.98
N LYS A 28 32.44 -10.88 9.12
CA LYS A 28 31.07 -10.97 9.52
C LYS A 28 30.05 -11.27 8.42
N LEU A 29 30.42 -11.27 7.14
CA LEU A 29 29.43 -11.37 6.07
C LEU A 29 29.01 -12.78 5.73
N ARG A 30 27.77 -12.96 5.30
CA ARG A 30 27.37 -14.11 4.54
C ARG A 30 27.08 -13.70 3.08
N VAL A 31 27.56 -14.43 2.07
CA VAL A 31 27.48 -13.93 0.74
C VAL A 31 26.95 -15.03 -0.10
N GLY A 32 25.95 -14.73 -0.96
CA GLY A 32 25.47 -15.78 -1.85
C GLY A 32 26.07 -15.59 -3.23
N ILE A 33 26.48 -16.68 -3.87
CA ILE A 33 26.73 -16.75 -5.28
C ILE A 33 25.68 -17.63 -5.94
N ILE A 34 25.06 -17.11 -6.99
CA ILE A 34 24.18 -17.95 -7.73
C ILE A 34 24.54 -17.80 -9.16
N HIS A 35 24.82 -18.90 -9.82
CA HIS A 35 25.30 -18.93 -11.18
C HIS A 35 24.50 -19.79 -12.10
N ALA A 36 24.38 -19.29 -13.35
CA ALA A 36 23.83 -20.06 -14.46
C ALA A 36 24.78 -21.22 -14.78
N ARG A 37 24.35 -22.16 -15.59
CA ARG A 37 25.14 -23.39 -15.83
C ARG A 37 25.49 -23.55 -17.31
N TRP A 38 25.10 -22.60 -18.18
CA TRP A 38 25.70 -22.51 -19.54
C TRP A 38 27.09 -21.87 -19.51
N ASN A 39 27.96 -22.32 -20.41
CA ASN A 39 29.36 -21.88 -20.46
C ASN A 39 30.07 -22.18 -19.16
N ARG A 40 29.86 -23.40 -18.71
CA ARG A 40 30.24 -23.83 -17.39
C ARG A 40 31.70 -23.64 -17.01
N VAL A 41 32.60 -23.84 -17.98
CA VAL A 41 34.04 -23.80 -17.68
C VAL A 41 34.37 -22.37 -17.31
N ILE A 42 33.81 -21.44 -18.07
CA ILE A 42 34.00 -20.00 -17.84
C ILE A 42 33.38 -19.59 -16.47
N ILE A 43 32.12 -20.03 -16.23
CA ILE A 43 31.37 -19.81 -14.97
C ILE A 43 32.21 -20.23 -13.76
N ASP A 44 32.68 -21.46 -13.77
CA ASP A 44 33.53 -21.96 -12.67
C ASP A 44 34.74 -21.09 -12.43
N ALA A 45 35.32 -20.58 -13.51
CA ALA A 45 36.49 -19.75 -13.26
C ALA A 45 36.12 -18.39 -12.66
N LEU A 46 34.97 -17.89 -13.06
CA LEU A 46 34.50 -16.62 -12.54
C LEU A 46 34.08 -16.77 -11.05
N VAL A 47 33.28 -17.80 -10.79
CA VAL A 47 32.91 -18.20 -9.45
C VAL A 47 34.18 -18.41 -8.54
N LYS A 48 35.12 -19.22 -9.02
CA LYS A 48 36.32 -19.49 -8.23
C LYS A 48 37.03 -18.17 -7.91
N GLY A 49 37.10 -17.24 -8.89
CA GLY A 49 37.74 -15.91 -8.68
C GLY A 49 37.03 -15.08 -7.59
N ALA A 50 35.71 -15.00 -7.66
CA ALA A 50 34.95 -14.28 -6.59
C ALA A 50 35.17 -14.89 -5.21
N ILE A 51 35.17 -16.22 -5.10
CA ILE A 51 35.35 -16.87 -3.79
C ILE A 51 36.74 -16.55 -3.21
N ASP A 52 37.78 -16.78 -4.00
CA ASP A 52 39.12 -16.48 -3.56
C ASP A 52 39.32 -15.08 -3.12
N ARG A 53 38.82 -14.12 -3.85
CA ARG A 53 39.02 -12.75 -3.42
C ARG A 53 38.25 -12.53 -2.11
N MET A 54 37.06 -13.10 -1.98
CA MET A 54 36.28 -12.84 -0.79
C MET A 54 36.95 -13.46 0.43
N LEU A 55 37.46 -14.67 0.25
CA LEU A 55 38.27 -15.36 1.27
C LEU A 55 39.49 -14.53 1.65
N SER A 56 40.11 -13.84 0.70
CA SER A 56 41.22 -13.01 1.10
C SER A 56 40.79 -11.71 1.81
N LEU A 57 39.55 -11.27 1.62
CA LEU A 57 39.05 -10.16 2.46
C LEU A 57 38.46 -10.59 3.81
N GLY A 58 38.64 -11.85 4.17
CA GLY A 58 38.21 -12.31 5.48
C GLY A 58 36.81 -12.90 5.52
N VAL A 59 36.18 -13.16 4.37
CA VAL A 59 34.89 -13.80 4.44
C VAL A 59 35.18 -15.26 4.74
N LYS A 60 34.38 -15.90 5.59
CA LYS A 60 34.62 -17.30 5.93
C LYS A 60 34.01 -18.26 4.92
N GLU A 61 34.79 -19.30 4.61
CA GLU A 61 34.43 -20.34 3.67
C GLU A 61 32.97 -20.82 3.88
N GLU A 62 32.56 -20.99 5.14
CA GLU A 62 31.29 -21.57 5.41
C GLU A 62 30.18 -20.52 5.25
N ASN A 63 30.56 -19.27 5.07
CA ASN A 63 29.61 -18.20 4.93
C ASN A 63 29.48 -17.78 3.48
N ILE A 64 29.92 -18.62 2.58
CA ILE A 64 29.73 -18.32 1.20
C ILE A 64 28.81 -19.41 0.69
N ILE A 65 27.64 -19.04 0.22
CA ILE A 65 26.65 -20.06 -0.16
C ILE A 65 26.51 -20.01 -1.65
N VAL A 66 26.51 -21.15 -2.31
CA VAL A 66 26.51 -21.18 -3.76
C VAL A 66 25.24 -21.83 -4.23
N GLU A 67 24.57 -21.26 -5.21
CA GLU A 67 23.36 -21.88 -5.70
C GLU A 67 23.49 -21.79 -7.25
N THR A 68 22.64 -22.49 -7.99
CA THR A 68 22.71 -22.48 -9.43
C THR A 68 21.30 -22.45 -10.05
N VAL A 69 21.23 -22.08 -11.34
CA VAL A 69 20.00 -22.00 -12.08
C VAL A 69 20.42 -22.40 -13.48
N PRO A 70 19.47 -22.79 -14.32
CA PRO A 70 19.89 -23.24 -15.65
C PRO A 70 20.47 -22.09 -16.52
N GLY A 71 19.75 -20.96 -16.67
CA GLY A 71 20.23 -19.96 -17.58
C GLY A 71 20.26 -18.57 -16.99
N SER A 72 20.87 -17.63 -17.69
CA SER A 72 20.93 -16.28 -17.15
C SER A 72 19.56 -15.71 -16.91
N PHE A 73 18.55 -16.06 -17.70
CA PHE A 73 17.23 -15.45 -17.49
C PHE A 73 16.63 -15.82 -16.13
N GLU A 74 17.05 -17.01 -15.60
CA GLU A 74 16.63 -17.53 -14.29
C GLU A 74 17.32 -16.83 -13.14
N LEU A 75 18.38 -16.09 -13.40
CA LEU A 75 19.16 -15.48 -12.28
C LEU A 75 18.39 -14.54 -11.34
N PRO A 76 17.55 -13.67 -11.93
CA PRO A 76 16.96 -12.69 -11.01
C PRO A 76 15.91 -13.27 -10.02
N TYR A 77 15.00 -14.12 -10.53
CA TYR A 77 14.01 -14.72 -9.68
C TYR A 77 14.70 -15.76 -8.75
N GLY A 78 15.69 -16.47 -9.27
CA GLY A 78 16.53 -17.32 -8.47
C GLY A 78 17.12 -16.59 -7.27
N SER A 79 17.69 -15.41 -7.56
CA SER A 79 18.38 -14.61 -6.60
C SER A 79 17.38 -14.12 -5.57
N LYS A 80 16.19 -13.71 -5.98
CA LYS A 80 15.18 -13.27 -5.03
C LYS A 80 14.81 -14.41 -4.04
N ARG A 81 14.45 -15.58 -4.59
CA ARG A 81 13.98 -16.73 -3.83
C ARG A 81 15.14 -17.26 -2.98
N PHE A 82 16.36 -17.17 -3.50
CA PHE A 82 17.55 -17.60 -2.78
C PHE A 82 17.77 -16.77 -1.51
N ALA A 83 17.59 -15.46 -1.62
CA ALA A 83 17.69 -14.56 -0.48
C ALA A 83 16.56 -14.81 0.55
N GLU A 84 15.36 -14.94 0.05
CA GLU A 84 14.23 -15.16 0.90
C GLU A 84 14.40 -16.47 1.72
N LYS A 85 14.72 -17.57 1.03
CA LYS A 85 15.01 -18.89 1.66
C LYS A 85 16.08 -18.80 2.75
N GLN A 86 17.20 -18.13 2.47
CA GLN A 86 18.27 -17.98 3.43
C GLN A 86 17.79 -17.17 4.66
N ALA A 87 17.09 -16.05 4.41
CA ALA A 87 16.49 -15.31 5.55
C ALA A 87 15.51 -16.17 6.35
N LYS A 88 14.73 -17.00 5.66
CA LYS A 88 13.73 -17.74 6.33
C LYS A 88 14.36 -18.87 7.21
N LYS A 89 15.51 -19.38 6.84
CA LYS A 89 16.08 -20.34 7.81
C LYS A 89 17.01 -19.67 8.79
N GLY A 90 16.97 -18.35 8.96
CA GLY A 90 17.83 -17.70 9.98
C GLY A 90 19.28 -17.55 9.54
N GLU A 91 19.54 -17.65 8.20
CA GLU A 91 20.90 -17.50 7.61
C GLU A 91 20.90 -16.45 6.46
N PRO A 92 20.54 -15.21 6.80
CA PRO A 92 20.28 -14.25 5.70
C PRO A 92 21.57 -13.88 4.97
N LEU A 93 21.44 -13.68 3.67
CA LEU A 93 22.57 -13.20 2.84
C LEU A 93 22.76 -11.71 3.12
N ASP A 94 24.00 -11.23 3.31
CA ASP A 94 24.28 -9.80 3.20
C ASP A 94 24.40 -9.21 1.81
N VAL A 95 24.61 -10.02 0.79
CA VAL A 95 24.80 -9.46 -0.56
C VAL A 95 24.73 -10.69 -1.47
N VAL A 96 24.37 -10.54 -2.74
CA VAL A 96 24.30 -11.68 -3.62
C VAL A 96 25.03 -11.34 -4.92
N ILE A 97 25.62 -12.35 -5.54
CA ILE A 97 26.35 -12.13 -6.76
C ILE A 97 25.79 -13.11 -7.72
N PRO A 98 24.83 -12.67 -8.57
CA PRO A 98 24.41 -13.52 -9.69
C PRO A 98 25.42 -13.52 -10.80
N ILE A 99 25.78 -14.72 -11.28
CA ILE A 99 26.74 -14.89 -12.32
C ILE A 99 26.25 -15.71 -13.53
N GLY A 100 26.38 -15.15 -14.74
CA GLY A 100 25.98 -15.82 -16.00
C GLY A 100 26.93 -15.37 -17.12
N VAL A 101 27.03 -16.15 -18.18
CA VAL A 101 27.90 -15.80 -19.27
C VAL A 101 27.05 -15.91 -20.50
N LEU A 102 26.87 -14.78 -21.18
CA LEU A 102 26.08 -14.73 -22.39
C LEU A 102 27.02 -14.37 -23.54
N ILE A 103 26.91 -15.11 -24.62
CA ILE A 103 27.73 -14.91 -25.79
C ILE A 103 26.76 -14.83 -26.98
N LYS A 104 26.89 -13.75 -27.74
CA LYS A 104 26.13 -13.43 -28.90
C LYS A 104 26.10 -14.59 -29.83
N GLY A 105 24.89 -15.02 -30.19
CA GLY A 105 24.74 -16.04 -31.23
C GLY A 105 24.17 -15.42 -32.50
N SER A 106 23.44 -16.17 -33.31
CA SER A 106 23.02 -15.59 -34.60
C SER A 106 21.59 -14.95 -34.53
N THR A 107 20.85 -15.22 -33.47
CA THR A 107 19.56 -14.55 -33.34
C THR A 107 19.70 -13.42 -32.31
N MET A 108 18.58 -12.74 -31.98
CA MET A 108 18.56 -11.63 -31.05
C MET A 108 18.33 -12.08 -29.60
N HIS A 109 18.48 -13.38 -29.34
CA HIS A 109 18.13 -13.93 -28.06
C HIS A 109 19.10 -13.36 -27.06
N PHE A 110 20.38 -13.29 -27.44
CA PHE A 110 21.40 -12.63 -26.62
C PHE A 110 20.99 -11.22 -26.15
N GLU A 111 20.57 -10.36 -27.05
CA GLU A 111 20.21 -8.98 -26.72
C GLU A 111 19.07 -8.97 -25.70
N TYR A 112 18.08 -9.80 -25.95
CA TYR A 112 16.83 -9.68 -25.21
C TYR A 112 16.94 -10.28 -23.82
N ILE A 113 17.67 -11.40 -23.68
CA ILE A 113 18.04 -11.94 -22.35
C ILE A 113 18.90 -10.94 -21.56
N SER A 114 19.93 -10.41 -22.23
CA SER A 114 20.89 -9.53 -21.55
C SER A 114 20.26 -8.33 -20.99
N ASP A 115 19.43 -7.72 -21.79
CA ASP A 115 18.88 -6.49 -21.38
C ASP A 115 17.81 -6.70 -20.28
N SER A 116 16.85 -7.63 -20.47
CA SER A 116 15.91 -7.83 -19.43
C SER A 116 16.65 -8.39 -18.15
N THR A 117 17.70 -9.19 -18.28
CA THR A 117 18.27 -9.82 -17.04
C THR A 117 19.05 -8.74 -16.24
N THR A 118 19.75 -7.87 -17.01
CA THR A 118 20.47 -6.77 -16.42
C THR A 118 19.51 -5.83 -15.67
N GLN A 119 18.43 -5.37 -16.31
CA GLN A 119 17.50 -4.53 -15.60
C GLN A 119 16.90 -5.26 -14.38
N ALA A 120 16.58 -6.53 -14.50
CA ALA A 120 15.97 -7.23 -13.35
C ALA A 120 16.98 -7.37 -12.15
N ILE A 121 18.27 -7.52 -12.50
CA ILE A 121 19.34 -7.58 -11.46
C ILE A 121 19.45 -6.23 -10.73
N MET A 122 19.56 -5.15 -11.49
CA MET A 122 19.56 -3.81 -10.90
C MET A 122 18.36 -3.62 -10.02
N ASN A 123 17.15 -3.93 -10.50
CA ASN A 123 15.92 -3.63 -9.72
C ASN A 123 15.70 -4.59 -8.53
N LEU A 124 16.44 -5.71 -8.51
CA LEU A 124 16.17 -6.69 -7.49
C LEU A 124 16.57 -6.12 -6.12
N GLN A 125 17.53 -5.19 -6.13
CA GLN A 125 18.15 -4.66 -4.87
C GLN A 125 17.15 -4.08 -3.93
N ASP A 126 16.26 -3.27 -4.45
CA ASP A 126 15.14 -2.80 -3.63
C ASP A 126 14.11 -3.84 -3.18
N LYS A 127 13.95 -4.98 -3.88
CA LYS A 127 13.00 -5.97 -3.39
C LYS A 127 13.55 -6.73 -2.21
N ILE A 128 14.84 -7.06 -2.22
CA ILE A 128 15.47 -7.88 -1.14
C ILE A 128 16.25 -7.06 -0.15
N ASN A 129 16.40 -5.76 -0.42
CA ASN A 129 17.16 -4.83 0.44
C ASN A 129 18.57 -5.22 0.77
N ILE A 130 19.28 -5.84 -0.18
CA ILE A 130 20.69 -6.01 -0.08
C ILE A 130 21.31 -5.70 -1.47
N PRO A 131 22.61 -5.33 -1.52
CA PRO A 131 23.27 -5.14 -2.82
C PRO A 131 23.27 -6.41 -3.65
N VAL A 132 23.05 -6.28 -4.97
CA VAL A 132 23.23 -7.40 -5.87
C VAL A 132 24.33 -6.99 -6.81
N ILE A 133 25.43 -7.77 -6.84
CA ILE A 133 26.60 -7.46 -7.66
C ILE A 133 26.39 -7.98 -9.07
N PHE A 134 26.70 -7.18 -10.11
CA PHE A 134 26.33 -7.59 -11.48
C PHE A 134 27.37 -8.48 -12.07
N GLY A 135 27.12 -9.79 -12.08
CA GLY A 135 28.18 -10.70 -12.53
C GLY A 135 27.88 -11.40 -13.83
N LEU A 136 27.25 -10.68 -14.78
CA LEU A 136 27.00 -11.23 -16.07
C LEU A 136 28.02 -10.72 -17.02
N LEU A 137 28.55 -11.64 -17.79
CA LEU A 137 29.33 -11.30 -18.95
C LEU A 137 28.38 -11.25 -20.12
N THR A 138 28.55 -10.23 -20.94
CA THR A 138 27.72 -10.09 -22.13
C THR A 138 28.67 -9.94 -23.33
N CYS A 139 29.23 -11.04 -23.79
CA CYS A 139 30.34 -11.01 -24.77
C CYS A 139 29.88 -11.22 -26.19
N LEU A 140 30.63 -10.69 -27.16
CA LEU A 140 30.31 -11.00 -28.56
C LEU A 140 30.94 -12.31 -28.98
N THR A 141 31.99 -12.73 -28.32
CA THR A 141 32.64 -13.99 -28.68
C THR A 141 33.12 -14.70 -27.41
N GLU A 142 33.24 -16.01 -27.55
CA GLU A 142 33.74 -16.87 -26.54
C GLU A 142 35.07 -16.39 -25.99
N GLU A 143 35.98 -16.06 -26.92
CA GLU A 143 37.26 -15.57 -26.50
C GLU A 143 37.19 -14.32 -25.59
N GLN A 144 36.30 -13.38 -25.88
CA GLN A 144 36.15 -12.25 -24.95
C GLN A 144 35.79 -12.72 -23.54
N ALA A 145 34.96 -13.77 -23.48
CA ALA A 145 34.45 -14.34 -22.23
C ALA A 145 35.60 -15.07 -21.47
N LEU A 146 36.43 -15.79 -22.23
CA LEU A 146 37.61 -16.44 -21.62
C LEU A 146 38.57 -15.43 -21.01
N ALA A 147 38.81 -14.33 -21.72
CA ALA A 147 39.72 -13.28 -21.25
C ALA A 147 39.19 -12.64 -19.99
N ARG A 148 37.88 -12.41 -19.94
CA ARG A 148 37.27 -11.81 -18.76
C ARG A 148 37.09 -12.76 -17.55
N ALA A 149 37.28 -14.06 -17.76
CA ALA A 149 37.39 -14.99 -16.65
C ALA A 149 38.86 -15.28 -16.38
N GLY A 150 39.77 -14.52 -16.98
CA GLY A 150 41.21 -14.74 -16.82
C GLY A 150 41.71 -16.13 -17.26
N ILE A 151 41.06 -16.75 -18.26
CA ILE A 151 41.46 -18.06 -18.75
C ILE A 151 41.61 -18.20 -20.28
N ASP A 152 41.72 -17.09 -21.01
CA ASP A 152 42.20 -17.16 -22.41
C ASP A 152 43.67 -17.66 -22.43
N GLU A 153 44.07 -18.32 -23.52
CA GLU A 153 45.45 -18.77 -23.76
C GLU A 153 46.49 -17.73 -23.32
N GLY A 154 46.30 -16.49 -23.77
CA GLY A 154 47.24 -15.41 -23.51
C GLY A 154 47.07 -14.51 -22.31
N LYS A 155 46.20 -14.91 -21.34
CA LYS A 155 46.04 -14.19 -20.06
C LYS A 155 46.05 -12.71 -20.26
N THR A 156 45.30 -12.24 -21.24
CA THR A 156 45.43 -10.87 -21.68
C THR A 156 44.71 -9.91 -20.78
N MET A 157 43.73 -10.41 -20.01
CA MET A 157 43.03 -9.54 -19.05
C MET A 157 43.19 -9.98 -17.60
N HIS A 158 42.08 -10.25 -16.92
CA HIS A 158 42.11 -10.69 -15.53
C HIS A 158 40.69 -11.19 -15.27
N ASN A 159 40.58 -12.02 -14.23
CA ASN A 159 39.32 -12.64 -13.81
C ASN A 159 38.40 -11.59 -13.13
N HIS A 160 37.39 -11.15 -13.89
CA HIS A 160 36.35 -10.21 -13.37
C HIS A 160 35.63 -10.69 -12.10
N GLY A 161 35.55 -12.02 -11.94
CA GLY A 161 35.03 -12.64 -10.72
C GLY A 161 35.62 -12.02 -9.49
N GLU A 162 36.89 -11.66 -9.59
CA GLU A 162 37.59 -11.12 -8.44
C GLU A 162 37.11 -9.74 -8.09
N ASP A 163 36.80 -8.96 -9.12
CA ASP A 163 36.19 -7.66 -8.94
C ASP A 163 34.78 -7.76 -8.24
N TRP A 164 34.02 -8.79 -8.62
CA TRP A 164 32.64 -8.99 -8.15
C TRP A 164 32.71 -9.33 -6.66
N GLY A 165 33.64 -10.24 -6.37
CA GLY A 165 33.96 -10.62 -5.02
C GLY A 165 34.30 -9.44 -4.15
N ALA A 166 35.20 -8.57 -4.62
CA ALA A 166 35.58 -7.37 -3.81
C ALA A 166 34.41 -6.45 -3.64
N ALA A 167 33.65 -6.30 -4.70
CA ALA A 167 32.57 -5.31 -4.66
C ALA A 167 31.46 -5.79 -3.69
N ALA A 168 31.32 -7.11 -3.58
CA ALA A 168 30.26 -7.68 -2.72
C ALA A 168 30.58 -7.31 -1.24
N VAL A 169 31.85 -7.50 -0.86
CA VAL A 169 32.33 -7.16 0.48
C VAL A 169 32.26 -5.68 0.71
N GLU A 170 32.71 -4.85 -0.24
CA GLU A 170 32.58 -3.41 -0.01
C GLU A 170 31.11 -3.00 0.13
N MET A 171 30.25 -3.40 -0.80
CA MET A 171 28.90 -2.87 -0.78
C MET A 171 28.18 -3.41 0.49
N ALA A 172 28.34 -4.67 0.84
CA ALA A 172 27.72 -5.17 2.11
C ALA A 172 28.18 -4.36 3.35
N THR A 173 29.47 -4.15 3.46
CA THR A 173 30.04 -3.42 4.63
C THR A 173 29.69 -1.93 4.71
N LYS A 174 29.74 -1.25 3.60
CA LYS A 174 29.66 0.21 3.64
C LYS A 174 28.19 0.57 3.69
N PHE A 175 27.38 -0.27 3.08
CA PHE A 175 26.00 0.09 2.88
C PHE A 175 25.09 -0.94 3.49
N GLY A 176 25.68 -1.80 4.34
CA GLY A 176 24.88 -2.88 5.00
C GLY A 176 23.86 -2.32 5.99
N ALA A 177 22.73 -3.00 6.15
CA ALA A 177 21.63 -2.51 6.98
C ALA A 177 22.04 -1.69 8.20
N ASN A 178 23.08 -2.11 8.95
CA ASN A 178 23.76 -1.26 9.98
C ASN A 178 24.80 -0.32 9.28
N ALA A 179 24.81 1.00 9.56
CA ALA A 179 25.37 2.03 8.59
C ALA A 179 25.97 1.34 7.37
N GLN B 22 22.15 -31.84 -10.14
CA GLN B 22 21.05 -32.65 -9.51
C GLN B 22 19.98 -33.20 -10.47
N ASN B 23 19.13 -34.10 -9.95
CA ASN B 23 18.06 -34.73 -10.71
C ASN B 23 16.73 -34.30 -10.11
N TYR B 24 15.98 -33.45 -10.81
CA TYR B 24 14.77 -32.87 -10.24
C TYR B 24 13.52 -33.75 -10.50
N ASP B 25 12.73 -34.06 -9.47
CA ASP B 25 11.49 -34.83 -9.70
C ASP B 25 10.25 -33.94 -9.75
N GLY B 26 9.57 -33.94 -10.90
CA GLY B 26 8.45 -33.03 -11.10
C GLY B 26 7.15 -33.68 -10.75
N SER B 27 7.18 -34.79 -10.02
CA SER B 27 5.88 -35.52 -9.81
C SER B 27 4.85 -34.73 -9.04
N LYS B 28 5.27 -33.84 -8.15
CA LYS B 28 4.31 -33.00 -7.37
C LYS B 28 3.90 -31.67 -8.03
N LEU B 29 4.43 -31.38 -9.22
CA LEU B 29 4.19 -30.08 -9.90
C LEU B 29 3.01 -30.02 -10.80
N ARG B 30 2.35 -28.87 -10.82
CA ARG B 30 1.47 -28.57 -11.95
C ARG B 30 2.09 -27.43 -12.77
N VAL B 31 2.26 -27.69 -14.08
CA VAL B 31 2.96 -26.77 -14.96
C VAL B 31 2.00 -26.27 -16.02
N GLY B 32 2.08 -24.95 -16.27
CA GLY B 32 1.27 -24.33 -17.31
C GLY B 32 2.14 -23.97 -18.50
N ILE B 33 1.63 -24.23 -19.68
CA ILE B 33 2.25 -23.83 -20.88
C ILE B 33 1.19 -23.00 -21.57
N ILE B 34 1.58 -21.78 -21.96
CA ILE B 34 0.69 -20.94 -22.71
C ILE B 34 1.47 -20.45 -23.93
N HIS B 35 0.91 -20.71 -25.11
CA HIS B 35 1.58 -20.44 -26.37
C HIS B 35 0.72 -19.59 -27.26
N ALA B 36 1.42 -18.79 -28.06
CA ALA B 36 0.87 -17.97 -29.12
C ALA B 36 0.62 -18.90 -30.37
N ARG B 37 -0.11 -18.41 -31.38
CA ARG B 37 -0.56 -19.29 -32.45
C ARG B 37 0.05 -18.94 -33.81
N TRP B 38 0.74 -17.79 -33.91
CA TRP B 38 1.59 -17.47 -35.08
C TRP B 38 2.83 -18.38 -35.14
N ASN B 39 3.21 -18.75 -36.35
CA ASN B 39 4.27 -19.75 -36.54
C ASN B 39 3.96 -21.10 -35.87
N ARG B 40 2.74 -21.56 -36.13
CA ARG B 40 2.16 -22.69 -35.45
C ARG B 40 3.04 -23.96 -35.53
N VAL B 41 3.60 -24.28 -36.69
CA VAL B 41 4.40 -25.49 -36.81
C VAL B 41 5.55 -25.44 -35.84
N ILE B 42 6.17 -24.28 -35.70
CA ILE B 42 7.36 -24.14 -34.89
C ILE B 42 6.94 -24.16 -33.41
N ILE B 43 5.84 -23.49 -33.13
CA ILE B 43 5.21 -23.49 -31.83
C ILE B 43 4.94 -24.96 -31.39
N ASP B 44 4.16 -25.70 -32.17
CA ASP B 44 3.89 -27.07 -31.86
C ASP B 44 5.16 -27.89 -31.64
N ALA B 45 6.27 -27.63 -32.32
CA ALA B 45 7.49 -28.41 -32.00
C ALA B 45 8.11 -28.04 -30.64
N LEU B 46 8.02 -26.76 -30.30
CA LEU B 46 8.59 -26.27 -29.04
C LEU B 46 7.80 -26.85 -27.85
N VAL B 47 6.49 -26.74 -27.94
CA VAL B 47 5.57 -27.20 -26.91
C VAL B 47 5.73 -28.73 -26.71
N LYS B 48 5.76 -29.51 -27.80
CA LYS B 48 6.06 -30.93 -27.74
C LYS B 48 7.35 -31.24 -26.96
N GLY B 49 8.45 -30.56 -27.28
CA GLY B 49 9.68 -30.84 -26.58
C GLY B 49 9.61 -30.43 -25.10
N ALA B 50 8.92 -29.36 -24.78
CA ALA B 50 8.76 -29.00 -23.36
C ALA B 50 7.98 -30.09 -22.60
N ILE B 51 6.86 -30.49 -23.18
CA ILE B 51 6.05 -31.65 -22.67
C ILE B 51 6.81 -32.95 -22.47
N ASP B 52 7.50 -33.44 -23.54
CA ASP B 52 8.23 -34.70 -23.47
C ASP B 52 9.20 -34.66 -22.34
N ARG B 53 9.94 -33.55 -22.24
CA ARG B 53 11.00 -33.45 -21.26
C ARG B 53 10.42 -33.38 -19.82
N MET B 54 9.30 -32.68 -19.68
CA MET B 54 8.72 -32.60 -18.34
C MET B 54 8.22 -33.97 -17.87
N LEU B 55 7.56 -34.72 -18.76
CA LEU B 55 7.08 -36.06 -18.43
C LEU B 55 8.30 -36.92 -18.07
N SER B 56 9.38 -36.76 -18.84
CA SER B 56 10.55 -37.52 -18.52
C SER B 56 11.09 -37.23 -17.14
N LEU B 57 10.74 -36.13 -16.55
CA LEU B 57 11.32 -35.82 -15.25
C LEU B 57 10.25 -36.00 -14.17
N GLY B 58 9.09 -36.58 -14.52
CA GLY B 58 8.12 -36.98 -13.50
C GLY B 58 6.84 -36.21 -13.41
N VAL B 59 6.71 -35.13 -14.19
CA VAL B 59 5.52 -34.32 -14.04
C VAL B 59 4.44 -35.22 -14.58
N LYS B 60 3.27 -35.26 -13.95
CA LYS B 60 2.17 -36.08 -14.51
C LYS B 60 1.44 -35.41 -15.66
N GLU B 61 1.01 -36.25 -16.59
CA GLU B 61 0.44 -35.81 -17.85
C GLU B 61 -0.73 -34.87 -17.59
N GLU B 62 -1.54 -35.18 -16.61
CA GLU B 62 -2.76 -34.40 -16.45
C GLU B 62 -2.38 -33.18 -15.59
N ASN B 63 -1.12 -33.10 -15.19
CA ASN B 63 -0.69 -31.87 -14.57
C ASN B 63 0.06 -30.87 -15.49
N ILE B 64 0.06 -31.10 -16.82
CA ILE B 64 0.61 -30.15 -17.76
C ILE B 64 -0.57 -29.47 -18.39
N ILE B 65 -0.81 -28.20 -18.05
CA ILE B 65 -1.99 -27.45 -18.54
C ILE B 65 -1.57 -26.50 -19.67
N VAL B 66 -2.23 -26.62 -20.81
CA VAL B 66 -1.86 -25.92 -22.01
C VAL B 66 -2.97 -24.96 -22.30
N GLU B 67 -2.58 -23.70 -22.49
CA GLU B 67 -3.48 -22.66 -22.85
C GLU B 67 -2.87 -21.91 -24.08
N THR B 68 -3.69 -21.13 -24.79
CA THR B 68 -3.15 -20.41 -25.93
C THR B 68 -3.66 -18.95 -25.99
N VAL B 69 -2.89 -18.14 -26.73
CA VAL B 69 -3.27 -16.74 -27.01
C VAL B 69 -2.90 -16.43 -28.48
N PRO B 70 -3.42 -15.32 -29.05
CA PRO B 70 -3.18 -15.18 -30.51
C PRO B 70 -1.71 -14.85 -30.83
N GLY B 71 -1.12 -13.85 -30.15
CA GLY B 71 0.19 -13.33 -30.53
C GLY B 71 1.11 -13.30 -29.32
N SER B 72 2.43 -13.18 -29.53
CA SER B 72 3.33 -13.08 -28.44
C SER B 72 3.06 -11.94 -27.46
N PHE B 73 2.62 -10.79 -27.94
CA PHE B 73 2.23 -9.70 -27.04
C PHE B 73 1.18 -10.07 -25.96
N GLU B 74 0.35 -11.04 -26.28
CA GLU B 74 -0.66 -11.48 -25.35
C GLU B 74 -0.05 -12.43 -24.34
N LEU B 75 1.20 -12.88 -24.47
CA LEU B 75 1.70 -13.85 -23.52
C LEU B 75 1.69 -13.38 -22.05
N PRO B 76 2.05 -12.11 -21.77
CA PRO B 76 2.22 -11.81 -20.32
C PRO B 76 0.92 -11.65 -19.56
N TYR B 77 -0.04 -10.92 -20.13
CA TYR B 77 -1.29 -10.76 -19.51
C TYR B 77 -2.02 -12.11 -19.52
N GLY B 78 -1.88 -12.82 -20.65
CA GLY B 78 -2.37 -14.18 -20.82
C GLY B 78 -1.82 -15.06 -19.71
N SER B 79 -0.51 -15.07 -19.49
CA SER B 79 0.07 -15.89 -18.41
C SER B 79 -0.40 -15.49 -17.00
N LYS B 80 -0.50 -14.19 -16.73
CA LYS B 80 -0.95 -13.75 -15.41
C LYS B 80 -2.38 -14.29 -15.12
N ARG B 81 -3.31 -14.09 -16.09
CA ARG B 81 -4.68 -14.48 -15.93
C ARG B 81 -4.83 -16.06 -15.91
N PHE B 82 -4.02 -16.75 -16.70
CA PHE B 82 -3.97 -18.18 -16.65
C PHE B 82 -3.62 -18.64 -15.21
N ALA B 83 -2.61 -18.03 -14.61
CA ALA B 83 -2.19 -18.42 -13.31
C ALA B 83 -3.22 -18.10 -12.26
N GLU B 84 -3.90 -16.96 -12.39
CA GLU B 84 -4.90 -16.53 -11.42
C GLU B 84 -6.13 -17.45 -11.49
N LYS B 85 -6.53 -17.76 -12.73
CA LYS B 85 -7.65 -18.66 -12.96
C LYS B 85 -7.39 -20.05 -12.39
N GLN B 86 -6.18 -20.57 -12.55
CA GLN B 86 -5.88 -21.84 -12.04
C GLN B 86 -5.92 -21.78 -10.54
N ALA B 87 -5.37 -20.72 -9.92
CA ALA B 87 -5.35 -20.68 -8.48
C ALA B 87 -6.80 -20.58 -7.94
N LYS B 88 -7.64 -19.80 -8.58
CA LYS B 88 -8.99 -19.62 -8.15
C LYS B 88 -9.78 -20.89 -8.20
N LYS B 89 -9.51 -21.73 -9.18
CA LYS B 89 -10.25 -22.99 -9.20
C LYS B 89 -9.59 -24.08 -8.30
N GLY B 90 -8.55 -23.75 -7.55
CA GLY B 90 -8.01 -24.74 -6.64
C GLY B 90 -7.00 -25.61 -7.33
N GLU B 91 -6.45 -25.16 -8.48
CA GLU B 91 -5.46 -25.95 -9.19
C GLU B 91 -4.28 -25.07 -9.58
N PRO B 92 -3.62 -24.45 -8.57
CA PRO B 92 -2.54 -23.47 -8.85
C PRO B 92 -1.43 -24.11 -9.67
N LEU B 93 -0.81 -23.31 -10.55
CA LEU B 93 0.38 -23.68 -11.25
C LEU B 93 1.59 -23.49 -10.35
N ASP B 94 2.59 -24.28 -10.57
CA ASP B 94 3.87 -24.07 -9.88
C ASP B 94 4.81 -23.23 -10.69
N VAL B 95 4.52 -23.07 -11.99
CA VAL B 95 5.45 -22.51 -12.96
C VAL B 95 4.71 -22.40 -14.26
N VAL B 96 5.10 -21.40 -15.07
CA VAL B 96 4.45 -21.21 -16.33
C VAL B 96 5.48 -21.04 -17.42
N ILE B 97 5.20 -21.58 -18.59
CA ILE B 97 6.14 -21.42 -19.72
C ILE B 97 5.39 -20.69 -20.86
N PRO B 98 5.52 -19.37 -20.96
CA PRO B 98 4.88 -18.72 -22.15
C PRO B 98 5.74 -19.04 -23.30
N ILE B 99 5.13 -19.49 -24.39
CA ILE B 99 5.95 -19.80 -25.58
C ILE B 99 5.53 -18.99 -26.78
N GLY B 100 6.47 -18.37 -27.48
CA GLY B 100 6.11 -17.62 -28.69
C GLY B 100 7.27 -17.63 -29.65
N VAL B 101 6.99 -17.41 -30.94
CA VAL B 101 8.03 -17.33 -31.96
C VAL B 101 7.91 -16.03 -32.74
N LEU B 102 8.93 -15.22 -32.64
CA LEU B 102 9.01 -13.95 -33.33
C LEU B 102 10.12 -14.00 -34.38
N ILE B 103 9.70 -13.73 -35.62
CA ILE B 103 10.64 -13.65 -36.72
C ILE B 103 10.67 -12.22 -37.29
N LYS B 104 11.84 -11.59 -37.34
CA LYS B 104 11.97 -10.26 -37.91
C LYS B 104 11.33 -10.13 -39.30
N GLY B 105 10.45 -9.14 -39.45
CA GLY B 105 9.87 -8.79 -40.74
C GLY B 105 10.54 -7.53 -41.34
N SER B 106 9.83 -6.77 -42.18
CA SER B 106 10.50 -5.61 -42.82
C SER B 106 10.30 -4.39 -41.93
N THR B 107 9.28 -4.40 -41.09
CA THR B 107 9.18 -3.29 -40.12
C THR B 107 9.92 -3.49 -38.77
N MET B 108 9.66 -2.59 -37.82
CA MET B 108 10.29 -2.65 -36.45
C MET B 108 9.38 -3.37 -35.44
N HIS B 109 8.25 -3.86 -35.99
CA HIS B 109 7.29 -4.65 -35.23
C HIS B 109 8.01 -5.72 -34.40
N PHE B 110 8.84 -6.54 -35.04
CA PHE B 110 9.68 -7.49 -34.33
C PHE B 110 10.36 -6.96 -33.07
N GLU B 111 10.98 -5.81 -33.16
CA GLU B 111 11.74 -5.25 -32.05
C GLU B 111 10.88 -4.78 -30.90
N TYR B 112 9.75 -4.14 -31.21
CA TYR B 112 8.91 -3.60 -30.17
C TYR B 112 8.11 -4.69 -29.42
N ILE B 113 7.58 -5.68 -30.14
CA ILE B 113 6.99 -6.87 -29.52
C ILE B 113 8.08 -7.63 -28.65
N SER B 114 9.24 -7.92 -29.21
CA SER B 114 10.27 -8.68 -28.46
C SER B 114 10.68 -7.97 -27.18
N ASP B 115 11.03 -6.71 -27.28
CA ASP B 115 11.43 -5.91 -26.16
C ASP B 115 10.38 -5.86 -25.00
N SER B 116 9.15 -5.45 -25.33
CA SER B 116 8.13 -5.20 -24.29
C SER B 116 7.69 -6.56 -23.71
N THR B 117 7.54 -7.58 -24.56
CA THR B 117 7.20 -8.92 -24.15
C THR B 117 8.23 -9.58 -23.22
N THR B 118 9.51 -9.57 -23.58
CA THR B 118 10.57 -10.14 -22.72
C THR B 118 10.57 -9.48 -21.35
N GLN B 119 10.51 -8.15 -21.33
CA GLN B 119 10.52 -7.45 -20.08
C GLN B 119 9.27 -7.75 -19.23
N ALA B 120 8.10 -7.88 -19.86
CA ALA B 120 6.88 -8.14 -19.09
C ALA B 120 6.89 -9.64 -18.59
N ILE B 121 7.49 -10.53 -19.37
CA ILE B 121 7.60 -11.92 -18.92
C ILE B 121 8.52 -11.95 -17.65
N MET B 122 9.62 -11.21 -17.67
CA MET B 122 10.49 -11.14 -16.54
C MET B 122 9.82 -10.56 -15.34
N ASN B 123 9.05 -9.48 -15.51
CA ASN B 123 8.39 -8.82 -14.39
C ASN B 123 7.12 -9.52 -13.86
N LEU B 124 6.66 -10.54 -14.58
CA LEU B 124 5.43 -11.21 -14.21
C LEU B 124 5.72 -12.07 -12.97
N GLN B 125 6.95 -12.51 -12.84
CA GLN B 125 7.31 -13.47 -11.78
C GLN B 125 6.95 -12.90 -10.43
N ASP B 126 7.24 -11.63 -10.20
CA ASP B 126 6.84 -11.06 -8.93
C ASP B 126 5.35 -10.84 -8.77
N LYS B 127 4.60 -10.68 -9.84
CA LYS B 127 3.14 -10.52 -9.66
C LYS B 127 2.45 -11.77 -9.25
N ILE B 128 2.84 -12.89 -9.83
CA ILE B 128 2.13 -14.13 -9.58
C ILE B 128 2.88 -15.05 -8.65
N ASN B 129 4.11 -14.71 -8.30
CA ASN B 129 4.88 -15.40 -7.29
C ASN B 129 5.18 -16.85 -7.66
N ILE B 130 5.36 -17.14 -8.94
CA ILE B 130 5.93 -18.43 -9.37
C ILE B 130 6.96 -18.16 -10.45
N PRO B 131 7.86 -19.11 -10.68
CA PRO B 131 8.77 -18.69 -11.76
C PRO B 131 8.12 -18.68 -13.12
N VAL B 132 8.66 -17.87 -14.05
CA VAL B 132 8.12 -17.92 -15.40
C VAL B 132 9.27 -18.18 -16.39
N ILE B 133 9.19 -19.25 -17.16
CA ILE B 133 10.23 -19.61 -18.06
C ILE B 133 10.11 -18.86 -19.38
N PHE B 134 11.23 -18.35 -19.88
CA PHE B 134 11.23 -17.52 -21.11
C PHE B 134 11.19 -18.37 -22.37
N GLY B 135 10.05 -18.54 -23.02
CA GLY B 135 10.01 -19.52 -24.10
C GLY B 135 9.71 -18.78 -25.38
N LEU B 136 10.27 -17.58 -25.48
CA LEU B 136 10.15 -16.75 -26.70
C LEU B 136 11.39 -17.00 -27.59
N LEU B 137 11.19 -17.35 -28.85
CA LEU B 137 12.29 -17.26 -29.83
C LEU B 137 12.21 -15.88 -30.49
N THR B 138 13.35 -15.18 -30.60
CA THR B 138 13.42 -13.88 -31.30
C THR B 138 14.46 -14.05 -32.44
N CYS B 139 14.01 -14.58 -33.57
CA CYS B 139 14.89 -14.91 -34.65
C CYS B 139 14.90 -13.89 -35.79
N LEU B 140 16.03 -13.80 -36.49
CA LEU B 140 16.13 -12.95 -37.66
C LEU B 140 15.55 -13.72 -38.84
N THR B 141 15.68 -15.05 -38.80
CA THR B 141 15.11 -15.88 -39.89
C THR B 141 14.23 -17.04 -39.47
N GLU B 142 13.40 -17.46 -40.42
CA GLU B 142 12.59 -18.65 -40.23
C GLU B 142 13.46 -19.91 -39.94
N GLU B 143 14.52 -20.08 -40.73
CA GLU B 143 15.44 -21.19 -40.60
C GLU B 143 16.05 -21.23 -39.17
N GLN B 144 16.42 -20.07 -38.63
CA GLN B 144 16.93 -20.02 -37.23
C GLN B 144 15.87 -20.55 -36.21
N ALA B 145 14.62 -20.12 -36.37
CA ALA B 145 13.48 -20.60 -35.58
C ALA B 145 13.31 -22.13 -35.72
N LEU B 146 13.38 -22.66 -36.95
CA LEU B 146 13.30 -24.09 -37.16
C LEU B 146 14.40 -24.84 -36.46
N ALA B 147 15.63 -24.33 -36.55
CA ALA B 147 16.73 -25.06 -35.91
C ALA B 147 16.53 -25.07 -34.38
N ARG B 148 15.98 -23.98 -33.85
CA ARG B 148 15.85 -23.81 -32.38
C ARG B 148 14.69 -24.65 -31.80
N ALA B 149 13.96 -25.29 -32.71
CA ALA B 149 12.84 -26.12 -32.37
C ALA B 149 13.13 -27.57 -32.79
N GLY B 150 14.32 -27.82 -33.29
CA GLY B 150 14.72 -29.16 -33.64
C GLY B 150 14.08 -29.62 -34.94
N ILE B 151 13.49 -28.70 -35.72
CA ILE B 151 12.80 -29.10 -36.94
C ILE B 151 13.34 -28.52 -38.24
N ASP B 152 14.58 -27.98 -38.24
CA ASP B 152 15.27 -27.76 -39.55
C ASP B 152 15.57 -29.10 -40.36
N GLU B 153 15.49 -29.07 -41.71
CA GLU B 153 16.04 -30.18 -42.56
C GLU B 153 17.37 -30.74 -41.98
N GLY B 154 18.38 -29.88 -41.83
CA GLY B 154 19.69 -30.30 -41.29
C GLY B 154 19.81 -30.78 -39.84
N LYS B 155 18.74 -30.66 -39.02
CA LYS B 155 18.81 -30.92 -37.57
C LYS B 155 20.08 -30.39 -36.94
N THR B 156 20.36 -29.11 -37.15
CA THR B 156 21.67 -28.56 -36.77
C THR B 156 21.81 -28.17 -35.29
N MET B 157 20.72 -28.01 -34.56
CA MET B 157 20.88 -27.74 -33.14
C MET B 157 20.07 -28.74 -32.29
N HIS B 158 19.12 -28.26 -31.48
CA HIS B 158 18.31 -29.11 -30.65
C HIS B 158 17.09 -28.29 -30.33
N ASN B 159 16.04 -28.99 -29.90
CA ASN B 159 14.78 -28.37 -29.55
C ASN B 159 14.85 -27.63 -28.22
N HIS B 160 14.86 -26.31 -28.30
CA HIS B 160 14.94 -25.47 -27.09
C HIS B 160 13.78 -25.66 -26.10
N GLY B 161 12.65 -26.13 -26.58
CA GLY B 161 11.51 -26.42 -25.72
C GLY B 161 11.86 -27.45 -24.64
N GLU B 162 12.76 -28.35 -24.94
CA GLU B 162 13.22 -29.29 -23.91
C GLU B 162 13.96 -28.56 -22.76
N ASP B 163 14.83 -27.61 -23.11
CA ASP B 163 15.46 -26.74 -22.12
C ASP B 163 14.43 -26.04 -21.25
N TRP B 164 13.35 -25.55 -21.85
CA TRP B 164 12.35 -24.83 -21.08
C TRP B 164 11.62 -25.78 -20.12
N GLY B 165 11.32 -27.00 -20.59
CA GLY B 165 10.62 -27.93 -19.72
C GLY B 165 11.48 -28.26 -18.50
N ALA B 166 12.77 -28.56 -18.73
CA ALA B 166 13.68 -28.87 -17.59
C ALA B 166 13.82 -27.71 -16.61
N ALA B 167 13.98 -26.51 -17.15
CA ALA B 167 14.13 -25.32 -16.35
C ALA B 167 12.86 -25.11 -15.57
N ALA B 168 11.68 -25.41 -16.16
CA ALA B 168 10.44 -25.22 -15.40
C ALA B 168 10.44 -26.14 -14.14
N VAL B 169 10.87 -27.38 -14.34
CA VAL B 169 10.93 -28.38 -13.24
C VAL B 169 11.95 -27.99 -12.24
N GLU B 170 13.15 -27.61 -12.68
CA GLU B 170 14.15 -27.21 -11.70
C GLU B 170 13.71 -25.95 -10.90
N MET B 171 13.28 -24.88 -11.58
CA MET B 171 12.91 -23.62 -10.86
C MET B 171 11.75 -23.82 -9.88
N ALA B 172 10.74 -24.58 -10.29
CA ALA B 172 9.60 -24.85 -9.42
C ALA B 172 10.03 -25.69 -8.20
N THR B 173 10.90 -26.64 -8.43
CA THR B 173 11.34 -27.52 -7.35
C THR B 173 12.31 -26.81 -6.42
N LYS B 174 13.36 -26.26 -6.98
CA LYS B 174 14.35 -25.60 -6.16
C LYS B 174 13.75 -24.30 -5.52
N PHE B 175 12.88 -23.59 -6.20
CA PHE B 175 12.51 -22.31 -5.58
C PHE B 175 11.05 -22.16 -5.21
N GLY B 176 10.23 -23.21 -5.28
CA GLY B 176 8.78 -23.00 -4.99
C GLY B 176 8.58 -22.58 -3.54
N ALA B 177 7.45 -21.96 -3.24
CA ALA B 177 7.04 -21.70 -1.82
C ALA B 177 7.36 -22.81 -0.77
N ASN B 178 7.14 -24.06 -1.12
CA ASN B 178 7.49 -25.16 -0.22
C ASN B 178 9.00 -25.29 0.07
N ALA B 179 9.85 -24.86 -0.88
CA ALA B 179 11.30 -25.21 -0.93
C ALA B 179 12.13 -25.12 0.38
N GLN C 22 -10.86 -22.21 -31.29
CA GLN C 22 -12.32 -22.15 -30.87
C GLN C 22 -13.15 -20.99 -31.48
N ASN C 23 -14.47 -21.12 -31.45
CA ASN C 23 -15.36 -20.03 -31.85
C ASN C 23 -15.66 -19.11 -30.66
N TYR C 24 -15.49 -17.79 -30.86
CA TYR C 24 -15.76 -16.83 -29.77
C TYR C 24 -17.07 -16.11 -29.98
N ASP C 25 -17.83 -15.98 -28.90
CA ASP C 25 -19.05 -15.20 -28.90
C ASP C 25 -18.77 -13.83 -28.20
N GLY C 26 -18.79 -12.77 -28.99
CA GLY C 26 -18.44 -11.48 -28.49
C GLY C 26 -19.65 -10.72 -28.05
N SER C 27 -20.83 -11.33 -28.12
CA SER C 27 -22.06 -10.58 -27.97
C SER C 27 -22.18 -9.91 -26.58
N LYS C 28 -21.56 -10.49 -25.56
CA LYS C 28 -21.54 -9.85 -24.22
C LYS C 28 -20.49 -8.72 -24.02
N LEU C 29 -19.62 -8.52 -24.99
CA LEU C 29 -18.45 -7.68 -24.77
C LEU C 29 -18.74 -6.24 -25.00
N ARG C 30 -18.14 -5.33 -24.24
CA ARG C 30 -18.07 -3.93 -24.68
C ARG C 30 -16.61 -3.61 -25.05
N VAL C 31 -16.35 -3.12 -26.25
CA VAL C 31 -14.90 -2.94 -26.62
C VAL C 31 -14.63 -1.48 -26.88
N GLY C 32 -13.52 -0.98 -26.38
CA GLY C 32 -13.08 0.39 -26.71
C GLY C 32 -11.97 0.37 -27.76
N ILE C 33 -12.00 1.27 -28.72
CA ILE C 33 -10.94 1.48 -29.67
C ILE C 33 -10.56 2.92 -29.47
N ILE C 34 -9.26 3.22 -29.39
CA ILE C 34 -8.82 4.58 -29.16
C ILE C 34 -7.66 4.73 -30.15
N HIS C 35 -7.75 5.70 -31.05
CA HIS C 35 -6.76 5.87 -32.12
C HIS C 35 -6.12 7.28 -32.12
N ALA C 36 -4.83 7.35 -32.53
CA ALA C 36 -4.11 8.61 -32.71
C ALA C 36 -4.69 9.27 -34.02
N ARG C 37 -4.21 10.44 -34.40
CA ARG C 37 -4.74 11.21 -35.53
C ARG C 37 -3.86 11.31 -36.77
N TRP C 38 -2.55 11.09 -36.61
CA TRP C 38 -1.61 11.06 -37.71
C TRP C 38 -1.80 9.86 -38.63
N ASN C 39 -1.54 10.06 -39.93
CA ASN C 39 -1.83 9.06 -40.98
C ASN C 39 -3.29 8.58 -40.86
N ARG C 40 -4.23 9.54 -40.79
CA ARG C 40 -5.66 9.25 -40.62
C ARG C 40 -6.23 8.20 -41.54
N VAL C 41 -5.81 8.19 -42.80
CA VAL C 41 -6.43 7.26 -43.76
C VAL C 41 -6.12 5.82 -43.43
N ILE C 42 -4.85 5.57 -43.08
CA ILE C 42 -4.44 4.26 -42.58
C ILE C 42 -5.09 3.97 -41.21
N ILE C 43 -5.14 4.91 -40.30
CA ILE C 43 -5.83 4.65 -39.02
C ILE C 43 -7.25 4.17 -39.29
N ASP C 44 -7.99 4.94 -40.09
CA ASP C 44 -9.38 4.59 -40.38
C ASP C 44 -9.54 3.20 -40.98
N ALA C 45 -8.68 2.81 -41.92
CA ALA C 45 -8.78 1.46 -42.40
C ALA C 45 -8.50 0.46 -41.24
N LEU C 46 -7.49 0.72 -40.41
CA LEU C 46 -7.21 -0.28 -39.33
C LEU C 46 -8.40 -0.46 -38.43
N VAL C 47 -9.03 0.66 -38.06
CA VAL C 47 -10.20 0.72 -37.18
C VAL C 47 -11.43 0.00 -37.77
N LYS C 48 -11.67 0.20 -39.08
CA LYS C 48 -12.81 -0.46 -39.70
C LYS C 48 -12.58 -1.97 -39.77
N GLY C 49 -11.36 -2.38 -40.04
CA GLY C 49 -11.05 -3.81 -39.99
C GLY C 49 -11.27 -4.46 -38.63
N ALA C 50 -10.90 -3.77 -37.53
CA ALA C 50 -11.16 -4.29 -36.19
C ALA C 50 -12.67 -4.32 -35.94
N ILE C 51 -13.36 -3.25 -36.25
CA ILE C 51 -14.79 -3.25 -35.98
C ILE C 51 -15.44 -4.39 -36.83
N ASP C 52 -15.09 -4.51 -38.10
CA ASP C 52 -15.81 -5.48 -38.94
C ASP C 52 -15.61 -6.85 -38.37
N ARG C 53 -14.39 -7.14 -37.92
CA ARG C 53 -14.06 -8.46 -37.37
C ARG C 53 -14.83 -8.77 -36.09
N MET C 54 -15.04 -7.77 -35.26
CA MET C 54 -15.65 -8.02 -33.98
C MET C 54 -17.15 -8.20 -34.18
N LEU C 55 -17.70 -7.41 -35.09
CA LEU C 55 -19.09 -7.56 -35.53
C LEU C 55 -19.32 -9.01 -35.96
N SER C 56 -18.44 -9.54 -36.78
CA SER C 56 -18.65 -10.90 -37.22
C SER C 56 -18.40 -11.90 -36.11
N LEU C 57 -17.72 -11.48 -35.03
CA LEU C 57 -17.59 -12.39 -33.87
C LEU C 57 -18.74 -12.20 -32.92
N GLY C 58 -19.61 -11.26 -33.24
CA GLY C 58 -20.80 -11.12 -32.45
C GLY C 58 -20.86 -9.93 -31.54
N VAL C 59 -19.80 -9.12 -31.48
CA VAL C 59 -19.88 -7.90 -30.64
C VAL C 59 -20.98 -7.02 -31.29
N LYS C 60 -21.80 -6.35 -30.51
CA LYS C 60 -22.82 -5.45 -31.06
C LYS C 60 -22.31 -4.02 -31.26
N GLU C 61 -22.81 -3.38 -32.31
CA GLU C 61 -22.34 -2.09 -32.77
C GLU C 61 -22.42 -1.10 -31.62
N GLU C 62 -23.48 -1.19 -30.83
CA GLU C 62 -23.72 -0.21 -29.84
C GLU C 62 -22.78 -0.45 -28.65
N ASN C 63 -22.03 -1.55 -28.70
CA ASN C 63 -21.06 -1.84 -27.63
C ASN C 63 -19.61 -1.65 -28.08
N ILE C 64 -19.43 -0.98 -29.22
CA ILE C 64 -18.14 -0.59 -29.63
C ILE C 64 -18.04 0.89 -29.53
N ILE C 65 -17.08 1.34 -28.75
CA ILE C 65 -16.90 2.78 -28.47
C ILE C 65 -15.54 3.22 -28.97
N VAL C 66 -15.52 4.31 -29.73
CA VAL C 66 -14.30 4.79 -30.40
C VAL C 66 -13.96 6.16 -29.85
N GLU C 67 -12.68 6.33 -29.48
CA GLU C 67 -12.20 7.58 -28.87
C GLU C 67 -10.97 7.99 -29.66
N THR C 68 -10.55 9.25 -29.61
CA THR C 68 -9.34 9.57 -30.36
C THR C 68 -8.39 10.42 -29.48
N VAL C 69 -7.08 10.31 -29.71
CA VAL C 69 -6.10 11.18 -29.01
C VAL C 69 -5.24 11.89 -30.10
N PRO C 70 -4.45 12.89 -29.74
CA PRO C 70 -3.67 13.49 -30.88
C PRO C 70 -2.57 12.62 -31.46
N GLY C 71 -1.74 11.98 -30.64
CA GLY C 71 -0.65 11.20 -31.26
C GLY C 71 -0.44 9.91 -30.53
N SER C 72 0.43 9.07 -31.05
CA SER C 72 0.60 7.76 -30.44
C SER C 72 1.04 7.83 -28.94
N PHE C 73 1.79 8.86 -28.59
CA PHE C 73 2.28 9.03 -27.25
C PHE C 73 1.11 9.14 -26.25
N GLU C 74 -0.02 9.70 -26.70
CA GLU C 74 -1.13 9.95 -25.84
C GLU C 74 -1.97 8.64 -25.68
N LEU C 75 -1.66 7.63 -26.45
CA LEU C 75 -2.50 6.42 -26.36
C LEU C 75 -2.51 5.82 -24.94
N PRO C 76 -1.34 5.80 -24.22
CA PRO C 76 -1.51 4.94 -23.05
C PRO C 76 -2.35 5.58 -21.99
N TYR C 77 -2.08 6.85 -21.73
CA TYR C 77 -2.83 7.58 -20.76
C TYR C 77 -4.28 7.85 -21.21
N GLY C 78 -4.50 7.99 -22.54
CA GLY C 78 -5.87 8.19 -23.09
C GLY C 78 -6.66 6.91 -22.81
N SER C 79 -6.02 5.76 -23.09
CA SER C 79 -6.60 4.45 -22.78
C SER C 79 -6.97 4.28 -21.32
N LYS C 80 -6.06 4.69 -20.43
CA LYS C 80 -6.30 4.55 -19.00
C LYS C 80 -7.52 5.40 -18.73
N ARG C 81 -7.50 6.69 -19.05
CA ARG C 81 -8.65 7.54 -18.69
C ARG C 81 -9.98 7.11 -19.41
N PHE C 82 -9.84 6.62 -20.63
CA PHE C 82 -10.98 6.09 -21.44
C PHE C 82 -11.63 4.98 -20.58
N ALA C 83 -10.83 4.04 -20.09
CA ALA C 83 -11.42 2.90 -19.37
C ALA C 83 -12.02 3.36 -18.04
N GLU C 84 -11.32 4.27 -17.37
CA GLU C 84 -11.88 4.76 -16.13
C GLU C 84 -13.18 5.56 -16.31
N LYS C 85 -13.27 6.40 -17.33
CA LYS C 85 -14.51 7.16 -17.56
C LYS C 85 -15.68 6.19 -17.87
N GLN C 86 -15.38 5.15 -18.63
CA GLN C 86 -16.39 4.17 -19.02
C GLN C 86 -16.91 3.46 -17.80
N ALA C 87 -16.00 2.98 -16.96
CA ALA C 87 -16.43 2.27 -15.75
C ALA C 87 -17.21 3.23 -14.89
N LYS C 88 -16.79 4.49 -14.76
CA LYS C 88 -17.48 5.37 -13.82
C LYS C 88 -18.96 5.66 -14.25
N LYS C 89 -19.27 5.59 -15.51
CA LYS C 89 -20.67 5.87 -15.81
C LYS C 89 -21.37 4.54 -16.05
N GLY C 90 -20.75 3.43 -15.61
CA GLY C 90 -21.54 2.21 -15.51
C GLY C 90 -21.46 1.42 -16.77
N GLU C 91 -20.49 1.75 -17.65
CA GLU C 91 -20.38 1.03 -18.92
C GLU C 91 -18.94 0.62 -19.20
N PRO C 92 -18.41 -0.28 -18.38
CA PRO C 92 -16.98 -0.55 -18.37
C PRO C 92 -16.56 -1.29 -19.63
N LEU C 93 -15.35 -1.04 -20.13
CA LEU C 93 -14.85 -1.78 -21.27
C LEU C 93 -14.42 -3.12 -20.80
N ASP C 94 -14.54 -4.16 -21.65
CA ASP C 94 -13.89 -5.45 -21.38
C ASP C 94 -12.49 -5.55 -22.02
N VAL C 95 -12.16 -4.67 -22.98
CA VAL C 95 -10.87 -4.74 -23.61
C VAL C 95 -10.72 -3.42 -24.34
N VAL C 96 -9.50 -2.99 -24.59
CA VAL C 96 -9.33 -1.75 -25.30
C VAL C 96 -8.28 -1.98 -26.38
N ILE C 97 -8.44 -1.31 -27.54
CA ILE C 97 -7.55 -1.50 -28.64
C ILE C 97 -7.06 -0.11 -29.00
N PRO C 98 -5.90 0.31 -28.44
CA PRO C 98 -5.20 1.54 -28.85
C PRO C 98 -4.59 1.35 -30.24
N ILE C 99 -4.84 2.30 -31.16
CA ILE C 99 -4.33 2.16 -32.54
C ILE C 99 -3.52 3.39 -32.94
N GLY C 100 -2.32 3.16 -33.49
CA GLY C 100 -1.55 4.25 -33.94
C GLY C 100 -0.67 3.86 -35.10
N VAL C 101 -0.23 4.85 -35.89
CA VAL C 101 0.54 4.50 -37.07
C VAL C 101 1.77 5.38 -37.00
N LEU C 102 2.91 4.77 -36.69
CA LEU C 102 4.17 5.50 -36.61
C LEU C 102 5.05 5.12 -37.80
N ILE C 103 5.62 6.12 -38.43
CA ILE C 103 6.49 5.91 -39.57
C ILE C 103 7.85 6.53 -39.35
N LYS C 104 8.94 5.76 -39.50
CA LYS C 104 10.27 6.36 -39.29
C LYS C 104 10.46 7.70 -40.09
N GLY C 105 10.95 8.76 -39.45
CA GLY C 105 11.31 9.94 -40.22
C GLY C 105 12.83 10.09 -40.13
N SER C 106 13.34 11.30 -40.19
CA SER C 106 14.76 11.31 -40.24
C SER C 106 15.39 11.59 -38.84
N THR C 107 14.56 11.96 -37.88
CA THR C 107 15.08 12.07 -36.52
C THR C 107 14.85 10.75 -35.73
N MET C 108 15.19 10.77 -34.43
CA MET C 108 14.96 9.56 -33.55
C MET C 108 13.57 9.60 -32.85
N HIS C 109 12.74 10.53 -33.28
CA HIS C 109 11.46 10.63 -32.74
C HIS C 109 10.75 9.29 -32.82
N PHE C 110 10.66 8.68 -33.98
CA PHE C 110 10.02 7.38 -34.16
C PHE C 110 10.41 6.36 -33.05
N GLU C 111 11.70 6.23 -32.73
CA GLU C 111 12.21 5.17 -31.91
C GLU C 111 11.79 5.40 -30.48
N TYR C 112 11.89 6.67 -30.04
CA TYR C 112 11.49 7.09 -28.70
C TYR C 112 9.99 7.03 -28.40
N ILE C 113 9.14 7.51 -29.31
CA ILE C 113 7.72 7.32 -29.17
C ILE C 113 7.41 5.83 -29.16
N SER C 114 7.92 5.07 -30.12
CA SER C 114 7.48 3.70 -30.28
C SER C 114 7.85 2.88 -29.05
N ASP C 115 9.05 3.09 -28.55
CA ASP C 115 9.51 2.26 -27.52
C ASP C 115 8.76 2.57 -26.23
N SER C 116 8.62 3.83 -25.89
CA SER C 116 8.00 4.15 -24.65
C SER C 116 6.49 3.86 -24.77
N THR C 117 5.92 3.98 -25.95
CA THR C 117 4.48 3.76 -26.07
C THR C 117 4.18 2.26 -25.95
N THR C 118 5.04 1.40 -26.52
CA THR C 118 4.76 -0.04 -26.61
C THR C 118 4.82 -0.60 -25.16
N GLN C 119 5.85 -0.14 -24.42
CA GLN C 119 6.06 -0.62 -23.09
C GLN C 119 4.91 -0.16 -22.21
N ALA C 120 4.49 1.10 -22.37
CA ALA C 120 3.37 1.60 -21.57
C ALA C 120 2.00 0.94 -21.90
N ILE C 121 1.81 0.51 -23.12
CA ILE C 121 0.55 -0.16 -23.49
C ILE C 121 0.58 -1.55 -22.83
N MET C 122 1.73 -2.21 -22.90
CA MET C 122 1.90 -3.53 -22.24
C MET C 122 1.61 -3.42 -20.71
N ASN C 123 2.19 -2.36 -20.12
CA ASN C 123 2.05 -2.19 -18.69
C ASN C 123 0.71 -1.63 -18.23
N LEU C 124 -0.09 -1.16 -19.18
CA LEU C 124 -1.34 -0.57 -18.82
C LEU C 124 -2.28 -1.66 -18.30
N GLN C 125 -2.17 -2.83 -18.89
CA GLN C 125 -3.09 -3.89 -18.60
C GLN C 125 -3.24 -4.16 -17.08
N ASP C 126 -2.16 -4.14 -16.32
CA ASP C 126 -2.36 -4.39 -14.93
C ASP C 126 -2.97 -3.20 -14.21
N LYS C 127 -2.88 -1.98 -14.75
CA LYS C 127 -3.41 -0.80 -14.05
C LYS C 127 -4.89 -0.78 -14.16
N ILE C 128 -5.43 -1.15 -15.32
CA ILE C 128 -6.91 -1.13 -15.49
C ILE C 128 -7.58 -2.52 -15.53
N ASN C 129 -6.77 -3.59 -15.42
CA ASN C 129 -7.33 -4.89 -15.19
C ASN C 129 -8.23 -5.37 -16.33
N ILE C 130 -7.90 -5.00 -17.57
CA ILE C 130 -8.45 -5.65 -18.74
C ILE C 130 -7.35 -5.81 -19.76
N PRO C 131 -7.48 -6.74 -20.68
CA PRO C 131 -6.48 -6.83 -21.75
C PRO C 131 -6.43 -5.55 -22.67
N VAL C 132 -5.24 -5.26 -23.24
CA VAL C 132 -5.04 -4.10 -24.12
C VAL C 132 -4.33 -4.71 -25.34
N ILE C 133 -4.99 -4.63 -26.51
CA ILE C 133 -4.42 -5.18 -27.73
C ILE C 133 -3.48 -4.14 -28.35
N PHE C 134 -2.33 -4.55 -28.87
CA PHE C 134 -1.27 -3.65 -29.34
C PHE C 134 -1.50 -3.38 -30.79
N GLY C 135 -2.17 -2.25 -31.08
CA GLY C 135 -2.55 -1.85 -32.41
C GLY C 135 -1.65 -0.74 -32.98
N LEU C 136 -0.37 -0.75 -32.63
CA LEU C 136 0.53 0.23 -33.26
C LEU C 136 1.25 -0.42 -34.40
N LEU C 137 1.24 0.27 -35.55
CA LEU C 137 2.18 0.01 -36.65
C LEU C 137 3.43 0.78 -36.42
N THR C 138 4.58 0.13 -36.57
CA THR C 138 5.86 0.81 -36.35
C THR C 138 6.60 0.61 -37.63
N CYS C 139 6.30 1.42 -38.64
CA CYS C 139 6.79 1.15 -40.02
C CYS C 139 7.96 1.98 -40.41
N LEU C 140 8.82 1.44 -41.26
CA LEU C 140 9.96 2.19 -41.82
C LEU C 140 9.50 3.11 -42.95
N THR C 141 8.40 2.77 -43.59
CA THR C 141 7.92 3.55 -44.75
C THR C 141 6.39 3.58 -44.73
N GLU C 142 5.80 4.62 -45.32
CA GLU C 142 4.34 4.65 -45.46
C GLU C 142 3.78 3.42 -46.20
N GLU C 143 4.55 2.96 -47.22
CA GLU C 143 4.15 1.81 -48.03
C GLU C 143 3.91 0.58 -47.15
N GLN C 144 4.82 0.29 -46.20
CA GLN C 144 4.63 -0.82 -45.23
C GLN C 144 3.31 -0.69 -44.44
N ALA C 145 3.02 0.55 -44.00
CA ALA C 145 1.82 0.84 -43.24
C ALA C 145 0.54 0.60 -44.04
N LEU C 146 0.52 1.04 -45.29
CA LEU C 146 -0.62 0.86 -46.17
C LEU C 146 -0.88 -0.62 -46.44
N ALA C 147 0.20 -1.39 -46.64
CA ALA C 147 0.12 -2.83 -46.82
C ALA C 147 -0.47 -3.54 -45.60
N ARG C 148 -0.13 -3.05 -44.42
CA ARG C 148 -0.59 -3.71 -43.17
C ARG C 148 -1.95 -3.25 -42.72
N ALA C 149 -2.52 -2.27 -43.43
CA ALA C 149 -3.92 -1.90 -43.20
C ALA C 149 -4.75 -2.38 -44.38
N GLY C 150 -4.12 -3.16 -45.25
CA GLY C 150 -4.86 -3.77 -46.38
C GLY C 150 -5.17 -2.78 -47.50
N ILE C 151 -4.61 -1.57 -47.48
CA ILE C 151 -4.99 -0.62 -48.48
C ILE C 151 -3.81 -0.17 -49.36
N ASP C 152 -2.77 -0.99 -49.51
CA ASP C 152 -1.73 -0.72 -50.55
C ASP C 152 -2.29 -0.99 -51.95
N GLU C 153 -1.61 -0.43 -52.96
CA GLU C 153 -2.05 -0.53 -54.38
C GLU C 153 -2.18 -2.01 -54.78
N GLY C 154 -1.15 -2.81 -54.47
CA GLY C 154 -1.12 -4.22 -54.86
C GLY C 154 -1.59 -5.20 -53.81
N LYS C 155 -2.40 -4.73 -52.86
CA LYS C 155 -2.97 -5.57 -51.78
C LYS C 155 -2.11 -6.77 -51.36
N THR C 156 -0.89 -6.49 -50.90
CA THR C 156 0.14 -7.53 -50.69
C THR C 156 0.08 -8.28 -49.36
N MET C 157 -0.61 -7.73 -48.37
CA MET C 157 -0.72 -8.37 -47.06
C MET C 157 -2.18 -8.43 -46.67
N HIS C 158 -2.56 -7.97 -45.48
CA HIS C 158 -3.95 -8.01 -45.07
C HIS C 158 -4.13 -6.95 -44.01
N ASN C 159 -5.37 -6.64 -43.70
CA ASN C 159 -5.62 -5.62 -42.75
C ASN C 159 -5.40 -6.13 -41.31
N HIS C 160 -4.34 -5.64 -40.66
CA HIS C 160 -3.97 -6.17 -39.34
C HIS C 160 -4.98 -5.76 -38.29
N GLY C 161 -5.70 -4.68 -38.57
CA GLY C 161 -6.82 -4.29 -37.71
C GLY C 161 -7.78 -5.45 -37.42
N GLU C 162 -7.89 -6.35 -38.39
CA GLU C 162 -8.68 -7.54 -38.20
C GLU C 162 -8.10 -8.50 -37.17
N ASP C 163 -6.82 -8.79 -37.23
CA ASP C 163 -6.21 -9.56 -36.17
C ASP C 163 -6.48 -8.87 -34.80
N TRP C 164 -6.46 -7.55 -34.75
CA TRP C 164 -6.62 -6.91 -33.45
C TRP C 164 -7.99 -7.14 -32.91
N GLY C 165 -9.00 -7.05 -33.79
CA GLY C 165 -10.36 -7.26 -33.38
C GLY C 165 -10.53 -8.68 -32.88
N ALA C 166 -9.98 -9.61 -33.59
CA ALA C 166 -10.13 -11.03 -33.23
C ALA C 166 -9.44 -11.23 -31.90
N ALA C 167 -8.32 -10.52 -31.70
CA ALA C 167 -7.57 -10.67 -30.45
C ALA C 167 -8.31 -10.11 -29.27
N ALA C 168 -8.96 -8.98 -29.46
CA ALA C 168 -9.71 -8.33 -28.39
C ALA C 168 -10.79 -9.24 -27.85
N VAL C 169 -11.57 -9.86 -28.77
CA VAL C 169 -12.68 -10.80 -28.44
C VAL C 169 -12.23 -12.08 -27.68
N GLU C 170 -11.18 -12.69 -28.17
CA GLU C 170 -10.58 -13.84 -27.56
C GLU C 170 -10.00 -13.51 -26.18
N MET C 171 -9.16 -12.49 -26.09
CA MET C 171 -8.55 -12.15 -24.75
C MET C 171 -9.60 -11.79 -23.76
N ALA C 172 -10.61 -11.04 -24.20
CA ALA C 172 -11.73 -10.62 -23.30
C ALA C 172 -12.54 -11.82 -22.83
N THR C 173 -12.73 -12.80 -23.70
CA THR C 173 -13.65 -13.92 -23.39
C THR C 173 -12.88 -14.91 -22.49
N LYS C 174 -11.71 -15.25 -22.93
CA LYS C 174 -10.92 -16.26 -22.32
C LYS C 174 -10.31 -15.79 -20.99
N PHE C 175 -9.94 -14.52 -20.88
CA PHE C 175 -9.25 -14.06 -19.70
C PHE C 175 -9.98 -13.00 -18.99
N GLY C 176 -11.27 -12.81 -19.27
CA GLY C 176 -12.01 -11.75 -18.59
C GLY C 176 -12.21 -12.02 -17.10
N ALA C 177 -12.34 -10.94 -16.33
CA ALA C 177 -12.71 -11.03 -14.91
C ALA C 177 -13.74 -12.11 -14.65
N ASN C 178 -14.76 -12.19 -15.49
CA ASN C 178 -15.89 -13.05 -15.21
C ASN C 178 -15.63 -14.54 -15.31
N ALA C 179 -14.96 -15.00 -16.35
CA ALA C 179 -14.73 -16.44 -16.48
C ALA C 179 -13.24 -16.78 -16.61
N VAL D 14 -24.40 3.41 -35.54
CA VAL D 14 -22.98 3.09 -35.76
C VAL D 14 -22.28 3.13 -34.40
N LYS D 15 -20.95 3.28 -34.37
CA LYS D 15 -20.15 3.22 -33.13
C LYS D 15 -20.03 4.49 -32.26
N GLY D 16 -18.83 4.81 -31.76
CA GLY D 16 -18.51 6.11 -31.18
C GLY D 16 -17.97 7.19 -32.15
N LEU D 17 -17.71 6.90 -33.47
CA LEU D 17 -16.61 7.42 -34.38
C LEU D 17 -16.89 8.32 -35.63
N GLY D 18 -15.95 8.31 -36.60
CA GLY D 18 -15.97 9.26 -37.75
C GLY D 18 -15.10 10.48 -37.45
N GLN D 19 -15.04 11.48 -38.33
CA GLN D 19 -14.06 12.58 -38.13
C GLN D 19 -14.65 14.00 -38.16
N LEU D 20 -14.51 14.76 -37.07
CA LEU D 20 -15.14 16.09 -36.97
C LEU D 20 -14.15 17.24 -36.94
N ASP D 21 -12.90 16.94 -36.64
CA ASP D 21 -11.88 17.96 -36.41
C ASP D 21 -12.34 19.16 -35.59
N GLN D 22 -12.94 18.94 -34.42
CA GLN D 22 -13.45 20.08 -33.61
C GLN D 22 -12.34 20.79 -32.81
N ASN D 23 -12.52 22.08 -32.53
CA ASN D 23 -11.63 22.75 -31.57
C ASN D 23 -11.98 22.33 -30.11
N TYR D 24 -10.97 22.40 -29.25
CA TYR D 24 -11.17 22.18 -27.81
C TYR D 24 -11.08 23.51 -27.08
N ASP D 25 -12.00 23.83 -26.19
CA ASP D 25 -11.98 25.11 -25.45
C ASP D 25 -10.96 25.07 -24.27
N GLY D 26 -9.89 25.85 -24.29
CA GLY D 26 -8.90 25.83 -23.17
C GLY D 26 -9.09 26.78 -21.98
N SER D 27 -10.28 27.38 -21.89
CA SER D 27 -10.44 28.55 -21.08
C SER D 27 -10.53 28.31 -19.56
N LYS D 28 -10.96 27.13 -19.15
CA LYS D 28 -10.93 26.79 -17.71
C LYS D 28 -9.59 26.17 -17.26
N LEU D 29 -8.63 26.04 -18.18
CA LEU D 29 -7.43 25.23 -17.91
C LEU D 29 -6.27 26.05 -17.32
N ARG D 30 -5.48 25.41 -16.44
CA ARG D 30 -4.17 25.96 -16.07
C ARG D 30 -3.16 24.99 -16.67
N VAL D 31 -2.13 25.49 -17.36
CA VAL D 31 -1.25 24.61 -18.09
C VAL D 31 0.15 24.92 -17.62
N GLY D 32 0.97 23.87 -17.38
CA GLY D 32 2.37 24.16 -17.03
C GLY D 32 3.27 23.83 -18.17
N ILE D 33 4.24 24.71 -18.44
CA ILE D 33 5.24 24.43 -19.43
C ILE D 33 6.52 24.45 -18.62
N ILE D 34 7.35 23.44 -18.78
CA ILE D 34 8.62 23.44 -18.04
C ILE D 34 9.69 23.08 -19.01
N HIS D 35 10.75 23.87 -19.10
CA HIS D 35 11.71 23.64 -20.20
C HIS D 35 13.15 23.60 -19.77
N ALA D 36 13.94 22.76 -20.44
CA ALA D 36 15.39 22.72 -20.28
C ALA D 36 16.04 24.01 -20.85
N ARG D 37 17.32 24.26 -20.56
CA ARG D 37 17.89 25.54 -21.04
C ARG D 37 18.99 25.41 -22.08
N TRP D 38 19.43 24.18 -22.37
CA TRP D 38 20.32 23.94 -23.48
C TRP D 38 19.57 24.13 -24.80
N ASN D 39 20.32 24.58 -25.82
CA ASN D 39 19.74 24.96 -27.15
C ASN D 39 18.62 25.94 -26.99
N ARG D 40 18.95 27.02 -26.29
CA ARG D 40 17.95 27.96 -25.81
C ARG D 40 17.08 28.58 -26.88
N VAL D 41 17.66 28.81 -28.05
CA VAL D 41 16.99 29.48 -29.16
C VAL D 41 15.85 28.59 -29.73
N ILE D 42 16.16 27.33 -29.96
CA ILE D 42 15.14 26.33 -30.27
C ILE D 42 14.05 26.21 -29.19
N ILE D 43 14.52 26.16 -27.95
CA ILE D 43 13.63 26.01 -26.81
C ILE D 43 12.68 27.17 -26.84
N ASP D 44 13.20 28.41 -26.89
CA ASP D 44 12.32 29.62 -26.90
C ASP D 44 11.27 29.62 -27.99
N ALA D 45 11.66 29.15 -29.15
CA ALA D 45 10.67 29.05 -30.28
C ALA D 45 9.62 27.92 -30.00
N LEU D 46 10.05 26.82 -29.45
CA LEU D 46 9.04 25.78 -29.11
C LEU D 46 8.08 26.29 -28.05
N VAL D 47 8.61 26.86 -26.99
CA VAL D 47 7.69 27.45 -25.96
C VAL D 47 6.68 28.47 -26.48
N LYS D 48 7.20 29.49 -27.19
CA LYS D 48 6.34 30.51 -27.79
C LYS D 48 5.23 29.90 -28.65
N GLY D 49 5.56 28.91 -29.43
CA GLY D 49 4.51 28.26 -30.21
C GLY D 49 3.44 27.53 -29.39
N ALA D 50 3.90 26.88 -28.32
CA ALA D 50 2.95 26.15 -27.49
C ALA D 50 2.11 27.24 -26.83
N ILE D 51 2.72 28.32 -26.31
CA ILE D 51 1.88 29.38 -25.67
C ILE D 51 0.88 30.00 -26.65
N ASP D 52 1.35 30.30 -27.87
CA ASP D 52 0.49 30.97 -28.88
C ASP D 52 -0.71 30.10 -29.22
N ARG D 53 -0.47 28.80 -29.42
CA ARG D 53 -1.57 27.98 -29.86
C ARG D 53 -2.56 27.89 -28.69
N MET D 54 -2.05 27.70 -27.48
CA MET D 54 -3.00 27.60 -26.34
C MET D 54 -3.78 28.91 -26.15
N LEU D 55 -3.12 30.06 -26.34
CA LEU D 55 -3.86 31.33 -26.20
C LEU D 55 -4.94 31.28 -27.29
N SER D 56 -4.60 30.86 -28.48
CA SER D 56 -5.65 30.80 -29.51
C SER D 56 -6.82 29.85 -29.15
N LEU D 57 -6.55 28.79 -28.38
CA LEU D 57 -7.62 27.92 -27.93
C LEU D 57 -8.33 28.40 -26.67
N GLY D 58 -8.04 29.60 -26.23
CA GLY D 58 -8.83 30.11 -25.08
C GLY D 58 -8.15 29.99 -23.70
N VAL D 59 -6.98 29.32 -23.59
CA VAL D 59 -6.26 29.35 -22.32
C VAL D 59 -5.85 30.76 -22.01
N LYS D 60 -6.10 31.20 -20.78
CA LYS D 60 -5.81 32.59 -20.45
C LYS D 60 -4.37 32.71 -20.09
N GLU D 61 -3.80 33.86 -20.42
CA GLU D 61 -2.39 34.14 -20.22
C GLU D 61 -1.97 33.93 -18.75
N GLU D 62 -2.79 34.32 -17.78
CA GLU D 62 -2.32 34.21 -16.42
C GLU D 62 -2.39 32.73 -15.98
N ASN D 63 -2.86 31.83 -16.85
CA ASN D 63 -3.06 30.40 -16.48
C ASN D 63 -2.07 29.56 -17.23
N ILE D 64 -1.10 30.22 -17.84
CA ILE D 64 0.01 29.50 -18.40
C ILE D 64 1.22 29.79 -17.49
N ILE D 65 1.70 28.72 -16.84
CA ILE D 65 2.80 28.81 -15.91
C ILE D 65 4.06 28.22 -16.52
N VAL D 66 5.17 28.97 -16.49
CA VAL D 66 6.41 28.51 -17.11
C VAL D 66 7.49 28.35 -16.07
N GLU D 67 8.22 27.24 -16.14
CA GLU D 67 9.27 26.93 -15.19
C GLU D 67 10.43 26.39 -16.03
N THR D 68 11.65 26.35 -15.50
CA THR D 68 12.78 25.81 -16.34
C THR D 68 13.66 24.90 -15.48
N VAL D 69 14.44 24.06 -16.12
CA VAL D 69 15.43 23.22 -15.48
C VAL D 69 16.67 23.24 -16.38
N PRO D 70 17.86 22.87 -15.87
CA PRO D 70 19.01 23.07 -16.67
C PRO D 70 19.03 22.16 -17.92
N GLY D 71 18.79 20.86 -17.76
CA GLY D 71 18.89 20.02 -18.92
C GLY D 71 17.71 19.06 -18.94
N SER D 72 17.57 18.32 -20.03
CA SER D 72 16.45 17.46 -20.26
C SER D 72 16.28 16.35 -19.18
N PHE D 73 17.40 15.87 -18.60
CA PHE D 73 17.33 14.76 -17.62
C PHE D 73 16.55 15.24 -16.38
N GLU D 74 16.56 16.54 -16.15
CA GLU D 74 15.88 17.16 -15.03
C GLU D 74 14.37 17.39 -15.29
N LEU D 75 13.88 17.11 -16.49
CA LEU D 75 12.51 17.45 -16.83
C LEU D 75 11.49 16.61 -16.02
N PRO D 76 11.74 15.31 -15.91
CA PRO D 76 10.79 14.40 -15.22
C PRO D 76 10.61 14.78 -13.72
N TYR D 77 11.68 14.93 -12.97
CA TYR D 77 11.52 15.18 -11.54
C TYR D 77 11.07 16.63 -11.38
N GLY D 78 11.66 17.47 -12.21
CA GLY D 78 11.21 18.88 -12.17
C GLY D 78 9.71 19.01 -12.44
N SER D 79 9.22 18.26 -13.42
CA SER D 79 7.77 18.32 -13.72
C SER D 79 6.95 17.80 -12.58
N LYS D 80 7.45 16.75 -11.94
CA LYS D 80 6.72 16.23 -10.77
C LYS D 80 6.63 17.29 -9.63
N ARG D 81 7.76 17.92 -9.31
CA ARG D 81 7.78 18.85 -8.21
C ARG D 81 7.05 20.16 -8.60
N PHE D 82 7.12 20.55 -9.87
CA PHE D 82 6.32 21.67 -10.38
C PHE D 82 4.80 21.42 -10.12
N ALA D 83 4.29 20.29 -10.60
CA ALA D 83 2.83 19.97 -10.40
C ALA D 83 2.47 19.88 -8.89
N GLU D 84 3.34 19.30 -8.09
CA GLU D 84 3.10 19.23 -6.63
C GLU D 84 3.06 20.61 -5.98
N LYS D 85 4.01 21.46 -6.35
CA LYS D 85 4.03 22.84 -5.82
C LYS D 85 2.80 23.62 -6.24
N GLN D 86 2.41 23.48 -7.50
CA GLN D 86 1.23 24.21 -7.99
C GLN D 86 0.00 23.79 -7.20
N ALA D 87 -0.14 22.49 -6.91
CA ALA D 87 -1.33 21.99 -6.21
C ALA D 87 -1.30 22.45 -4.76
N LYS D 88 -0.10 22.48 -4.16
CA LYS D 88 0.01 22.83 -2.77
C LYS D 88 -0.34 24.31 -2.52
N LYS D 89 -0.21 25.14 -3.53
CA LYS D 89 -0.56 26.54 -3.28
C LYS D 89 -1.95 26.81 -3.83
N GLY D 90 -2.69 25.76 -4.15
CA GLY D 90 -4.06 25.96 -4.55
C GLY D 90 -4.19 26.34 -6.01
N GLU D 91 -3.17 25.98 -6.82
CA GLU D 91 -3.17 26.44 -8.21
C GLU D 91 -2.80 25.25 -9.09
N PRO D 92 -3.58 24.15 -8.96
CA PRO D 92 -3.15 22.94 -9.61
C PRO D 92 -3.04 23.13 -11.14
N LEU D 93 -2.10 22.39 -11.73
CA LEU D 93 -2.01 22.24 -13.20
C LEU D 93 -3.04 21.23 -13.71
N ASP D 94 -3.52 21.39 -14.94
CA ASP D 94 -4.41 20.40 -15.53
C ASP D 94 -3.60 19.55 -16.45
N VAL D 95 -2.41 20.02 -16.84
CA VAL D 95 -1.61 19.28 -17.84
C VAL D 95 -0.23 19.96 -17.83
N VAL D 96 0.82 19.20 -18.11
CA VAL D 96 2.12 19.82 -18.13
C VAL D 96 2.82 19.54 -19.46
N ILE D 97 3.57 20.52 -19.96
CA ILE D 97 4.34 20.29 -21.14
C ILE D 97 5.85 20.44 -20.86
N PRO D 98 6.56 19.33 -20.69
CA PRO D 98 8.01 19.42 -20.54
C PRO D 98 8.70 19.50 -21.92
N ILE D 99 9.59 20.51 -22.07
CA ILE D 99 10.20 20.77 -23.33
C ILE D 99 11.70 20.73 -23.19
N GLY D 100 12.32 19.95 -24.05
CA GLY D 100 13.74 19.92 -24.16
C GLY D 100 14.18 19.58 -25.56
N VAL D 101 15.41 19.97 -25.90
CA VAL D 101 15.94 19.73 -27.23
C VAL D 101 17.22 18.95 -27.08
N LEU D 102 17.26 17.73 -27.61
CA LEU D 102 18.40 16.90 -27.53
C LEU D 102 18.91 16.65 -28.96
N ILE D 103 20.21 16.78 -29.17
CA ILE D 103 20.82 16.61 -30.50
C ILE D 103 22.01 15.70 -30.33
N LYS D 104 22.00 14.63 -31.09
CA LYS D 104 23.06 13.63 -31.09
C LYS D 104 24.46 14.29 -31.10
N GLY D 105 25.34 13.92 -30.17
CA GLY D 105 26.69 14.45 -30.19
C GLY D 105 27.55 13.29 -30.63
N SER D 106 28.79 13.23 -30.17
CA SER D 106 29.60 12.08 -30.63
C SER D 106 29.67 10.88 -29.62
N THR D 107 29.24 11.10 -28.35
CA THR D 107 29.13 9.98 -27.38
C THR D 107 27.70 9.40 -27.39
N MET D 108 27.40 8.47 -26.46
CA MET D 108 26.09 7.87 -26.42
C MET D 108 25.24 8.58 -25.38
N HIS D 109 25.71 9.71 -24.86
CA HIS D 109 24.93 10.52 -23.96
C HIS D 109 23.51 10.82 -24.49
N PHE D 110 23.42 11.22 -25.77
CA PHE D 110 22.15 11.51 -26.45
C PHE D 110 21.18 10.39 -26.23
N GLU D 111 21.63 9.16 -26.42
CA GLU D 111 20.73 8.02 -26.41
C GLU D 111 20.27 7.63 -25.00
N TYR D 112 21.18 7.69 -24.03
CA TYR D 112 20.84 7.35 -22.65
C TYR D 112 19.90 8.40 -22.06
N ILE D 113 20.19 9.69 -22.28
CA ILE D 113 19.34 10.76 -21.79
C ILE D 113 17.93 10.64 -22.44
N SER D 114 17.86 10.57 -23.76
CA SER D 114 16.60 10.43 -24.51
C SER D 114 15.76 9.28 -23.98
N ASP D 115 16.35 8.14 -23.89
CA ASP D 115 15.57 6.98 -23.64
C ASP D 115 15.02 7.03 -22.22
N SER D 116 15.89 7.39 -21.25
CA SER D 116 15.43 7.34 -19.86
C SER D 116 14.54 8.55 -19.55
N THR D 117 14.74 9.65 -20.27
CA THR D 117 13.82 10.81 -20.15
C THR D 117 12.46 10.50 -20.76
N THR D 118 12.42 10.00 -22.00
CA THR D 118 11.15 9.63 -22.57
C THR D 118 10.29 8.72 -21.67
N GLN D 119 10.88 7.61 -21.24
CA GLN D 119 10.24 6.66 -20.41
C GLN D 119 9.82 7.33 -19.10
N ALA D 120 10.63 8.18 -18.49
CA ALA D 120 10.10 8.81 -17.29
C ALA D 120 9.01 9.89 -17.51
N ILE D 121 8.98 10.58 -18.67
CA ILE D 121 7.83 11.45 -18.95
C ILE D 121 6.56 10.62 -19.08
N MET D 122 6.62 9.51 -19.83
CA MET D 122 5.49 8.59 -19.93
C MET D 122 4.97 8.14 -18.52
N ASN D 123 5.89 7.65 -17.67
CA ASN D 123 5.51 7.15 -16.36
C ASN D 123 5.09 8.21 -15.41
N LEU D 124 5.44 9.45 -15.70
CA LEU D 124 5.14 10.48 -14.75
C LEU D 124 3.59 10.67 -14.60
N GLN D 125 2.87 10.43 -15.68
CA GLN D 125 1.42 10.74 -15.72
C GLN D 125 0.66 10.05 -14.62
N ASP D 126 0.92 8.78 -14.37
CA ASP D 126 0.21 8.14 -13.27
C ASP D 126 0.62 8.66 -11.88
N LYS D 127 1.80 9.23 -11.69
CA LYS D 127 2.12 9.77 -10.38
C LYS D 127 1.45 11.04 -10.08
N ILE D 128 1.33 11.94 -11.06
CA ILE D 128 0.77 13.21 -10.71
C ILE D 128 -0.67 13.24 -11.15
N ASN D 129 -1.12 12.22 -11.92
CA ASN D 129 -2.52 12.09 -12.30
C ASN D 129 -3.02 13.28 -13.20
N ILE D 130 -2.16 13.79 -14.09
CA ILE D 130 -2.56 14.67 -15.19
C ILE D 130 -1.80 14.24 -16.44
N PRO D 131 -2.34 14.57 -17.63
CA PRO D 131 -1.60 14.17 -18.81
C PRO D 131 -0.27 14.93 -18.90
N VAL D 132 0.72 14.33 -19.52
CA VAL D 132 1.98 15.02 -19.72
C VAL D 132 2.30 14.87 -21.21
N ILE D 133 2.43 16.01 -21.90
CA ILE D 133 2.70 16.07 -23.32
C ILE D 133 4.19 15.94 -23.52
N PHE D 134 4.54 15.09 -24.48
CA PHE D 134 5.95 14.78 -24.77
C PHE D 134 6.59 15.89 -25.68
N GLY D 135 7.22 16.88 -25.04
CA GLY D 135 7.72 18.07 -25.72
C GLY D 135 9.24 18.00 -25.92
N LEU D 136 9.75 16.80 -26.14
CA LEU D 136 11.17 16.59 -26.32
C LEU D 136 11.52 16.44 -27.79
N LEU D 137 12.48 17.20 -28.29
CA LEU D 137 13.04 16.88 -29.60
C LEU D 137 14.23 15.94 -29.44
N THR D 138 14.27 14.86 -30.23
CA THR D 138 15.39 13.98 -30.24
C THR D 138 15.96 13.91 -31.69
N CYS D 139 16.74 14.93 -32.07
CA CYS D 139 17.20 15.13 -33.43
C CYS D 139 18.61 14.62 -33.63
N LEU D 140 18.91 14.15 -34.82
CA LEU D 140 20.33 13.84 -35.20
C LEU D 140 21.16 15.11 -35.53
N THR D 141 20.53 16.22 -35.87
CA THR D 141 21.27 17.41 -36.32
C THR D 141 20.55 18.60 -35.78
N GLU D 142 21.28 19.72 -35.69
CA GLU D 142 20.72 21.01 -35.33
C GLU D 142 19.64 21.49 -36.29
N GLU D 143 19.94 21.31 -37.58
CA GLU D 143 19.04 21.73 -38.65
C GLU D 143 17.65 21.09 -38.43
N GLN D 144 17.65 19.77 -38.15
CA GLN D 144 16.41 19.02 -37.82
C GLN D 144 15.66 19.67 -36.71
N ALA D 145 16.36 20.05 -35.66
CA ALA D 145 15.76 20.72 -34.51
C ALA D 145 15.27 22.11 -34.82
N LEU D 146 16.09 22.89 -35.55
CA LEU D 146 15.62 24.24 -36.00
C LEU D 146 14.30 24.09 -36.84
N ALA D 147 14.28 23.15 -37.77
CA ALA D 147 13.07 22.97 -38.61
C ALA D 147 11.84 22.63 -37.79
N ARG D 148 11.99 21.79 -36.75
CA ARG D 148 10.80 21.27 -36.02
C ARG D 148 10.35 22.28 -35.00
N ALA D 149 11.16 23.33 -34.83
CA ALA D 149 10.71 24.52 -34.10
C ALA D 149 10.32 25.64 -35.07
N GLY D 150 10.23 25.36 -36.38
CA GLY D 150 9.78 26.35 -37.38
C GLY D 150 10.73 27.55 -37.55
N ILE D 151 12.02 27.31 -37.32
CA ILE D 151 12.99 28.36 -37.49
C ILE D 151 14.23 28.00 -38.26
N ASP D 152 14.24 26.95 -39.08
CA ASP D 152 15.32 26.75 -40.08
C ASP D 152 15.31 27.87 -41.15
N GLU D 153 16.42 28.05 -41.89
CA GLU D 153 16.46 29.08 -42.99
C GLU D 153 15.25 28.93 -43.86
N GLY D 154 15.01 27.70 -44.30
CA GLY D 154 14.06 27.38 -45.34
C GLY D 154 12.62 27.28 -44.88
N LYS D 155 12.37 27.38 -43.56
CA LYS D 155 11.00 27.18 -42.99
C LYS D 155 10.30 25.96 -43.57
N THR D 156 11.01 24.85 -43.52
CA THR D 156 10.60 23.69 -44.28
C THR D 156 9.47 22.94 -43.62
N MET D 157 9.17 23.28 -42.35
CA MET D 157 8.16 22.48 -41.62
C MET D 157 7.21 23.38 -40.89
N HIS D 158 7.09 23.21 -39.60
CA HIS D 158 6.22 24.04 -38.79
C HIS D 158 6.58 23.80 -37.33
N ASN D 159 6.17 24.71 -36.46
CA ASN D 159 6.65 24.69 -35.13
C ASN D 159 5.96 23.54 -34.32
N HIS D 160 6.60 22.40 -34.13
CA HIS D 160 5.98 21.35 -33.25
C HIS D 160 5.47 21.84 -31.89
N GLY D 161 6.05 22.91 -31.37
CA GLY D 161 5.51 23.58 -30.21
C GLY D 161 4.02 23.82 -30.26
N GLU D 162 3.50 24.18 -31.43
CA GLU D 162 2.05 24.47 -31.48
C GLU D 162 1.26 23.20 -31.29
N ASP D 163 1.70 22.09 -31.88
CA ASP D 163 1.06 20.80 -31.67
C ASP D 163 0.98 20.40 -30.20
N TRP D 164 2.01 20.77 -29.42
CA TRP D 164 2.10 20.34 -28.02
C TRP D 164 1.05 21.09 -27.25
N GLY D 165 0.94 22.39 -27.53
CA GLY D 165 -0.11 23.27 -26.94
C GLY D 165 -1.50 22.72 -27.30
N ALA D 166 -1.75 22.41 -28.57
CA ALA D 166 -3.07 21.87 -28.90
C ALA D 166 -3.29 20.53 -28.14
N ALA D 167 -2.28 19.68 -28.15
CA ALA D 167 -2.41 18.35 -27.55
C ALA D 167 -2.69 18.46 -26.05
N ALA D 168 -2.06 19.43 -25.42
CA ALA D 168 -2.33 19.68 -24.03
C ALA D 168 -3.78 20.07 -23.75
N VAL D 169 -4.29 21.03 -24.53
CA VAL D 169 -5.66 21.49 -24.30
C VAL D 169 -6.60 20.31 -24.53
N GLU D 170 -6.37 19.53 -25.57
CA GLU D 170 -7.29 18.43 -25.83
C GLU D 170 -7.23 17.35 -24.69
N MET D 171 -6.00 16.89 -24.35
CA MET D 171 -5.86 15.88 -23.27
C MET D 171 -6.48 16.35 -21.97
N ALA D 172 -6.23 17.60 -21.56
CA ALA D 172 -6.83 18.08 -20.28
C ALA D 172 -8.38 18.11 -20.36
N THR D 173 -8.88 18.54 -21.53
CA THR D 173 -10.33 18.74 -21.69
C THR D 173 -11.04 17.39 -21.78
N LYS D 174 -10.53 16.54 -22.63
CA LYS D 174 -11.18 15.28 -22.93
C LYS D 174 -11.01 14.25 -21.77
N PHE D 175 -9.89 14.30 -21.04
CA PHE D 175 -9.56 13.26 -20.11
C PHE D 175 -9.33 13.79 -18.70
N GLY D 176 -9.77 15.02 -18.41
CA GLY D 176 -9.58 15.62 -17.10
C GLY D 176 -10.53 15.08 -16.03
N ALA D 177 -10.02 14.98 -14.81
CA ALA D 177 -10.86 14.57 -13.67
C ALA D 177 -12.34 15.09 -13.65
N ASN D 178 -12.59 16.32 -14.10
CA ASN D 178 -13.97 16.80 -14.12
C ASN D 178 -14.77 16.41 -15.37
N GLN E 22 19.04 32.81 -13.38
CA GLN E 22 19.09 33.40 -12.01
C GLN E 22 20.29 32.88 -11.19
N ASN E 23 20.59 33.59 -10.08
CA ASN E 23 21.57 33.15 -9.08
C ASN E 23 20.90 32.18 -8.10
N TYR E 24 21.49 31.01 -7.85
CA TYR E 24 20.92 30.14 -6.85
C TYR E 24 21.86 30.17 -5.69
N ASP E 25 21.37 30.64 -4.53
CA ASP E 25 22.12 30.53 -3.27
C ASP E 25 22.12 29.07 -2.76
N GLY E 26 23.29 28.57 -2.39
CA GLY E 26 23.50 27.15 -2.09
C GLY E 26 24.01 26.99 -0.64
N SER E 27 24.04 28.11 0.09
CA SER E 27 24.56 28.16 1.45
C SER E 27 23.84 27.28 2.46
N LYS E 28 22.54 27.11 2.31
CA LYS E 28 21.77 26.19 3.17
C LYS E 28 21.72 24.71 2.74
N LEU E 29 22.44 24.33 1.67
CA LEU E 29 22.35 22.97 1.10
C LEU E 29 23.37 22.00 1.65
N ARG E 30 22.93 20.74 1.81
CA ARG E 30 23.91 19.68 1.97
C ARG E 30 23.88 18.80 0.69
N VAL E 31 25.04 18.54 0.05
CA VAL E 31 25.00 17.90 -1.24
C VAL E 31 25.89 16.69 -1.12
N GLY E 32 25.43 15.51 -1.57
CA GLY E 32 26.26 14.32 -1.64
C GLY E 32 26.78 14.09 -3.06
N ILE E 33 28.05 13.68 -3.18
CA ILE E 33 28.64 13.28 -4.44
C ILE E 33 29.06 11.85 -4.20
N ILE E 34 28.70 10.96 -5.09
CA ILE E 34 29.13 9.66 -4.83
C ILE E 34 29.67 9.16 -6.12
N HIS E 35 30.83 8.55 -6.10
CA HIS E 35 31.40 8.24 -7.38
C HIS E 35 32.04 6.88 -7.46
N ALA E 36 32.06 6.33 -8.68
CA ALA E 36 32.68 5.06 -8.94
C ALA E 36 34.19 5.35 -9.00
N ARG E 37 35.01 4.29 -9.09
CA ARG E 37 36.46 4.46 -9.01
C ARG E 37 37.18 3.96 -10.26
N TRP E 38 36.52 3.31 -11.21
CA TRP E 38 37.18 3.11 -12.52
C TRP E 38 37.42 4.47 -13.29
N ASN E 39 38.52 4.56 -14.04
CA ASN E 39 38.91 5.85 -14.73
C ASN E 39 39.12 7.00 -13.77
N ARG E 40 39.97 6.78 -12.83
CA ARG E 40 40.08 7.66 -11.71
C ARG E 40 40.49 9.08 -12.04
N VAL E 41 41.40 9.25 -12.97
CA VAL E 41 41.85 10.61 -13.28
C VAL E 41 40.65 11.42 -13.82
N ILE E 42 39.84 10.84 -14.70
CA ILE E 42 38.67 11.56 -15.24
C ILE E 42 37.69 11.82 -14.09
N ILE E 43 37.41 10.77 -13.29
CA ILE E 43 36.58 10.92 -12.07
C ILE E 43 36.99 12.06 -11.19
N ASP E 44 38.25 12.10 -10.76
CA ASP E 44 38.72 13.20 -9.92
C ASP E 44 38.52 14.56 -10.54
N ALA E 45 38.76 14.67 -11.84
CA ALA E 45 38.49 15.98 -12.49
C ALA E 45 36.98 16.32 -12.49
N LEU E 46 36.11 15.36 -12.76
CA LEU E 46 34.67 15.69 -12.73
C LEU E 46 34.23 16.13 -11.32
N VAL E 47 34.62 15.38 -10.31
CA VAL E 47 34.19 15.67 -8.92
C VAL E 47 34.69 17.06 -8.50
N LYS E 48 35.97 17.36 -8.82
CA LYS E 48 36.51 18.69 -8.50
C LYS E 48 35.77 19.85 -9.15
N GLY E 49 35.46 19.72 -10.44
CA GLY E 49 34.58 20.74 -11.07
C GLY E 49 33.21 20.85 -10.39
N ALA E 50 32.57 19.71 -10.09
CA ALA E 50 31.27 19.80 -9.37
C ALA E 50 31.45 20.58 -8.03
N ILE E 51 32.50 20.25 -7.29
CA ILE E 51 32.68 20.86 -5.97
C ILE E 51 33.03 22.34 -6.16
N ASP E 52 33.90 22.65 -7.12
CA ASP E 52 34.35 24.06 -7.33
C ASP E 52 33.15 24.90 -7.68
N ARG E 53 32.30 24.40 -8.56
CA ARG E 53 31.15 25.23 -8.93
C ARG E 53 30.16 25.38 -7.76
N MET E 54 30.00 24.38 -6.94
CA MET E 54 29.01 24.53 -5.83
C MET E 54 29.57 25.47 -4.77
N LEU E 55 30.88 25.36 -4.46
CA LEU E 55 31.58 26.37 -3.60
C LEU E 55 31.28 27.76 -4.09
N SER E 56 31.35 27.97 -5.39
CA SER E 56 31.21 29.34 -5.85
C SER E 56 29.74 29.69 -5.83
N LEU E 57 28.83 28.71 -5.70
CA LEU E 57 27.41 29.05 -5.53
C LEU E 57 27.08 29.11 -4.04
N GLY E 58 28.11 29.05 -3.20
CA GLY E 58 27.89 29.30 -1.78
C GLY E 58 27.62 28.03 -0.95
N VAL E 59 27.58 26.86 -1.58
CA VAL E 59 27.46 25.68 -0.79
C VAL E 59 28.73 25.62 0.15
N LYS E 60 28.58 25.28 1.42
CA LYS E 60 29.79 25.21 2.27
C LYS E 60 30.57 23.91 2.15
N GLU E 61 31.86 23.99 2.40
CA GLU E 61 32.77 22.87 2.24
C GLU E 61 32.40 21.71 3.15
N GLU E 62 32.02 21.99 4.37
CA GLU E 62 31.69 20.90 5.23
C GLU E 62 30.32 20.26 4.90
N ASN E 63 29.50 20.88 4.02
CA ASN E 63 28.21 20.31 3.59
C ASN E 63 28.29 19.66 2.22
N ILE E 64 29.51 19.30 1.84
CA ILE E 64 29.63 18.55 0.62
C ILE E 64 30.18 17.23 1.04
N ILE E 65 29.43 16.15 0.89
CA ILE E 65 29.89 14.89 1.41
C ILE E 65 30.20 13.98 0.25
N VAL E 66 31.35 13.32 0.27
CA VAL E 66 31.76 12.51 -0.86
C VAL E 66 31.83 11.08 -0.44
N GLU E 67 31.19 10.18 -1.20
CA GLU E 67 31.26 8.74 -0.94
C GLU E 67 31.76 8.01 -2.19
N THR E 68 32.27 6.76 -2.14
CA THR E 68 32.60 6.10 -3.39
C THR E 68 32.00 4.71 -3.47
N VAL E 69 32.04 4.12 -4.69
CA VAL E 69 31.61 2.76 -4.95
C VAL E 69 32.58 2.21 -6.00
N PRO E 70 32.62 0.91 -6.20
CA PRO E 70 33.65 0.52 -7.15
C PRO E 70 33.37 0.81 -8.62
N GLY E 71 32.13 0.56 -9.07
CA GLY E 71 31.76 0.55 -10.53
C GLY E 71 30.45 1.34 -10.74
N SER E 72 30.20 1.81 -11.94
CA SER E 72 29.01 2.55 -12.15
C SER E 72 27.75 1.80 -11.77
N PHE E 73 27.75 0.50 -11.93
CA PHE E 73 26.60 -0.29 -11.62
C PHE E 73 26.21 -0.12 -10.17
N GLU E 74 27.20 0.15 -9.32
CA GLU E 74 26.93 0.33 -7.90
C GLU E 74 26.40 1.66 -7.52
N LEU E 75 26.40 2.61 -8.45
CA LEU E 75 25.91 3.94 -8.12
C LEU E 75 24.45 4.06 -7.63
N PRO E 76 23.49 3.37 -8.29
CA PRO E 76 22.11 3.65 -7.92
C PRO E 76 21.81 3.09 -6.51
N TYR E 77 22.26 1.89 -6.17
CA TYR E 77 22.00 1.36 -4.81
C TYR E 77 22.87 2.03 -3.77
N GLY E 78 24.12 2.35 -4.17
CA GLY E 78 24.98 3.15 -3.28
C GLY E 78 24.39 4.49 -2.96
N SER E 79 23.83 5.16 -3.98
CA SER E 79 23.23 6.47 -3.72
C SER E 79 22.02 6.37 -2.84
N LYS E 80 21.21 5.33 -3.03
CA LYS E 80 20.07 5.16 -2.15
C LYS E 80 20.52 5.00 -0.69
N ARG E 81 21.46 4.10 -0.42
CA ARG E 81 21.85 3.88 0.95
C ARG E 81 22.64 5.08 1.49
N PHE E 82 23.37 5.78 0.63
CA PHE E 82 24.05 7.00 1.06
C PHE E 82 23.01 8.02 1.60
N ALA E 83 21.95 8.24 0.83
CA ALA E 83 20.93 9.16 1.28
C ALA E 83 20.24 8.71 2.61
N GLU E 84 19.94 7.40 2.71
CA GLU E 84 19.27 6.87 3.89
C GLU E 84 20.11 7.09 5.13
N LYS E 85 21.41 6.78 5.02
CA LYS E 85 22.35 6.82 6.12
C LYS E 85 22.52 8.26 6.58
N GLN E 86 22.59 9.21 5.62
CA GLN E 86 22.67 10.60 5.93
C GLN E 86 21.41 11.09 6.68
N ALA E 87 20.24 10.72 6.16
CA ALA E 87 19.02 11.09 6.82
C ALA E 87 18.98 10.45 8.25
N LYS E 88 19.45 9.24 8.41
CA LYS E 88 19.38 8.56 9.67
C LYS E 88 20.26 9.14 10.77
N LYS E 89 21.33 9.79 10.38
CA LYS E 89 22.19 10.39 11.40
C LYS E 89 21.83 11.85 11.55
N GLY E 90 20.71 12.29 10.98
CA GLY E 90 20.28 13.66 11.16
C GLY E 90 21.03 14.63 10.26
N GLU E 91 21.64 14.16 9.18
CA GLU E 91 22.38 15.05 8.23
C GLU E 91 21.89 14.71 6.81
N PRO E 92 20.59 14.91 6.56
CA PRO E 92 20.05 14.50 5.27
C PRO E 92 20.70 15.30 4.09
N LEU E 93 20.94 14.65 2.95
CA LEU E 93 21.29 15.31 1.69
C LEU E 93 20.11 16.02 1.07
N ASP E 94 20.34 17.15 0.46
CA ASP E 94 19.26 17.83 -0.31
C ASP E 94 19.23 17.36 -1.74
N VAL E 95 20.31 16.75 -2.18
CA VAL E 95 20.53 16.45 -3.63
C VAL E 95 21.73 15.49 -3.75
N VAL E 96 21.76 14.59 -4.72
CA VAL E 96 22.88 13.74 -4.76
C VAL E 96 23.40 13.71 -6.18
N ILE E 97 24.73 13.58 -6.37
CA ILE E 97 25.33 13.52 -7.72
C ILE E 97 26.06 12.24 -7.90
N PRO E 98 25.43 11.21 -8.48
CA PRO E 98 26.23 10.04 -8.75
C PRO E 98 27.08 10.31 -10.01
N ILE E 99 28.36 9.89 -10.02
CA ILE E 99 29.31 10.18 -11.09
C ILE E 99 30.07 8.90 -11.38
N GLY E 100 30.05 8.48 -12.64
CA GLY E 100 30.81 7.34 -13.08
C GLY E 100 31.23 7.62 -14.52
N VAL E 101 32.25 6.89 -15.02
CA VAL E 101 32.78 7.12 -16.38
C VAL E 101 32.77 5.76 -17.05
N LEU E 102 31.93 5.61 -18.08
CA LEU E 102 31.94 4.37 -18.82
C LEU E 102 32.48 4.59 -20.24
N ILE E 103 33.34 3.70 -20.68
CA ILE E 103 33.98 3.86 -21.97
C ILE E 103 33.72 2.58 -22.71
N LYS E 104 33.11 2.66 -23.89
CA LYS E 104 32.83 1.46 -24.68
C LYS E 104 34.09 0.58 -24.79
N GLY E 105 33.95 -0.73 -24.60
CA GLY E 105 35.09 -1.66 -24.78
C GLY E 105 34.67 -2.57 -25.91
N SER E 106 35.23 -3.76 -25.99
CA SER E 106 34.82 -4.60 -27.12
C SER E 106 33.62 -5.54 -26.93
N THR E 107 33.18 -5.73 -25.69
CA THR E 107 31.91 -6.51 -25.46
C THR E 107 30.74 -5.53 -25.33
N MET E 108 29.53 -6.02 -25.05
CA MET E 108 28.32 -5.17 -24.84
C MET E 108 28.09 -4.68 -23.38
N HIS E 109 29.10 -4.91 -22.53
CA HIS E 109 29.09 -4.60 -21.14
C HIS E 109 28.83 -3.13 -20.95
N PHE E 110 29.54 -2.31 -21.73
CA PHE E 110 29.25 -0.83 -21.72
C PHE E 110 27.75 -0.53 -21.90
N GLU E 111 27.15 -1.10 -22.91
CA GLU E 111 25.74 -0.80 -23.21
C GLU E 111 24.76 -1.20 -22.08
N TYR E 112 24.96 -2.38 -21.51
CA TYR E 112 24.07 -2.94 -20.45
C TYR E 112 24.23 -2.19 -19.14
N ILE E 113 25.45 -1.85 -18.75
CA ILE E 113 25.70 -1.06 -17.53
C ILE E 113 25.05 0.31 -17.74
N SER E 114 25.27 0.89 -18.92
CA SER E 114 24.86 2.30 -19.16
C SER E 114 23.37 2.41 -19.09
N ASP E 115 22.72 1.51 -19.76
CA ASP E 115 21.29 1.58 -19.92
C ASP E 115 20.61 1.36 -18.53
N SER E 116 21.04 0.31 -17.83
CA SER E 116 20.41 -0.02 -16.57
C SER E 116 20.78 0.98 -15.44
N THR E 117 22.00 1.48 -15.45
CA THR E 117 22.40 2.53 -14.49
C THR E 117 21.67 3.85 -14.70
N THR E 118 21.52 4.26 -15.94
CA THR E 118 20.77 5.46 -16.28
C THR E 118 19.35 5.42 -15.87
N GLN E 119 18.62 4.38 -16.25
CA GLN E 119 17.27 4.29 -15.81
C GLN E 119 17.15 4.25 -14.25
N ALA E 120 18.06 3.57 -13.57
CA ALA E 120 17.92 3.40 -12.12
C ALA E 120 18.30 4.74 -11.44
N ILE E 121 19.22 5.49 -12.03
CA ILE E 121 19.48 6.83 -11.49
C ILE E 121 18.25 7.70 -11.66
N MET E 122 17.59 7.56 -12.81
CA MET E 122 16.36 8.37 -12.97
C MET E 122 15.27 7.97 -11.91
N ASN E 123 15.08 6.66 -11.67
CA ASN E 123 13.96 6.14 -10.85
C ASN E 123 14.25 6.33 -9.38
N LEU E 124 15.50 6.62 -9.08
CA LEU E 124 15.95 6.77 -7.73
C LEU E 124 15.30 7.96 -7.06
N GLN E 125 15.04 9.06 -7.81
CA GLN E 125 14.55 10.28 -7.23
C GLN E 125 13.26 10.17 -6.41
N ASP E 126 12.30 9.46 -6.98
CA ASP E 126 11.04 9.18 -6.30
C ASP E 126 11.19 8.28 -5.07
N LYS E 127 12.20 7.39 -5.02
CA LYS E 127 12.42 6.62 -3.77
C LYS E 127 13.02 7.43 -2.64
N ILE E 128 13.98 8.33 -2.91
CA ILE E 128 14.60 9.04 -1.82
C ILE E 128 14.09 10.44 -1.74
N ASN E 129 13.25 10.86 -2.71
CA ASN E 129 12.55 12.15 -2.58
C ASN E 129 13.49 13.35 -2.57
N ILE E 130 14.55 13.26 -3.36
CA ILE E 130 15.41 14.39 -3.62
C ILE E 130 15.92 14.30 -5.04
N PRO E 131 16.25 15.44 -5.65
CA PRO E 131 16.79 15.30 -7.02
C PRO E 131 18.08 14.51 -7.04
N VAL E 132 18.34 13.82 -8.15
CA VAL E 132 19.61 13.11 -8.29
C VAL E 132 20.17 13.58 -9.62
N ILE E 133 21.41 14.14 -9.62
CA ILE E 133 21.98 14.71 -10.86
C ILE E 133 22.70 13.64 -11.65
N PHE E 134 22.45 13.53 -12.96
CA PHE E 134 23.00 12.42 -13.75
C PHE E 134 24.47 12.71 -14.10
N GLY E 135 25.43 12.12 -13.37
CA GLY E 135 26.84 12.49 -13.58
C GLY E 135 27.60 11.36 -14.24
N LEU E 136 26.99 10.70 -15.20
CA LEU E 136 27.55 9.52 -15.76
C LEU E 136 27.97 9.90 -17.18
N LEU E 137 29.26 9.67 -17.53
CA LEU E 137 29.76 9.76 -18.90
C LEU E 137 29.55 8.40 -19.56
N THR E 138 29.06 8.45 -20.79
CA THR E 138 28.84 7.25 -21.54
C THR E 138 29.55 7.50 -22.88
N CYS E 139 30.87 7.24 -22.88
CA CYS E 139 31.78 7.66 -23.99
C CYS E 139 32.22 6.46 -24.82
N LEU E 140 32.37 6.68 -26.14
CA LEU E 140 32.95 5.67 -27.02
C LEU E 140 34.44 5.61 -26.93
N THR E 141 35.11 6.71 -26.52
CA THR E 141 36.57 6.64 -26.38
C THR E 141 37.04 7.32 -25.11
N GLU E 142 38.27 6.98 -24.69
CA GLU E 142 38.86 7.73 -23.61
C GLU E 142 38.95 9.24 -23.86
N GLU E 143 39.29 9.62 -25.09
CA GLU E 143 39.49 11.03 -25.38
C GLU E 143 38.17 11.83 -25.24
N GLN E 144 37.05 11.20 -25.54
CA GLN E 144 35.74 11.89 -25.27
C GLN E 144 35.54 12.15 -23.81
N ALA E 145 35.92 11.14 -23.01
CA ALA E 145 35.69 11.27 -21.55
C ALA E 145 36.59 12.33 -21.00
N LEU E 146 37.84 12.33 -21.45
CA LEU E 146 38.78 13.38 -21.05
C LEU E 146 38.29 14.79 -21.38
N ALA E 147 37.72 14.90 -22.58
CA ALA E 147 37.28 16.20 -23.07
C ALA E 147 36.16 16.70 -22.15
N ARG E 148 35.24 15.78 -21.83
CA ARG E 148 34.06 16.10 -20.99
C ARG E 148 34.45 16.40 -19.53
N ALA E 149 35.69 16.10 -19.19
CA ALA E 149 36.23 16.46 -17.90
C ALA E 149 37.14 17.67 -17.95
N GLY E 150 37.24 18.25 -19.16
CA GLY E 150 38.03 19.48 -19.34
C GLY E 150 39.52 19.15 -19.33
N ILE E 151 39.91 17.91 -19.62
CA ILE E 151 41.33 17.54 -19.50
C ILE E 151 41.85 16.74 -20.70
N ASP E 152 41.18 16.79 -21.84
CA ASP E 152 41.90 16.38 -23.02
C ASP E 152 43.08 17.39 -23.33
N GLU E 153 44.01 16.93 -24.15
CA GLU E 153 45.15 17.77 -24.57
C GLU E 153 44.69 19.12 -25.13
N GLY E 154 43.75 19.11 -26.05
CA GLY E 154 43.37 20.37 -26.66
C GLY E 154 42.42 21.24 -25.87
N LYS E 155 42.03 20.81 -24.67
CA LYS E 155 41.02 21.51 -23.88
C LYS E 155 39.86 21.88 -24.73
N THR E 156 39.29 20.90 -25.40
CA THR E 156 38.27 21.23 -26.37
C THR E 156 36.91 21.52 -25.79
N MET E 157 36.66 21.20 -24.52
CA MET E 157 35.29 21.36 -23.88
C MET E 157 35.38 21.80 -22.44
N HIS E 158 34.35 22.39 -21.90
CA HIS E 158 34.36 22.71 -20.45
C HIS E 158 34.09 21.44 -19.65
N ASN E 159 34.54 21.43 -18.40
CA ASN E 159 34.36 20.35 -17.46
C ASN E 159 32.84 20.16 -17.16
N HIS E 160 32.28 19.03 -17.57
CA HIS E 160 30.87 18.76 -17.29
C HIS E 160 30.51 18.64 -15.81
N GLY E 161 31.49 18.29 -14.97
CA GLY E 161 31.25 18.29 -13.52
C GLY E 161 30.76 19.63 -13.07
N GLU E 162 31.16 20.69 -13.74
CA GLU E 162 30.73 21.99 -13.29
C GLU E 162 29.22 22.12 -13.49
N ASP E 163 28.72 21.60 -14.60
CA ASP E 163 27.30 21.69 -14.89
C ASP E 163 26.59 20.88 -13.83
N TRP E 164 27.22 19.77 -13.36
CA TRP E 164 26.47 18.94 -12.45
C TRP E 164 26.34 19.64 -11.13
N GLY E 165 27.40 20.31 -10.72
CA GLY E 165 27.36 21.09 -9.52
C GLY E 165 26.29 22.17 -9.60
N ALA E 166 26.27 22.92 -10.72
CA ALA E 166 25.26 23.95 -10.84
C ALA E 166 23.84 23.37 -10.80
N ALA E 167 23.59 22.27 -11.50
CA ALA E 167 22.27 21.65 -11.58
C ALA E 167 21.81 21.18 -10.19
N ALA E 168 22.76 20.79 -9.36
CA ALA E 168 22.43 20.18 -8.03
C ALA E 168 21.93 21.30 -7.21
N VAL E 169 22.61 22.47 -7.28
CA VAL E 169 22.20 23.65 -6.46
C VAL E 169 20.81 24.12 -6.95
N GLU E 170 20.65 24.33 -8.26
CA GLU E 170 19.38 24.79 -8.80
C GLU E 170 18.26 23.76 -8.43
N MET E 171 18.42 22.46 -8.74
CA MET E 171 17.30 21.51 -8.49
C MET E 171 16.91 21.44 -7.00
N ALA E 172 17.92 21.53 -6.11
CA ALA E 172 17.62 21.43 -4.70
C ALA E 172 16.92 22.69 -4.22
N THR E 173 17.37 23.83 -4.71
CA THR E 173 16.84 25.10 -4.28
C THR E 173 15.38 25.26 -4.79
N LYS E 174 15.16 24.97 -6.06
CA LYS E 174 13.93 25.28 -6.70
C LYS E 174 12.89 24.18 -6.42
N PHE E 175 13.35 22.92 -6.29
CA PHE E 175 12.41 21.81 -6.19
C PHE E 175 12.52 21.01 -4.88
N GLY E 176 13.03 21.68 -3.83
CA GLY E 176 13.27 20.99 -2.59
C GLY E 176 12.01 21.00 -1.76
N ALA E 177 11.87 20.04 -0.86
CA ALA E 177 10.69 19.98 0.01
C ALA E 177 10.24 21.36 0.57
N ASN E 178 11.19 22.16 1.07
CA ASN E 178 10.91 23.46 1.71
C ASN E 178 9.92 24.34 0.93
N GLN F 22 16.15 -10.93 35.06
CA GLN F 22 17.48 -10.47 34.55
C GLN F 22 17.83 -9.02 35.00
N ASN F 23 19.12 -8.68 34.99
CA ASN F 23 19.54 -7.26 35.08
C ASN F 23 19.53 -6.62 33.68
N TYR F 24 18.82 -5.50 33.52
CA TYR F 24 18.81 -4.76 32.23
C TYR F 24 19.68 -3.49 32.33
N ASP F 25 20.77 -3.50 31.58
CA ASP F 25 21.62 -2.35 31.42
C ASP F 25 21.02 -1.39 30.35
N GLY F 26 20.78 -0.16 30.74
CA GLY F 26 20.16 0.82 29.83
C GLY F 26 21.22 1.77 29.34
N SER F 27 22.48 1.45 29.53
CA SER F 27 23.48 2.47 29.24
C SER F 27 23.44 2.96 27.79
N LYS F 28 23.15 2.04 26.87
CA LYS F 28 23.08 2.42 25.46
C LYS F 28 21.71 3.00 25.04
N LEU F 29 20.75 3.18 25.93
CA LEU F 29 19.42 3.58 25.43
C LEU F 29 19.25 5.12 25.38
N ARG F 30 18.36 5.59 24.50
CA ARG F 30 17.83 6.93 24.61
C ARG F 30 16.31 6.78 24.87
N VAL F 31 15.79 7.41 25.89
CA VAL F 31 14.43 7.13 26.28
C VAL F 31 13.73 8.47 26.34
N GLY F 32 12.53 8.54 25.75
CA GLY F 32 11.74 9.74 25.80
C GLY F 32 10.60 9.67 26.83
N ILE F 33 10.37 10.77 27.52
CA ILE F 33 9.29 10.80 28.47
C ILE F 33 8.51 11.95 27.99
N ILE F 34 7.19 11.80 27.90
CA ILE F 34 6.41 12.95 27.46
C ILE F 34 5.22 12.97 28.35
N HIS F 35 4.98 14.12 28.96
CA HIS F 35 3.92 14.20 29.97
C HIS F 35 2.99 15.33 29.75
N ALA F 36 1.74 15.14 30.16
CA ALA F 36 0.73 16.16 30.09
C ALA F 36 0.98 17.14 31.23
N ARG F 37 0.28 18.28 31.26
CA ARG F 37 0.68 19.24 32.29
C ARG F 37 -0.41 19.50 33.35
N TRP F 38 -1.60 18.93 33.22
CA TRP F 38 -2.56 19.07 34.31
C TRP F 38 -2.13 18.14 35.50
N ASN F 39 -2.48 18.50 36.75
CA ASN F 39 -2.13 17.73 37.98
C ASN F 39 -0.66 17.57 38.03
N ARG F 40 0.00 18.70 37.90
CA ARG F 40 1.43 18.78 37.70
C ARG F 40 2.28 18.23 38.84
N VAL F 41 1.84 18.49 40.08
CA VAL F 41 2.58 17.97 41.24
C VAL F 41 2.67 16.40 41.14
N ILE F 42 1.62 15.72 40.75
CA ILE F 42 1.61 14.25 40.64
C ILE F 42 2.46 13.85 39.43
N ILE F 43 2.23 14.55 38.29
CA ILE F 43 3.04 14.37 37.08
C ILE F 43 4.53 14.40 37.41
N ASP F 44 4.95 15.45 38.09
CA ASP F 44 6.37 15.59 38.34
C ASP F 44 6.89 14.50 39.23
N ALA F 45 6.07 13.97 40.11
CA ALA F 45 6.64 12.91 40.99
C ALA F 45 6.75 11.59 40.18
N LEU F 46 5.83 11.36 39.26
CA LEU F 46 5.88 10.13 38.41
C LEU F 46 7.12 10.22 37.52
N VAL F 47 7.36 11.39 36.93
CA VAL F 47 8.44 11.53 35.95
C VAL F 47 9.77 11.25 36.64
N LYS F 48 9.87 11.84 37.82
CA LYS F 48 11.05 11.72 38.67
C LYS F 48 11.29 10.29 39.10
N GLY F 49 10.24 9.55 39.47
CA GLY F 49 10.60 8.16 39.82
C GLY F 49 10.96 7.42 38.57
N ALA F 50 10.35 7.76 37.46
CA ALA F 50 10.71 7.05 36.21
C ALA F 50 12.20 7.36 35.81
N ILE F 51 12.56 8.65 35.86
CA ILE F 51 13.97 9.06 35.67
C ILE F 51 14.97 8.35 36.61
N ASP F 52 14.68 8.38 37.90
CA ASP F 52 15.62 7.82 38.93
C ASP F 52 15.76 6.31 38.78
N ARG F 53 14.68 5.59 38.53
CA ARG F 53 14.85 4.12 38.22
C ARG F 53 15.69 3.87 36.93
N MET F 54 15.43 4.64 35.88
CA MET F 54 16.27 4.50 34.66
C MET F 54 17.71 4.85 34.94
N LEU F 55 18.00 5.92 35.70
CA LEU F 55 19.45 6.16 35.99
C LEU F 55 20.06 5.01 36.74
N SER F 56 19.34 4.45 37.68
CA SER F 56 19.93 3.36 38.45
C SER F 56 20.06 2.16 37.57
N LEU F 57 19.32 2.07 36.46
CA LEU F 57 19.63 0.94 35.53
C LEU F 57 20.65 1.24 34.46
N GLY F 58 21.24 2.42 34.52
CA GLY F 58 22.42 2.69 33.67
C GLY F 58 22.18 3.67 32.52
N VAL F 59 20.93 4.00 32.24
CA VAL F 59 20.61 4.98 31.25
C VAL F 59 21.30 6.26 31.63
N LYS F 60 21.98 6.90 30.67
CA LYS F 60 22.63 8.17 30.96
C LYS F 60 21.64 9.34 31.03
N GLU F 61 21.91 10.27 31.94
CA GLU F 61 21.05 11.43 32.11
C GLU F 61 20.89 12.24 30.78
N GLU F 62 21.98 12.44 30.03
CA GLU F 62 21.86 13.17 28.78
C GLU F 62 21.02 12.40 27.73
N ASN F 63 20.76 11.13 27.95
CA ASN F 63 19.94 10.39 27.04
C ASN F 63 18.50 10.21 27.50
N ILE F 64 18.02 11.02 28.43
CA ILE F 64 16.59 10.89 28.78
C ILE F 64 15.95 12.18 28.32
N ILE F 65 15.01 12.16 27.38
CA ILE F 65 14.60 13.43 26.82
C ILE F 65 13.21 13.65 27.28
N VAL F 66 12.88 14.86 27.76
CA VAL F 66 11.55 15.07 28.29
C VAL F 66 10.78 16.06 27.47
N GLU F 67 9.58 15.72 27.04
CA GLU F 67 8.76 16.65 26.29
C GLU F 67 7.44 16.83 27.06
N THR F 68 6.64 17.86 26.76
CA THR F 68 5.34 17.98 27.42
C THR F 68 4.25 18.29 26.41
N VAL F 69 3.02 18.05 26.80
CA VAL F 69 1.89 18.41 26.02
C VAL F 69 0.84 18.94 27.01
N PRO F 70 -0.20 19.59 26.49
CA PRO F 70 -1.06 20.17 27.53
C PRO F 70 -1.91 19.11 28.23
N GLY F 71 -2.61 18.24 27.53
CA GLY F 71 -3.49 17.26 28.23
C GLY F 71 -3.19 15.83 27.79
N SER F 72 -3.76 14.89 28.54
CA SER F 72 -3.66 13.49 28.23
C SER F 72 -4.11 13.14 26.82
N PHE F 73 -5.17 13.78 26.32
CA PHE F 73 -5.58 13.54 24.94
C PHE F 73 -4.48 13.83 23.89
N GLU F 74 -3.61 14.79 24.18
CA GLU F 74 -2.47 15.12 23.30
C GLU F 74 -1.36 14.16 23.38
N LEU F 75 -1.33 13.28 24.38
CA LEU F 75 -0.22 12.31 24.45
C LEU F 75 0.07 11.43 23.21
N PRO F 76 -0.95 10.86 22.56
CA PRO F 76 -0.64 9.94 21.43
C PRO F 76 0.03 10.63 20.21
N TYR F 77 -0.58 11.69 19.70
CA TYR F 77 -0.05 12.43 18.61
C TYR F 77 1.25 13.07 18.99
N GLY F 78 1.27 13.67 20.21
CA GLY F 78 2.52 14.20 20.79
C GLY F 78 3.66 13.20 20.74
N SER F 79 3.36 11.95 21.16
CA SER F 79 4.38 10.94 21.31
C SER F 79 4.85 10.58 19.93
N LYS F 80 3.90 10.50 19.00
CA LYS F 80 4.25 10.12 17.66
C LYS F 80 5.16 11.22 17.07
N ARG F 81 4.74 12.47 17.11
CA ARG F 81 5.60 13.55 16.50
C ARG F 81 6.97 13.69 17.20
N PHE F 82 6.95 13.43 18.51
CA PHE F 82 8.19 13.46 19.33
C PHE F 82 9.19 12.42 18.85
N ALA F 83 8.71 11.23 18.56
CA ALA F 83 9.60 10.24 18.13
C ALA F 83 10.05 10.58 16.70
N GLU F 84 9.15 11.09 15.86
CA GLU F 84 9.54 11.34 14.48
C GLU F 84 10.64 12.43 14.45
N LYS F 85 10.49 13.44 15.27
CA LYS F 85 11.41 14.59 15.35
C LYS F 85 12.71 14.13 15.80
N GLN F 86 12.67 13.25 16.81
CA GLN F 86 13.91 12.75 17.41
C GLN F 86 14.74 11.98 16.37
N ALA F 87 14.09 11.06 15.65
CA ALA F 87 14.74 10.34 14.56
C ALA F 87 15.19 11.31 13.41
N LYS F 88 14.44 12.38 13.13
CA LYS F 88 14.79 13.25 12.03
C LYS F 88 16.12 14.01 12.31
N LYS F 89 16.37 14.34 13.58
CA LYS F 89 17.65 14.97 13.92
C LYS F 89 18.72 13.96 14.32
N GLY F 90 18.52 12.67 14.02
CA GLY F 90 19.63 11.74 14.25
C GLY F 90 19.74 11.36 15.70
N GLU F 91 18.68 11.65 16.47
CA GLU F 91 18.63 11.21 17.91
C GLU F 91 17.44 10.32 18.24
N PRO F 92 17.37 9.14 17.61
CA PRO F 92 16.11 8.38 17.75
C PRO F 92 15.88 7.84 19.21
N LEU F 93 14.64 7.88 19.71
CA LEU F 93 14.28 7.17 20.94
C LEU F 93 14.29 5.65 20.77
N ASP F 94 14.78 4.92 21.75
CA ASP F 94 14.54 3.45 21.81
C ASP F 94 13.17 3.08 22.37
N VAL F 95 12.51 4.00 23.06
CA VAL F 95 11.28 3.67 23.77
C VAL F 95 10.72 4.97 24.29
N VAL F 96 9.40 5.09 24.41
CA VAL F 96 8.83 6.36 24.92
C VAL F 96 7.88 6.10 26.09
N ILE F 97 7.72 7.05 27.03
CA ILE F 97 6.81 6.90 28.16
C ILE F 97 5.84 8.05 28.23
N PRO F 98 4.63 7.87 27.68
CA PRO F 98 3.75 9.03 27.87
C PRO F 98 3.17 8.91 29.27
N ILE F 99 2.98 10.06 29.94
CA ILE F 99 2.56 10.09 31.35
C ILE F 99 1.50 11.15 31.42
N GLY F 100 0.29 10.76 31.81
CA GLY F 100 -0.76 11.76 32.17
C GLY F 100 -1.50 11.30 33.44
N VAL F 101 -2.31 12.18 34.02
CA VAL F 101 -3.09 11.85 35.22
C VAL F 101 -4.53 12.20 34.95
N LEU F 102 -5.40 11.20 34.80
CA LEU F 102 -6.80 11.49 34.68
C LEU F 102 -7.55 11.11 36.01
N ILE F 103 -8.34 12.04 36.51
CA ILE F 103 -9.07 11.89 37.77
C ILE F 103 -10.53 12.05 37.41
N LYS F 104 -11.34 11.03 37.73
CA LYS F 104 -12.79 11.04 37.44
C LYS F 104 -13.44 12.32 37.96
N GLY F 105 -14.13 13.05 37.09
CA GLY F 105 -14.83 14.28 37.47
C GLY F 105 -16.35 14.07 37.53
N SER F 106 -17.10 15.15 37.46
CA SER F 106 -18.53 14.96 37.56
C SER F 106 -19.20 14.61 36.18
N THR F 107 -18.55 14.87 35.04
CA THR F 107 -19.15 14.44 33.75
C THR F 107 -18.49 13.11 33.30
N MET F 108 -18.76 12.70 32.05
CA MET F 108 -18.16 11.50 31.44
C MET F 108 -16.84 11.79 30.68
N HIS F 109 -16.36 13.04 30.76
CA HIS F 109 -15.10 13.45 30.15
C HIS F 109 -13.98 12.48 30.45
N PHE F 110 -13.79 12.16 31.74
CA PHE F 110 -12.83 11.15 32.21
C PHE F 110 -12.86 9.83 31.40
N GLU F 111 -14.05 9.27 31.24
CA GLU F 111 -14.22 7.97 30.60
C GLU F 111 -13.82 8.04 29.11
N TYR F 112 -14.25 9.10 28.42
CA TYR F 112 -13.93 9.21 26.99
C TYR F 112 -12.51 9.50 26.65
N ILE F 113 -11.81 10.30 27.47
CA ILE F 113 -10.39 10.60 27.29
C ILE F 113 -9.57 9.39 27.67
N SER F 114 -9.87 8.76 28.82
CA SER F 114 -9.17 7.53 29.26
C SER F 114 -9.22 6.41 28.19
N ASP F 115 -10.39 6.13 27.70
CA ASP F 115 -10.58 5.08 26.77
C ASP F 115 -9.79 5.24 25.43
N SER F 116 -10.05 6.33 24.75
CA SER F 116 -9.47 6.57 23.46
C SER F 116 -7.90 6.85 23.54
N THR F 117 -7.45 7.50 24.60
CA THR F 117 -6.00 7.65 24.87
C THR F 117 -5.31 6.34 25.11
N THR F 118 -5.93 5.45 25.92
CA THR F 118 -5.31 4.12 26.16
C THR F 118 -5.08 3.31 24.88
N GLN F 119 -6.12 3.23 24.08
CA GLN F 119 -6.12 2.55 22.84
C GLN F 119 -5.16 3.19 21.82
N ALA F 120 -5.11 4.52 21.80
CA ALA F 120 -4.13 5.20 20.91
C ALA F 120 -2.69 4.97 21.38
N ILE F 121 -2.45 4.99 22.70
CA ILE F 121 -1.10 4.71 23.18
C ILE F 121 -0.70 3.30 22.79
N MET F 122 -1.62 2.36 22.98
CA MET F 122 -1.29 0.98 22.64
C MET F 122 -1.07 0.86 21.13
N ASN F 123 -1.91 1.53 20.30
CA ASN F 123 -1.80 1.47 18.83
C ASN F 123 -0.61 2.23 18.25
N LEU F 124 -0.06 3.12 19.09
CA LEU F 124 1.03 3.97 18.70
C LEU F 124 2.27 3.13 18.36
N GLN F 125 2.50 2.04 19.09
CA GLN F 125 3.69 1.24 18.98
C GLN F 125 3.97 0.70 17.57
N ASP F 126 2.98 0.19 16.89
CA ASP F 126 3.19 -0.22 15.51
C ASP F 126 3.36 0.95 14.56
N LYS F 127 2.94 2.17 14.90
CA LYS F 127 3.30 3.28 14.01
C LYS F 127 4.75 3.73 14.10
N ILE F 128 5.38 3.73 15.27
CA ILE F 128 6.72 4.29 15.40
C ILE F 128 7.75 3.25 15.60
N ASN F 129 7.30 2.00 15.70
CA ASN F 129 8.17 0.82 15.84
C ASN F 129 9.11 0.84 17.00
N ILE F 130 8.67 1.37 18.14
CA ILE F 130 9.33 1.17 19.43
C ILE F 130 8.28 0.92 20.51
N PRO F 131 8.67 0.31 21.64
CA PRO F 131 7.68 0.12 22.70
C PRO F 131 7.28 1.49 23.28
N VAL F 132 6.03 1.57 23.68
CA VAL F 132 5.48 2.75 24.36
C VAL F 132 4.91 2.25 25.72
N ILE F 133 5.41 2.81 26.83
CA ILE F 133 5.02 2.36 28.16
C ILE F 133 3.79 3.15 28.59
N PHE F 134 2.84 2.47 29.22
CA PHE F 134 1.60 3.11 29.57
C PHE F 134 1.74 3.84 30.91
N GLY F 135 2.08 5.12 30.88
CA GLY F 135 2.26 5.92 32.09
C GLY F 135 1.05 6.84 32.39
N LEU F 136 -0.14 6.33 32.09
CA LEU F 136 -1.36 7.06 32.28
C LEU F 136 -2.05 6.55 33.60
N LEU F 137 -2.21 7.45 34.61
CA LEU F 137 -3.08 7.18 35.74
C LEU F 137 -4.52 7.48 35.37
N THR F 138 -5.43 6.58 35.74
CA THR F 138 -6.86 6.72 35.49
C THR F 138 -7.59 6.48 36.86
N CYS F 139 -7.66 7.54 37.65
CA CYS F 139 -8.10 7.44 39.00
C CYS F 139 -9.51 7.96 39.21
N LEU F 140 -10.15 7.44 40.25
CA LEU F 140 -11.42 7.99 40.74
C LEU F 140 -11.18 9.19 41.64
N THR F 141 -10.07 9.23 42.39
CA THR F 141 -9.83 10.39 43.25
C THR F 141 -8.42 10.86 43.09
N GLU F 142 -8.18 12.09 43.53
CA GLU F 142 -6.88 12.70 43.51
C GLU F 142 -5.94 11.99 44.41
N GLU F 143 -6.49 11.59 45.57
CA GLU F 143 -5.65 10.93 46.58
C GLU F 143 -5.20 9.59 46.06
N GLN F 144 -6.05 8.89 45.31
CA GLN F 144 -5.55 7.65 44.56
C GLN F 144 -4.38 7.96 43.65
N ALA F 145 -4.44 9.14 42.97
CA ALA F 145 -3.40 9.51 41.98
C ALA F 145 -2.15 9.80 42.74
N LEU F 146 -2.28 10.57 43.85
CA LEU F 146 -1.10 10.89 44.69
C LEU F 146 -0.50 9.64 45.31
N ALA F 147 -1.37 8.73 45.74
CA ALA F 147 -0.82 7.45 46.23
C ALA F 147 0.06 6.72 45.21
N ARG F 148 -0.43 6.62 43.99
CA ARG F 148 0.34 5.85 42.98
C ARG F 148 1.55 6.61 42.46
N ALA F 149 1.69 7.87 42.86
CA ALA F 149 2.92 8.65 42.67
C ALA F 149 3.75 8.72 43.93
N GLY F 150 3.26 8.05 45.00
CA GLY F 150 4.12 7.80 46.19
C GLY F 150 4.08 8.97 47.14
N ILE F 151 3.08 9.84 46.96
CA ILE F 151 3.01 11.13 47.67
C ILE F 151 1.61 11.46 48.17
N ASP F 152 0.73 10.45 48.34
CA ASP F 152 -0.46 10.73 49.16
C ASP F 152 -0.01 11.08 50.60
N GLU F 153 -0.90 11.74 51.35
CA GLU F 153 -0.67 11.96 52.82
C GLU F 153 -0.22 10.72 53.61
N GLY F 154 -0.91 9.59 53.43
CA GLY F 154 -0.53 8.39 54.18
C GLY F 154 0.73 7.66 53.74
N LYS F 155 1.34 8.09 52.62
CA LYS F 155 2.44 7.33 52.00
C LYS F 155 2.25 5.82 51.91
N THR F 156 1.16 5.42 51.28
CA THR F 156 0.66 4.06 51.27
C THR F 156 1.31 3.11 50.25
N MET F 157 1.88 3.65 49.17
CA MET F 157 2.29 2.80 48.05
C MET F 157 3.64 3.24 47.55
N HIS F 158 4.29 2.50 46.68
CA HIS F 158 5.55 3.01 46.03
C HIS F 158 5.15 3.91 44.83
N ASN F 159 6.10 4.72 44.34
CA ASN F 159 5.88 5.52 43.14
C ASN F 159 5.81 4.65 41.84
N HIS F 160 4.63 4.59 41.21
CA HIS F 160 4.49 3.80 39.92
C HIS F 160 5.38 4.28 38.72
N GLY F 161 5.83 5.54 38.74
CA GLY F 161 6.81 6.03 37.79
C GLY F 161 8.01 5.11 37.68
N GLU F 162 8.48 4.58 38.82
CA GLU F 162 9.64 3.75 38.85
C GLU F 162 9.43 2.48 38.01
N ASP F 163 8.21 1.97 38.00
CA ASP F 163 7.93 0.75 37.31
C ASP F 163 7.89 1.06 35.82
N TRP F 164 7.41 2.27 35.47
CA TRP F 164 7.33 2.65 34.05
C TRP F 164 8.73 2.77 33.51
N GLY F 165 9.63 3.34 34.33
CA GLY F 165 11.07 3.47 33.95
C GLY F 165 11.79 2.13 33.79
N ALA F 166 11.57 1.18 34.73
CA ALA F 166 12.07 -0.20 34.56
C ALA F 166 11.46 -0.91 33.32
N ALA F 167 10.13 -0.85 33.17
CA ALA F 167 9.47 -1.39 31.95
C ALA F 167 10.12 -0.86 30.60
N ALA F 168 10.48 0.42 30.62
CA ALA F 168 11.05 1.11 29.44
C ALA F 168 12.34 0.47 29.06
N VAL F 169 13.20 0.30 30.06
CA VAL F 169 14.56 -0.24 29.84
C VAL F 169 14.47 -1.69 29.38
N GLU F 170 13.57 -2.44 29.99
CA GLU F 170 13.44 -3.86 29.67
C GLU F 170 12.86 -4.01 28.24
N MET F 171 11.73 -3.32 27.95
CA MET F 171 11.12 -3.47 26.63
C MET F 171 12.12 -2.99 25.51
N ALA F 172 12.83 -1.89 25.74
CA ALA F 172 13.80 -1.44 24.70
C ALA F 172 14.93 -2.47 24.56
N THR F 173 15.49 -2.93 25.67
CA THR F 173 16.56 -3.94 25.61
C THR F 173 16.13 -5.24 24.97
N LYS F 174 14.98 -5.72 25.38
CA LYS F 174 14.62 -7.05 25.03
C LYS F 174 14.00 -7.13 23.67
N PHE F 175 13.32 -6.09 23.25
CA PHE F 175 12.55 -6.22 22.02
C PHE F 175 12.90 -5.10 21.05
N GLY F 176 14.12 -4.56 21.21
CA GLY F 176 14.57 -3.45 20.38
C GLY F 176 14.88 -4.00 19.02
N ALA F 177 14.89 -3.15 18.00
CA ALA F 177 15.36 -3.60 16.70
C ALA F 177 16.78 -4.19 16.72
N ASN F 178 17.72 -3.60 17.46
CA ASN F 178 19.16 -3.97 17.36
C ASN F 178 19.58 -5.21 18.15
N GLN G 19 10.61 21.65 34.63
CA GLN G 19 10.60 22.11 33.19
C GLN G 19 9.54 23.25 33.01
N LEU G 20 10.02 24.44 32.62
CA LEU G 20 9.26 25.71 32.81
C LEU G 20 8.24 25.94 31.75
N ASP G 21 7.21 26.74 32.05
CA ASP G 21 6.24 27.27 31.04
C ASP G 21 6.94 27.84 29.77
N GLN G 22 6.31 27.67 28.61
CA GLN G 22 6.88 28.16 27.39
C GLN G 22 5.84 28.92 26.65
N ASN G 23 6.28 29.79 25.73
CA ASN G 23 5.37 30.57 24.96
C ASN G 23 5.42 30.08 23.51
N TYR G 24 4.24 29.81 22.95
CA TYR G 24 4.10 29.23 21.58
C TYR G 24 3.53 30.30 20.71
N ASP G 25 4.27 30.68 19.70
CA ASP G 25 3.84 31.68 18.68
C ASP G 25 2.58 31.28 17.93
N GLY G 26 1.54 32.10 17.82
CA GLY G 26 0.39 31.74 17.02
C GLY G 26 0.36 32.46 15.67
N SER G 27 1.25 33.44 15.51
CA SER G 27 1.07 34.44 14.45
C SER G 27 1.09 33.75 13.08
N LYS G 28 1.88 32.68 12.96
CA LYS G 28 2.06 31.94 11.70
C LYS G 28 1.01 30.86 11.39
N LEU G 29 0.07 30.61 12.31
CA LEU G 29 -0.83 29.47 12.16
C LEU G 29 -2.09 29.79 11.41
N ARG G 30 -2.61 28.79 10.70
CA ARG G 30 -4.00 28.79 10.33
C ARG G 30 -4.74 27.66 11.10
N VAL G 31 -5.78 28.04 11.85
CA VAL G 31 -6.47 27.10 12.72
C VAL G 31 -7.94 26.97 12.27
N GLY G 32 -8.45 25.73 12.22
CA GLY G 32 -9.82 25.48 11.81
C GLY G 32 -10.55 25.14 13.09
N ILE G 33 -11.72 25.72 13.27
CA ILE G 33 -12.67 25.39 14.29
C ILE G 33 -13.88 24.92 13.55
N ILE G 34 -14.35 23.72 13.90
CA ILE G 34 -15.55 23.17 13.27
C ILE G 34 -16.48 22.70 14.41
N HIS G 35 -17.74 23.13 14.37
CA HIS G 35 -18.60 22.91 15.53
C HIS G 35 -19.91 22.35 15.13
N ALA G 36 -20.44 21.40 15.92
CA ALA G 36 -21.84 21.00 15.83
C ALA G 36 -22.76 22.21 16.20
N ARG G 37 -24.06 22.10 15.82
CA ARG G 37 -25.14 23.12 16.02
C ARG G 37 -26.23 22.78 17.05
N TRP G 38 -26.21 21.59 17.68
CA TRP G 38 -26.99 21.34 18.89
C TRP G 38 -26.39 22.04 20.14
N ASN G 39 -27.27 22.52 21.03
CA ASN G 39 -26.85 23.19 22.28
C ASN G 39 -26.03 24.38 21.86
N ARG G 40 -26.62 25.09 20.90
CA ARG G 40 -26.12 26.27 20.25
C ARG G 40 -25.56 27.38 21.13
N VAL G 41 -26.28 27.73 22.20
CA VAL G 41 -25.78 28.81 23.07
C VAL G 41 -24.52 28.37 23.78
N ILE G 42 -24.43 27.10 24.14
CA ILE G 42 -23.19 26.60 24.76
C ILE G 42 -22.04 26.53 23.75
N ILE G 43 -22.32 26.02 22.55
CA ILE G 43 -21.34 25.99 21.47
C ILE G 43 -20.79 27.38 21.20
N ASP G 44 -21.66 28.38 21.12
CA ASP G 44 -21.21 29.73 20.76
C ASP G 44 -20.23 30.23 21.78
N ALA G 45 -20.40 29.83 23.05
CA ALA G 45 -19.44 30.33 24.09
C ALA G 45 -18.12 29.58 24.13
N LEU G 46 -18.16 28.30 23.79
CA LEU G 46 -16.92 27.52 23.73
C LEU G 46 -16.04 28.06 22.58
N VAL G 47 -16.67 28.33 21.46
CA VAL G 47 -16.01 28.83 20.28
C VAL G 47 -15.34 30.18 20.57
N LYS G 48 -16.10 31.09 21.19
CA LYS G 48 -15.60 32.43 21.45
C LYS G 48 -14.44 32.31 22.41
N GLY G 49 -14.58 31.41 23.37
CA GLY G 49 -13.45 31.18 24.28
C GLY G 49 -12.23 30.71 23.47
N ALA G 50 -12.42 29.83 22.49
CA ALA G 50 -11.23 29.32 21.75
C ALA G 50 -10.64 30.47 20.90
N ILE G 51 -11.52 31.21 20.24
CA ILE G 51 -11.09 32.29 19.33
C ILE G 51 -10.37 33.35 20.14
N ASP G 52 -10.98 33.71 21.29
CA ASP G 52 -10.43 34.81 22.08
C ASP G 52 -9.00 34.43 22.54
N ARG G 53 -8.83 33.19 23.03
CA ARG G 53 -7.49 32.74 23.46
C ARG G 53 -6.43 32.70 22.36
N MET G 54 -6.86 32.25 21.19
CA MET G 54 -5.91 32.12 20.15
C MET G 54 -5.49 33.53 19.65
N LEU G 55 -6.44 34.43 19.49
CA LEU G 55 -6.11 35.88 19.22
C LEU G 55 -5.11 36.41 20.24
N SER G 56 -5.38 36.22 21.53
CA SER G 56 -4.37 36.64 22.52
C SER G 56 -3.03 35.97 22.33
N LEU G 57 -3.02 34.78 21.70
CA LEU G 57 -1.75 34.10 21.47
C LEU G 57 -1.18 34.48 20.11
N GLY G 58 -1.89 35.34 19.37
CA GLY G 58 -1.29 35.98 18.21
C GLY G 58 -1.69 35.32 16.91
N VAL G 59 -2.55 34.27 16.96
CA VAL G 59 -3.14 33.79 15.71
C VAL G 59 -3.85 35.04 15.09
N LYS G 60 -3.79 35.26 13.79
CA LYS G 60 -4.61 36.39 13.23
C LYS G 60 -6.05 36.00 12.92
N GLU G 61 -6.96 36.97 13.08
CA GLU G 61 -8.41 36.76 12.89
C GLU G 61 -8.67 36.10 11.56
N GLU G 62 -7.96 36.56 10.54
CA GLU G 62 -8.28 36.10 9.22
C GLU G 62 -7.78 34.66 9.00
N ASN G 63 -6.94 34.16 9.91
CA ASN G 63 -6.46 32.77 9.85
C ASN G 63 -7.16 31.81 10.82
N ILE G 64 -8.27 32.26 11.40
CA ILE G 64 -9.18 31.36 12.12
C ILE G 64 -10.40 31.04 11.25
N ILE G 65 -10.48 29.79 10.80
CA ILE G 65 -11.52 29.41 9.86
C ILE G 65 -12.61 28.57 10.59
N VAL G 66 -13.87 28.99 10.46
CA VAL G 66 -14.98 28.38 11.23
C VAL G 66 -15.91 27.64 10.28
N GLU G 67 -16.18 26.38 10.59
CA GLU G 67 -17.10 25.57 9.80
C GLU G 67 -18.13 24.95 10.77
N THR G 68 -19.23 24.43 10.23
CA THR G 68 -20.22 23.83 11.10
C THR G 68 -20.73 22.53 10.49
N VAL G 69 -21.22 21.67 11.37
CA VAL G 69 -21.89 20.47 10.98
C VAL G 69 -23.17 20.35 11.82
N PRO G 70 -24.10 19.48 11.41
CA PRO G 70 -25.28 19.45 12.29
C PRO G 70 -25.07 18.80 13.67
N GLY G 71 -24.55 17.59 13.71
CA GLY G 71 -24.44 16.91 15.01
C GLY G 71 -23.01 16.54 15.31
N SER G 72 -22.73 16.18 16.56
CA SER G 72 -21.40 15.77 16.93
C SER G 72 -20.86 14.65 16.06
N PHE G 73 -21.73 13.73 15.64
CA PHE G 73 -21.32 12.55 14.93
C PHE G 73 -20.73 12.92 13.57
N GLU G 74 -21.12 14.08 13.01
CA GLU G 74 -20.57 14.59 11.75
C GLU G 74 -19.21 15.30 11.92
N LEU G 75 -18.82 15.56 13.16
CA LEU G 75 -17.52 16.19 13.45
C LEU G 75 -16.28 15.50 12.83
N PRO G 76 -16.13 14.17 13.01
CA PRO G 76 -14.89 13.55 12.44
C PRO G 76 -14.79 13.63 10.91
N TYR G 77 -15.83 13.17 10.21
CA TYR G 77 -15.78 13.22 8.74
C TYR G 77 -15.73 14.70 8.26
N GLY G 78 -16.46 15.54 8.96
CA GLY G 78 -16.49 16.93 8.56
C GLY G 78 -15.09 17.50 8.75
N SER G 79 -14.40 17.11 9.83
CA SER G 79 -13.07 17.71 10.09
C SER G 79 -12.07 17.31 9.02
N LYS G 80 -12.11 16.04 8.61
CA LYS G 80 -11.33 15.51 7.49
C LYS G 80 -11.54 16.28 6.19
N ARG G 81 -12.79 16.46 5.82
CA ARG G 81 -13.13 17.07 4.60
C ARG G 81 -12.79 18.58 4.64
N PHE G 82 -13.00 19.21 5.78
CA PHE G 82 -12.58 20.58 6.07
C PHE G 82 -11.12 20.77 5.76
N ALA G 83 -10.31 19.92 6.40
CA ALA G 83 -8.86 19.94 6.23
C ALA G 83 -8.51 19.69 4.78
N GLU G 84 -9.12 18.68 4.15
CA GLU G 84 -8.79 18.38 2.79
C GLU G 84 -9.11 19.56 1.88
N LYS G 85 -10.30 20.13 2.06
CA LYS G 85 -10.73 21.27 1.24
C LYS G 85 -9.80 22.45 1.42
N GLN G 86 -9.34 22.63 2.64
CA GLN G 86 -8.49 23.77 2.90
C GLN G 86 -7.11 23.61 2.21
N ALA G 87 -6.52 22.42 2.31
CA ALA G 87 -5.24 22.17 1.60
C ALA G 87 -5.40 22.39 0.11
N LYS G 88 -6.49 21.92 -0.44
CA LYS G 88 -6.63 21.92 -1.87
C LYS G 88 -6.84 23.37 -2.44
N LYS G 89 -7.35 24.29 -1.65
CA LYS G 89 -7.42 25.66 -2.16
C LYS G 89 -6.17 26.44 -1.72
N GLY G 90 -5.14 25.75 -1.23
CA GLY G 90 -3.85 26.39 -0.93
C GLY G 90 -3.88 27.09 0.40
N GLU G 91 -4.88 26.76 1.27
CA GLU G 91 -4.92 27.39 2.61
C GLU G 91 -4.93 26.39 3.74
N PRO G 92 -3.85 25.61 3.86
CA PRO G 92 -4.02 24.44 4.75
C PRO G 92 -4.09 24.86 6.18
N LEU G 93 -4.85 24.11 6.97
CA LEU G 93 -4.88 24.21 8.40
C LEU G 93 -3.65 23.56 9.05
N ASP G 94 -3.25 24.09 10.19
CA ASP G 94 -2.14 23.57 10.95
C ASP G 94 -2.70 22.67 12.05
N VAL G 95 -3.99 22.86 12.40
CA VAL G 95 -4.64 22.22 13.57
C VAL G 95 -6.14 22.42 13.37
N VAL G 96 -6.94 21.40 13.72
CA VAL G 96 -8.37 21.58 13.76
C VAL G 96 -8.94 21.38 15.21
N ILE G 97 -9.98 22.15 15.53
CA ILE G 97 -10.67 22.06 16.82
C ILE G 97 -12.17 21.74 16.57
N PRO G 98 -12.49 20.42 16.43
CA PRO G 98 -13.90 19.93 16.39
C PRO G 98 -14.58 20.21 17.75
N ILE G 99 -15.67 20.92 17.77
CA ILE G 99 -16.29 21.28 19.04
C ILE G 99 -17.72 20.83 18.98
N GLY G 100 -18.18 20.17 20.04
CA GLY G 100 -19.60 19.71 20.11
C GLY G 100 -19.96 19.55 21.58
N VAL G 101 -21.27 19.58 21.86
CA VAL G 101 -21.79 19.48 23.20
C VAL G 101 -22.83 18.37 23.22
N LEU G 102 -22.51 17.30 23.95
CA LEU G 102 -23.38 16.17 24.12
C LEU G 102 -23.81 16.15 25.62
N ILE G 103 -25.12 16.06 25.84
CA ILE G 103 -25.71 15.95 27.17
C ILE G 103 -26.58 14.67 27.26
N LYS G 104 -26.26 13.80 28.23
CA LYS G 104 -26.98 12.54 28.46
C LYS G 104 -28.49 12.73 28.42
N GLY G 105 -29.16 12.03 27.52
CA GLY G 105 -30.63 11.98 27.42
C GLY G 105 -31.16 10.70 28.06
N SER G 106 -32.41 10.33 27.80
CA SER G 106 -33.00 9.08 28.34
C SER G 106 -32.45 7.79 27.72
N THR G 107 -32.09 7.86 26.43
CA THR G 107 -31.63 6.63 25.83
C THR G 107 -30.12 6.50 25.88
N MET G 108 -29.59 5.57 25.07
CA MET G 108 -28.19 5.31 25.11
C MET G 108 -27.51 6.08 23.97
N HIS G 109 -28.27 6.88 23.24
CA HIS G 109 -27.73 7.66 22.15
C HIS G 109 -26.41 8.37 22.56
N PHE G 110 -26.47 9.11 23.66
CA PHE G 110 -25.35 9.86 24.20
C PHE G 110 -24.06 9.03 24.30
N GLU G 111 -24.15 7.88 24.95
CA GLU G 111 -22.98 7.01 25.05
C GLU G 111 -22.41 6.56 23.66
N TYR G 112 -23.28 6.16 22.74
CA TYR G 112 -22.76 5.64 21.45
C TYR G 112 -22.20 6.74 20.51
N ILE G 113 -22.77 7.95 20.58
CA ILE G 113 -22.26 9.08 19.86
C ILE G 113 -20.94 9.45 20.51
N SER G 114 -20.90 9.55 21.84
CA SER G 114 -19.71 10.13 22.46
C SER G 114 -18.51 9.25 22.19
N ASP G 115 -18.73 7.96 22.24
CA ASP G 115 -17.61 7.06 22.20
C ASP G 115 -17.08 6.86 20.76
N SER G 116 -17.99 6.73 19.79
CA SER G 116 -17.53 6.54 18.43
C SER G 116 -16.82 7.86 17.94
N THR G 117 -17.35 9.00 18.39
CA THR G 117 -16.85 10.29 17.96
C THR G 117 -15.51 10.64 18.60
N THR G 118 -15.39 10.44 19.91
CA THR G 118 -14.11 10.53 20.52
C THR G 118 -13.02 9.69 19.83
N GLN G 119 -13.25 8.39 19.61
CA GLN G 119 -12.27 7.54 18.96
C GLN G 119 -11.88 8.04 17.54
N ALA G 120 -12.87 8.45 16.77
CA ALA G 120 -12.67 8.90 15.40
C ALA G 120 -11.89 10.28 15.36
N ILE G 121 -12.11 11.17 16.34
CA ILE G 121 -11.29 12.41 16.47
C ILE G 121 -9.86 12.03 16.84
N MET G 122 -9.67 11.18 17.85
CA MET G 122 -8.33 10.68 18.11
C MET G 122 -7.67 10.12 16.81
N ASN G 123 -8.37 9.30 16.03
CA ASN G 123 -7.77 8.62 14.87
C ASN G 123 -7.77 9.47 13.64
N LEU G 124 -8.44 10.61 13.70
CA LEU G 124 -8.32 11.53 12.62
C LEU G 124 -6.83 12.04 12.37
N GLN G 125 -6.10 12.31 13.45
CA GLN G 125 -4.83 12.99 13.34
C GLN G 125 -3.86 12.35 12.34
N ASP G 126 -3.71 11.03 12.39
CA ASP G 126 -2.84 10.37 11.49
C ASP G 126 -3.36 10.37 10.08
N LYS G 127 -4.67 10.56 9.86
CA LYS G 127 -5.15 10.61 8.49
C LYS G 127 -4.93 11.93 7.82
N ILE G 128 -4.96 13.04 8.57
CA ILE G 128 -4.82 14.37 7.92
C ILE G 128 -3.48 14.98 8.30
N ASN G 129 -2.71 14.28 9.17
CA ASN G 129 -1.33 14.64 9.56
C ASN G 129 -1.27 16.05 10.21
N ILE G 130 -2.28 16.41 11.00
CA ILE G 130 -2.20 17.58 11.83
C ILE G 130 -2.84 17.26 13.16
N PRO G 131 -2.54 18.03 14.22
CA PRO G 131 -3.21 17.68 15.48
C PRO G 131 -4.68 18.06 15.44
N VAL G 132 -5.46 17.33 16.25
CA VAL G 132 -6.87 17.59 16.36
C VAL G 132 -7.19 17.74 17.84
N ILE G 133 -7.70 18.91 18.22
CA ILE G 133 -7.94 19.20 19.62
C ILE G 133 -9.32 18.65 19.97
N PHE G 134 -9.44 17.92 21.10
CA PHE G 134 -10.71 17.32 21.46
C PHE G 134 -11.66 18.32 22.07
N GLY G 135 -12.62 18.82 21.31
CA GLY G 135 -13.41 19.89 21.83
C GLY G 135 -14.83 19.48 22.14
N LEU G 136 -15.02 18.22 22.50
CA LEU G 136 -16.33 17.65 22.81
C LEU G 136 -16.66 17.69 24.29
N LEU G 137 -17.79 18.29 24.67
CA LEU G 137 -18.23 18.14 26.07
C LEU G 137 -19.15 16.94 26.12
N THR G 138 -18.92 16.07 27.11
CA THR G 138 -19.76 14.88 27.26
C THR G 138 -20.33 14.90 28.69
N CYS G 139 -21.44 15.62 28.83
CA CYS G 139 -21.99 15.98 30.11
C CYS G 139 -23.26 15.19 30.44
N LEU G 140 -23.37 14.86 31.74
CA LEU G 140 -24.61 14.26 32.29
C LEU G 140 -25.74 15.27 32.39
N THR G 141 -25.43 16.56 32.61
CA THR G 141 -26.51 17.58 32.76
C THR G 141 -26.20 18.82 31.96
N GLU G 142 -27.26 19.54 31.63
CA GLU G 142 -27.13 20.85 31.00
C GLU G 142 -26.30 21.84 31.78
N GLU G 143 -26.51 21.86 33.09
CA GLU G 143 -25.74 22.70 33.97
C GLU G 143 -24.23 22.37 33.93
N GLN G 144 -23.85 21.09 33.97
CA GLN G 144 -22.45 20.76 33.75
C GLN G 144 -21.89 21.34 32.44
N ALA G 145 -22.65 21.33 31.34
CA ALA G 145 -22.17 21.90 30.10
C ALA G 145 -22.03 23.44 30.24
N LEU G 146 -22.99 24.11 30.91
CA LEU G 146 -22.86 25.55 31.11
C LEU G 146 -21.64 25.90 31.96
N ALA G 147 -21.38 25.12 32.97
CA ALA G 147 -20.25 25.50 33.78
C ALA G 147 -18.98 25.40 32.89
N ARG G 148 -18.94 24.35 32.06
CA ARG G 148 -17.72 24.03 31.27
C ARG G 148 -17.47 25.00 30.08
N ALA G 149 -18.53 25.77 29.78
CA ALA G 149 -18.41 26.88 28.86
C ALA G 149 -18.38 28.25 29.58
N GLY G 150 -18.22 28.26 30.91
CA GLY G 150 -18.18 29.49 31.74
C GLY G 150 -19.44 30.36 31.65
N ILE G 151 -20.56 29.77 31.25
CA ILE G 151 -21.78 30.54 31.24
C ILE G 151 -22.85 30.05 32.23
N ASP G 152 -22.47 29.30 33.26
CA ASP G 152 -23.41 28.96 34.33
C ASP G 152 -23.58 30.20 35.23
N GLU G 153 -24.71 30.26 35.94
CA GLU G 153 -25.00 31.43 36.79
C GLU G 153 -23.90 31.59 37.85
N GLY G 154 -23.43 30.50 38.45
CA GLY G 154 -22.40 30.59 39.48
C GLY G 154 -20.95 30.90 39.04
N LYS G 155 -20.72 30.90 37.71
CA LYS G 155 -19.37 30.88 37.12
C LYS G 155 -18.45 29.97 37.94
N THR G 156 -18.88 28.71 38.10
CA THR G 156 -18.22 27.78 39.04
C THR G 156 -16.87 27.28 38.53
N MET G 157 -16.71 27.31 37.21
CA MET G 157 -15.46 26.85 36.57
C MET G 157 -14.91 27.89 35.59
N HIS G 158 -14.50 27.45 34.41
CA HIS G 158 -14.06 28.38 33.38
C HIS G 158 -14.43 27.83 32.01
N ASN G 159 -14.20 28.64 31.00
CA ASN G 159 -14.59 28.27 29.67
C ASN G 159 -13.51 27.36 29.10
N HIS G 160 -13.78 26.06 29.07
CA HIS G 160 -12.88 25.08 28.42
C HIS G 160 -12.43 25.42 26.97
N GLY G 161 -13.25 26.20 26.26
CA GLY G 161 -12.91 26.64 24.92
C GLY G 161 -11.53 27.29 24.93
N GLU G 162 -11.21 27.96 26.00
CA GLU G 162 -9.91 28.60 26.06
C GLU G 162 -8.73 27.64 26.09
N ASP G 163 -8.91 26.53 26.79
CA ASP G 163 -7.90 25.52 26.94
C ASP G 163 -7.69 24.92 25.59
N TRP G 164 -8.78 24.75 24.84
CA TRP G 164 -8.71 24.21 23.51
C TRP G 164 -7.89 25.09 22.55
N GLY G 165 -8.10 26.40 22.64
CA GLY G 165 -7.41 27.31 21.78
C GLY G 165 -5.97 27.34 22.18
N ALA G 166 -5.65 27.33 23.50
CA ALA G 166 -4.22 27.32 23.85
C ALA G 166 -3.60 26.02 23.38
N ALA G 167 -4.33 24.89 23.53
CA ALA G 167 -3.80 23.56 23.09
C ALA G 167 -3.46 23.53 21.57
N ALA G 168 -4.35 24.10 20.76
CA ALA G 168 -4.23 24.10 19.27
C ALA G 168 -2.95 24.80 18.84
N VAL G 169 -2.70 25.97 19.46
CA VAL G 169 -1.50 26.75 19.15
C VAL G 169 -0.27 25.97 19.57
N GLU G 170 -0.26 25.43 20.80
CA GLU G 170 0.91 24.71 21.26
C GLU G 170 1.11 23.48 20.35
N MET G 171 0.07 22.73 20.08
CA MET G 171 0.33 21.46 19.33
C MET G 171 0.79 21.80 17.93
N ALA G 172 0.19 22.84 17.29
CA ALA G 172 0.59 23.18 15.90
C ALA G 172 2.05 23.67 15.90
N THR G 173 2.44 24.47 16.88
CA THR G 173 3.75 25.03 16.81
C THR G 173 4.85 24.04 17.27
N LYS G 174 4.63 23.28 18.36
CA LYS G 174 5.70 22.41 18.89
C LYS G 174 5.85 21.20 18.02
N PHE G 175 4.76 20.76 17.42
CA PHE G 175 4.87 19.57 16.62
C PHE G 175 4.54 19.75 15.11
N GLY G 176 4.37 20.98 14.60
CA GLY G 176 4.09 21.13 13.17
C GLY G 176 5.22 20.60 12.27
N ALA G 177 4.84 20.08 11.09
CA ALA G 177 5.78 19.54 10.09
C ALA G 177 7.19 20.25 9.97
N ASN G 178 7.21 21.59 10.03
CA ASN G 178 8.48 22.36 9.96
C ASN G 178 9.34 22.52 11.24
N GLN H 22 -27.32 28.48 7.13
CA GLN H 22 -27.49 28.36 5.65
C GLN H 22 -28.61 27.39 5.21
N ASN H 23 -29.03 27.47 3.94
CA ASN H 23 -30.05 26.56 3.39
C ASN H 23 -29.50 25.80 2.16
N TYR H 24 -29.75 24.49 2.09
CA TYR H 24 -29.03 23.60 1.14
C TYR H 24 -29.91 23.09 -0.01
N ASP H 25 -29.38 23.10 -1.21
CA ASP H 25 -30.14 22.56 -2.31
C ASP H 25 -29.72 21.11 -2.68
N GLY H 26 -30.60 20.15 -2.45
CA GLY H 26 -30.24 18.77 -2.70
C GLY H 26 -30.57 18.27 -4.10
N SER H 27 -31.04 19.14 -4.98
CA SER H 27 -31.47 18.74 -6.35
C SER H 27 -30.45 17.87 -7.11
N LYS H 28 -29.16 18.14 -6.90
CA LYS H 28 -28.12 17.37 -7.61
C LYS H 28 -27.75 16.03 -6.93
N LEU H 29 -28.32 15.76 -5.76
CA LEU H 29 -27.87 14.68 -4.88
C LEU H 29 -28.52 13.35 -5.20
N ARG H 30 -27.77 12.24 -5.07
CA ARG H 30 -28.37 10.90 -5.04
C ARG H 30 -28.03 10.37 -3.63
N VAL H 31 -29.08 9.97 -2.87
CA VAL H 31 -28.95 9.54 -1.48
C VAL H 31 -29.41 8.11 -1.42
N GLY H 32 -28.67 7.31 -0.68
CA GLY H 32 -29.08 5.95 -0.43
C GLY H 32 -29.60 5.90 0.99
N ILE H 33 -30.71 5.20 1.18
CA ILE H 33 -31.21 4.85 2.51
C ILE H 33 -31.20 3.33 2.59
N ILE H 34 -30.53 2.79 3.58
CA ILE H 34 -30.52 1.35 3.77
C ILE H 34 -31.01 1.12 5.20
N HIS H 35 -32.06 0.28 5.33
CA HIS H 35 -32.61 0.01 6.70
C HIS H 35 -32.69 -1.44 7.06
N ALA H 36 -32.53 -1.70 8.36
CA ALA H 36 -32.76 -2.99 8.94
C ALA H 36 -34.30 -3.23 8.91
N ARG H 37 -34.68 -4.47 9.11
CA ARG H 37 -36.12 -4.77 9.01
C ARG H 37 -36.78 -5.14 10.35
N TRP H 38 -35.99 -5.28 11.43
CA TRP H 38 -36.58 -5.37 12.77
C TRP H 38 -37.26 -4.07 13.23
N ASN H 39 -38.28 -4.19 14.10
CA ASN H 39 -39.07 -3.02 14.61
C ASN H 39 -39.55 -2.19 13.44
N ARG H 40 -40.16 -2.90 12.49
CA ARG H 40 -40.54 -2.37 11.18
C ARG H 40 -41.40 -1.13 11.14
N VAL H 41 -42.33 -0.99 12.11
CA VAL H 41 -43.26 0.15 12.13
C VAL H 41 -42.49 1.42 12.43
N ILE H 42 -41.62 1.36 13.45
CA ILE H 42 -40.70 2.44 13.80
C ILE H 42 -39.71 2.81 12.64
N ILE H 43 -39.10 1.78 12.01
CA ILE H 43 -38.22 1.98 10.83
C ILE H 43 -39.00 2.81 9.80
N ASP H 44 -40.14 2.25 9.39
CA ASP H 44 -40.97 2.88 8.34
C ASP H 44 -41.16 4.36 8.66
N ALA H 45 -41.42 4.68 9.92
CA ALA H 45 -41.56 6.09 10.32
C ALA H 45 -40.30 6.97 10.22
N LEU H 46 -39.15 6.44 10.65
CA LEU H 46 -37.83 7.15 10.48
C LEU H 46 -37.51 7.39 9.00
N VAL H 47 -37.66 6.34 8.19
CA VAL H 47 -37.43 6.46 6.76
C VAL H 47 -38.35 7.50 6.11
N LYS H 48 -39.67 7.34 6.25
CA LYS H 48 -40.56 8.41 5.79
C LYS H 48 -40.15 9.85 6.16
N GLY H 49 -39.72 10.11 7.41
CA GLY H 49 -39.31 11.46 7.87
C GLY H 49 -38.03 11.95 7.14
N ALA H 50 -37.07 11.05 7.03
CA ALA H 50 -35.85 11.33 6.27
C ALA H 50 -36.22 11.71 4.84
N ILE H 51 -37.08 10.90 4.19
CA ILE H 51 -37.45 11.12 2.78
C ILE H 51 -38.22 12.41 2.67
N ASP H 52 -39.17 12.65 3.59
CA ASP H 52 -39.97 13.90 3.46
C ASP H 52 -39.03 15.12 3.59
N ARG H 53 -38.13 15.10 4.57
CA ARG H 53 -37.26 16.23 4.75
C ARG H 53 -36.37 16.48 3.54
N MET H 54 -35.97 15.42 2.84
CA MET H 54 -35.03 15.57 1.74
C MET H 54 -35.72 16.11 0.49
N LEU H 55 -36.92 15.59 0.24
CA LEU H 55 -37.81 16.12 -0.86
C LEU H 55 -37.95 17.58 -0.71
N SER H 56 -38.22 17.98 0.52
CA SER H 56 -38.43 19.37 0.78
C SER H 56 -37.14 20.23 0.79
N LEU H 57 -35.96 19.60 0.64
CA LEU H 57 -34.72 20.38 0.41
C LEU H 57 -34.27 20.20 -1.07
N GLY H 58 -35.14 19.56 -1.85
CA GLY H 58 -34.97 19.48 -3.31
C GLY H 58 -34.34 18.22 -3.88
N VAL H 59 -34.02 17.26 -3.02
CA VAL H 59 -33.57 16.01 -3.56
C VAL H 59 -34.73 15.41 -4.36
N LYS H 60 -34.46 14.88 -5.53
CA LYS H 60 -35.52 14.31 -6.37
C LYS H 60 -35.89 12.90 -5.98
N GLU H 61 -37.20 12.66 -5.97
CA GLU H 61 -37.75 11.34 -5.59
C GLU H 61 -36.98 10.18 -6.24
N GLU H 62 -36.70 10.31 -7.54
CA GLU H 62 -36.03 9.23 -8.26
C GLU H 62 -34.50 9.10 -7.96
N ASN H 63 -33.96 9.97 -7.10
CA ASN H 63 -32.58 9.95 -6.72
C ASN H 63 -32.48 9.58 -5.24
N ILE H 64 -33.58 9.10 -4.68
CA ILE H 64 -33.50 8.48 -3.37
C ILE H 64 -33.60 6.96 -3.59
N ILE H 65 -32.55 6.21 -3.27
CA ILE H 65 -32.52 4.76 -3.44
C ILE H 65 -32.66 4.07 -2.10
N VAL H 66 -33.55 3.06 -2.02
CA VAL H 66 -33.84 2.39 -0.76
C VAL H 66 -33.44 0.96 -0.82
N GLU H 67 -32.78 0.48 0.21
CA GLU H 67 -32.29 -0.88 0.24
C GLU H 67 -32.52 -1.35 1.66
N THR H 68 -32.52 -2.66 1.91
CA THR H 68 -32.79 -3.17 3.27
C THR H 68 -31.87 -4.31 3.61
N VAL H 69 -31.68 -4.50 4.90
CA VAL H 69 -30.95 -5.62 5.43
C VAL H 69 -31.73 -6.19 6.60
N PRO H 70 -31.43 -7.44 7.01
CA PRO H 70 -32.29 -8.00 8.09
C PRO H 70 -32.10 -7.29 9.41
N GLY H 71 -30.88 -7.27 9.97
CA GLY H 71 -30.70 -6.63 11.26
C GLY H 71 -29.69 -5.50 11.26
N SER H 72 -29.52 -4.89 12.42
CA SER H 72 -28.73 -3.71 12.48
C SER H 72 -27.26 -4.00 12.23
N PHE H 73 -26.79 -5.15 12.71
CA PHE H 73 -25.45 -5.63 12.52
C PHE H 73 -25.02 -5.67 11.03
N GLU H 74 -26.01 -5.88 10.13
CA GLU H 74 -25.75 -5.99 8.70
C GLU H 74 -25.66 -4.63 8.00
N LEU H 75 -25.96 -3.57 8.73
CA LEU H 75 -25.94 -2.22 8.18
C LEU H 75 -24.57 -1.73 7.65
N PRO H 76 -23.49 -2.01 8.38
CA PRO H 76 -22.22 -1.43 7.84
C PRO H 76 -21.81 -2.07 6.52
N TYR H 77 -21.76 -3.40 6.49
CA TYR H 77 -21.34 -4.11 5.30
C TYR H 77 -22.38 -3.90 4.16
N GLY H 78 -23.66 -4.07 4.50
CA GLY H 78 -24.78 -3.62 3.67
C GLY H 78 -24.54 -2.24 3.10
N SER H 79 -24.23 -1.26 3.93
CA SER H 79 -24.05 0.08 3.32
C SER H 79 -22.82 0.16 2.39
N LYS H 80 -21.77 -0.57 2.72
CA LYS H 80 -20.55 -0.56 1.91
C LYS H 80 -20.84 -1.13 0.53
N ARG H 81 -21.49 -2.30 0.50
CA ARG H 81 -21.69 -2.98 -0.76
C ARG H 81 -22.76 -2.25 -1.63
N PHE H 82 -23.77 -1.71 -0.93
CA PHE H 82 -24.72 -0.84 -1.54
C PHE H 82 -24.01 0.34 -2.26
N ALA H 83 -23.16 1.11 -1.57
CA ALA H 83 -22.38 2.20 -2.23
C ALA H 83 -21.58 1.72 -3.46
N GLU H 84 -20.95 0.54 -3.33
CA GLU H 84 -20.14 -0.05 -4.40
C GLU H 84 -20.95 -0.41 -5.60
N LYS H 85 -22.09 -1.05 -5.35
CA LYS H 85 -22.97 -1.50 -6.41
C LYS H 85 -23.48 -0.30 -7.20
N GLN H 86 -23.91 0.72 -6.47
CA GLN H 86 -24.44 1.94 -7.06
C GLN H 86 -23.35 2.60 -7.90
N ALA H 87 -22.10 2.61 -7.39
CA ALA H 87 -21.00 3.27 -8.19
C ALA H 87 -20.75 2.46 -9.43
N LYS H 88 -20.77 1.17 -9.24
CA LYS H 88 -20.41 0.29 -10.35
C LYS H 88 -21.44 0.38 -11.51
N LYS H 89 -22.70 0.60 -11.24
CA LYS H 89 -23.59 0.78 -12.39
C LYS H 89 -23.73 2.23 -12.80
N GLY H 90 -22.86 3.12 -12.28
CA GLY H 90 -22.80 4.45 -12.82
C GLY H 90 -23.77 5.32 -12.10
N GLU H 91 -24.18 4.90 -10.91
CA GLU H 91 -25.17 5.69 -10.18
C GLU H 91 -24.69 5.95 -8.76
N PRO H 92 -23.45 6.51 -8.64
CA PRO H 92 -22.89 6.57 -7.30
C PRO H 92 -23.83 7.37 -6.38
N LEU H 93 -23.80 7.00 -5.11
CA LEU H 93 -24.44 7.73 -4.03
C LEU H 93 -23.59 8.93 -3.58
N ASP H 94 -24.20 9.96 -3.03
CA ASP H 94 -23.47 11.10 -2.54
C ASP H 94 -23.32 10.98 -1.06
N VAL H 95 -24.17 10.15 -0.43
CA VAL H 95 -24.24 10.03 1.03
C VAL H 95 -25.20 8.84 1.22
N VAL H 96 -25.02 8.09 2.30
CA VAL H 96 -25.87 6.97 2.65
C VAL H 96 -26.37 7.20 4.08
N ILE H 97 -27.61 6.79 4.32
CA ILE H 97 -28.21 6.93 5.67
C ILE H 97 -28.57 5.51 6.20
N PRO H 98 -27.62 4.81 6.88
CA PRO H 98 -28.06 3.54 7.47
C PRO H 98 -29.05 3.81 8.64
N ILE H 99 -30.15 3.03 8.66
CA ILE H 99 -31.25 3.17 9.68
C ILE H 99 -31.58 1.84 10.33
N GLY H 100 -31.48 1.82 11.65
CA GLY H 100 -31.83 0.63 12.42
C GLY H 100 -32.43 1.01 13.78
N VAL H 101 -33.14 0.07 14.42
CA VAL H 101 -33.77 0.40 15.74
C VAL H 101 -33.42 -0.72 16.62
N LEU H 102 -32.72 -0.39 17.68
CA LEU H 102 -32.26 -1.37 18.60
C LEU H 102 -32.90 -1.01 19.93
N ILE H 103 -33.49 -2.00 20.60
CA ILE H 103 -34.18 -1.77 21.89
C ILE H 103 -33.56 -2.72 22.89
N LYS H 104 -33.06 -2.19 24.00
CA LYS H 104 -32.51 -3.02 25.03
C LYS H 104 -33.45 -4.21 25.33
N GLY H 105 -32.87 -5.40 25.47
CA GLY H 105 -33.59 -6.64 25.73
C GLY H 105 -33.06 -7.16 27.03
N SER H 106 -33.26 -8.44 27.31
CA SER H 106 -32.77 -9.06 28.57
C SER H 106 -31.31 -9.34 28.62
N THR H 107 -30.74 -9.69 27.47
CA THR H 107 -29.28 -9.99 27.38
C THR H 107 -28.41 -8.73 27.12
N MET H 108 -27.11 -8.94 26.89
CA MET H 108 -26.23 -7.86 26.49
C MET H 108 -26.19 -7.70 24.95
N HIS H 109 -27.13 -8.31 24.24
CA HIS H 109 -27.11 -8.34 22.81
C HIS H 109 -27.10 -6.90 22.30
N PHE H 110 -28.02 -6.10 22.83
CA PHE H 110 -28.19 -4.72 22.48
C PHE H 110 -26.87 -3.90 22.61
N GLU H 111 -26.12 -4.11 23.69
CA GLU H 111 -24.86 -3.40 23.93
C GLU H 111 -23.84 -3.74 22.85
N TYR H 112 -23.69 -5.02 22.56
CA TYR H 112 -22.68 -5.43 21.63
C TYR H 112 -22.97 -5.14 20.17
N ILE H 113 -24.24 -5.23 19.78
CA ILE H 113 -24.65 -4.81 18.43
C ILE H 113 -24.48 -3.28 18.29
N SER H 114 -24.88 -2.57 19.32
CA SER H 114 -24.88 -1.14 19.24
C SER H 114 -23.46 -0.68 19.01
N ASP H 115 -22.57 -1.15 19.86
CA ASP H 115 -21.29 -0.65 19.96
C ASP H 115 -20.56 -0.91 18.63
N SER H 116 -20.63 -2.14 18.18
CA SER H 116 -19.83 -2.49 17.09
C SER H 116 -20.39 -1.87 15.80
N THR H 117 -21.70 -1.67 15.77
CA THR H 117 -22.34 -1.14 14.57
C THR H 117 -22.11 0.38 14.49
N THR H 118 -22.09 1.05 15.63
CA THR H 118 -21.85 2.51 15.67
C THR H 118 -20.43 2.82 15.11
N GLN H 119 -19.46 2.01 15.56
CA GLN H 119 -18.09 2.23 15.20
C GLN H 119 -17.84 1.92 13.71
N ALA H 120 -18.35 0.79 13.23
CA ALA H 120 -18.26 0.47 11.83
C ALA H 120 -19.00 1.46 10.94
N ILE H 121 -20.06 2.06 11.42
CA ILE H 121 -20.72 3.11 10.65
C ILE H 121 -19.80 4.40 10.61
N MET H 122 -19.30 4.83 11.76
CA MET H 122 -18.35 5.93 11.76
C MET H 122 -17.18 5.62 10.79
N ASN H 123 -16.65 4.40 10.80
CA ASN H 123 -15.42 4.06 10.10
C ASN H 123 -15.62 3.75 8.66
N LEU H 124 -16.85 3.44 8.28
CA LEU H 124 -17.17 3.20 6.89
C LEU H 124 -16.94 4.46 5.96
N GLN H 125 -17.11 5.66 6.52
CA GLN H 125 -17.00 6.84 5.71
C GLN H 125 -15.71 6.93 4.91
N ASP H 126 -14.59 6.60 5.50
CA ASP H 126 -13.33 6.66 4.80
C ASP H 126 -13.17 5.52 3.82
N LYS H 127 -13.91 4.42 3.99
CA LYS H 127 -13.83 3.38 3.01
C LYS H 127 -14.60 3.70 1.75
N ILE H 128 -15.76 4.32 1.83
CA ILE H 128 -16.47 4.56 0.59
C ILE H 128 -16.37 6.02 0.19
N ASN H 129 -15.78 6.82 1.08
CA ASN H 129 -15.44 8.23 0.79
C ASN H 129 -16.67 9.05 0.51
N ILE H 130 -17.73 8.84 1.26
CA ILE H 130 -18.94 9.70 1.24
C ILE H 130 -19.42 9.74 2.67
N PRO H 131 -20.13 10.84 3.04
CA PRO H 131 -20.65 10.85 4.38
C PRO H 131 -21.63 9.69 4.61
N VAL H 132 -21.69 9.24 5.85
CA VAL H 132 -22.66 8.21 6.27
C VAL H 132 -23.32 8.75 7.52
N ILE H 133 -24.64 8.98 7.42
CA ILE H 133 -25.39 9.59 8.50
C ILE H 133 -25.80 8.53 9.52
N PHE H 134 -25.69 8.84 10.82
CA PHE H 134 -25.92 7.84 11.81
C PHE H 134 -27.41 7.74 12.22
N GLY H 135 -28.11 6.77 11.64
CA GLY H 135 -29.53 6.63 11.86
C GLY H 135 -29.92 5.38 12.60
N LEU H 136 -29.18 5.09 13.66
CA LEU H 136 -29.47 4.00 14.56
C LEU H 136 -30.17 4.56 15.79
N LEU H 137 -31.36 4.08 16.11
CA LEU H 137 -31.88 4.34 17.47
C LEU H 137 -31.35 3.30 18.44
N THR H 138 -30.87 3.78 19.60
CA THR H 138 -30.40 2.87 20.61
C THR H 138 -31.19 3.07 21.91
N CYS H 139 -32.37 2.48 21.96
CA CYS H 139 -33.31 2.81 23.00
C CYS H 139 -33.39 1.78 24.14
N LEU H 140 -33.66 2.28 25.34
CA LEU H 140 -33.92 1.40 26.49
C LEU H 140 -35.30 0.71 26.47
N THR H 141 -36.27 1.34 25.79
CA THR H 141 -37.68 0.86 25.73
C THR H 141 -38.35 1.17 24.38
N GLU H 142 -39.35 0.39 23.97
CA GLU H 142 -40.09 0.66 22.68
C GLU H 142 -40.56 2.12 22.64
N GLU H 143 -41.04 2.61 23.77
CA GLU H 143 -41.73 3.90 23.82
C GLU H 143 -40.74 5.05 23.49
N GLN H 144 -39.49 4.93 23.97
CA GLN H 144 -38.42 5.86 23.60
C GLN H 144 -38.24 5.85 22.08
N ALA H 145 -38.19 4.64 21.52
CA ALA H 145 -38.08 4.50 20.09
C ALA H 145 -39.25 5.19 19.35
N LEU H 146 -40.50 4.92 19.80
CA LEU H 146 -41.68 5.47 19.15
C LEU H 146 -41.63 6.97 19.19
N ALA H 147 -41.24 7.51 20.33
CA ALA H 147 -41.12 8.97 20.46
C ALA H 147 -40.15 9.54 19.44
N ARG H 148 -39.00 8.87 19.27
CA ARG H 148 -37.92 9.45 18.47
C ARG H 148 -38.18 9.26 16.96
N ALA H 149 -39.26 8.54 16.69
CA ALA H 149 -39.76 8.29 15.35
C ALA H 149 -41.01 9.12 15.11
N GLY H 150 -41.34 9.91 16.12
CA GLY H 150 -42.51 10.82 16.08
C GLY H 150 -43.90 10.17 16.13
N ILE H 151 -43.97 8.92 16.59
CA ILE H 151 -45.17 8.12 16.53
C ILE H 151 -45.59 7.52 17.90
N ASP H 152 -45.06 8.00 19.02
CA ASP H 152 -45.68 7.78 20.36
C ASP H 152 -47.11 8.44 20.53
N GLU H 153 -47.98 7.83 21.32
CA GLU H 153 -49.26 8.47 21.69
C GLU H 153 -49.12 9.95 22.02
N GLY H 154 -48.29 10.26 23.01
CA GLY H 154 -48.14 11.65 23.45
C GLY H 154 -47.57 12.66 22.46
N LYS H 155 -47.00 12.18 21.35
CA LYS H 155 -46.25 13.00 20.34
C LYS H 155 -45.27 13.96 21.01
N THR H 156 -44.44 13.36 21.87
CA THR H 156 -43.64 14.07 22.86
C THR H 156 -42.31 14.62 22.33
N MET H 157 -41.76 14.08 21.24
CA MET H 157 -40.56 14.72 20.64
CA MET H 157 -40.52 14.59 20.63
C MET H 157 -40.69 15.01 19.15
N HIS H 158 -40.06 14.28 18.23
CA HIS H 158 -40.21 14.60 16.77
C HIS H 158 -39.55 13.49 16.02
N ASN H 159 -39.83 13.41 14.73
CA ASN H 159 -39.25 12.36 13.94
C ASN H 159 -37.75 12.65 13.65
N HIS H 160 -36.88 11.90 14.31
CA HIS H 160 -35.42 12.04 14.12
C HIS H 160 -34.99 11.71 12.72
N GLY H 161 -35.84 10.98 12.01
CA GLY H 161 -35.63 10.66 10.62
C GLY H 161 -35.43 11.92 9.80
N GLU H 162 -36.10 13.00 10.23
CA GLU H 162 -36.14 14.25 9.46
C GLU H 162 -34.76 14.89 9.58
N ASP H 163 -34.20 14.84 10.79
CA ASP H 163 -32.86 15.31 11.11
C ASP H 163 -31.84 14.57 10.25
N TRP H 164 -32.00 13.26 10.13
CA TRP H 164 -31.12 12.44 9.31
C TRP H 164 -31.08 12.91 7.88
N GLY H 165 -32.24 13.26 7.31
CA GLY H 165 -32.27 13.67 5.90
C GLY H 165 -31.66 15.06 5.71
N ALA H 166 -32.00 15.98 6.60
CA ALA H 166 -31.34 17.29 6.58
C ALA H 166 -29.80 17.19 6.58
N ALA H 167 -29.26 16.38 7.50
CA ALA H 167 -27.85 16.21 7.68
C ALA H 167 -27.24 15.54 6.46
N ALA H 168 -27.97 14.61 5.84
CA ALA H 168 -27.46 13.95 4.63
C ALA H 168 -27.26 14.98 3.49
N VAL H 169 -28.27 15.81 3.25
CA VAL H 169 -28.18 16.90 2.27
C VAL H 169 -27.01 17.86 2.56
N GLU H 170 -26.90 18.32 3.80
CA GLU H 170 -25.87 19.20 4.25
C GLU H 170 -24.44 18.58 4.10
N MET H 171 -24.24 17.37 4.61
CA MET H 171 -22.91 16.82 4.58
C MET H 171 -22.51 16.60 3.14
N ALA H 172 -23.45 16.14 2.33
CA ALA H 172 -23.11 15.90 0.95
C ALA H 172 -22.82 17.19 0.18
N THR H 173 -23.53 18.27 0.52
CA THR H 173 -23.36 19.51 -0.27
C THR H 173 -22.05 20.19 0.13
N LYS H 174 -21.83 20.25 1.41
CA LYS H 174 -20.78 21.01 2.00
C LYS H 174 -19.43 20.28 1.81
N PHE H 175 -19.46 18.96 1.86
CA PHE H 175 -18.24 18.23 1.90
C PHE H 175 -18.23 17.24 0.76
N GLY H 176 -19.13 17.41 -0.22
CA GLY H 176 -19.07 16.52 -1.42
C GLY H 176 -17.73 16.59 -2.15
N ALA H 177 -17.22 15.47 -2.65
CA ALA H 177 -16.02 15.44 -3.49
C ALA H 177 -15.80 16.71 -4.38
N ASN H 178 -16.84 17.17 -5.05
CA ASN H 178 -16.73 18.37 -5.88
C ASN H 178 -16.92 19.74 -5.17
N ALA H 179 -16.40 19.89 -3.96
CA ALA H 179 -16.13 21.21 -3.33
C ALA H 179 -15.96 21.01 -1.85
N GLN I 22 -38.39 -9.90 0.38
CA GLN I 22 -38.51 -10.81 -0.83
C GLN I 22 -37.97 -12.26 -0.61
N ASN I 23 -38.09 -13.09 -1.66
CA ASN I 23 -37.80 -14.53 -1.61
C ASN I 23 -36.45 -14.93 -2.26
N TYR I 24 -35.48 -15.36 -1.46
CA TYR I 24 -34.11 -15.68 -1.96
C TYR I 24 -33.86 -17.11 -2.43
N ASP I 25 -33.24 -17.28 -3.60
CA ASP I 25 -32.76 -18.61 -3.98
C ASP I 25 -31.32 -18.79 -3.56
N GLY I 26 -31.07 -19.81 -2.74
CA GLY I 26 -29.78 -20.02 -2.12
C GLY I 26 -29.06 -21.20 -2.72
N SER I 27 -29.62 -21.73 -3.81
CA SER I 27 -29.07 -22.92 -4.51
C SER I 27 -27.64 -22.70 -5.02
N LYS I 28 -27.28 -21.48 -5.33
CA LYS I 28 -25.92 -21.28 -5.78
C LYS I 28 -24.90 -21.01 -4.67
N LEU I 29 -25.34 -20.94 -3.41
CA LEU I 29 -24.45 -20.45 -2.36
C LEU I 29 -23.61 -21.55 -1.73
N ARG I 30 -22.36 -21.28 -1.38
CA ARG I 30 -21.66 -22.11 -0.40
C ARG I 30 -21.52 -21.33 0.92
N VAL I 31 -21.95 -21.95 2.03
CA VAL I 31 -22.05 -21.21 3.28
C VAL I 31 -21.16 -21.91 4.32
N GLY I 32 -20.44 -21.16 5.14
CA GLY I 32 -19.55 -21.80 6.10
C GLY I 32 -20.15 -21.51 7.44
N ILE I 33 -20.11 -22.49 8.32
CA ILE I 33 -20.61 -22.27 9.69
C ILE I 33 -19.42 -22.68 10.50
N ILE I 34 -19.06 -21.89 11.50
CA ILE I 34 -17.97 -22.27 12.32
C ILE I 34 -18.40 -21.96 13.73
N HIS I 35 -18.19 -22.94 14.64
CA HIS I 35 -18.79 -22.75 15.94
C HIS I 35 -17.79 -23.12 16.96
N ALA I 36 -17.88 -22.44 18.10
CA ALA I 36 -17.07 -22.78 19.25
C ALA I 36 -17.69 -24.03 19.98
N ARG I 37 -16.96 -24.61 20.93
CA ARG I 37 -17.35 -25.90 21.55
C ARG I 37 -17.93 -25.83 23.02
N TRP I 38 -17.86 -24.64 23.65
CA TRP I 38 -18.48 -24.39 24.96
C TRP I 38 -20.00 -24.27 24.88
N ASN I 39 -20.70 -24.76 25.90
CA ASN I 39 -22.15 -24.79 25.88
C ASN I 39 -22.68 -25.57 24.67
N ARG I 40 -22.10 -26.73 24.41
CA ARG I 40 -22.31 -27.44 23.15
C ARG I 40 -23.76 -27.73 22.84
N VAL I 41 -24.57 -27.96 23.88
CA VAL I 41 -25.97 -28.31 23.60
C VAL I 41 -26.70 -27.16 22.95
N ILE I 42 -26.48 -25.95 23.47
CA ILE I 42 -27.01 -24.73 22.86
C ILE I 42 -26.41 -24.49 21.44
N ILE I 43 -25.10 -24.63 21.31
CA ILE I 43 -24.41 -24.49 20.02
C ILE I 43 -25.07 -25.37 18.96
N ASP I 44 -25.08 -26.68 19.22
CA ASP I 44 -25.70 -27.63 18.27
C ASP I 44 -27.06 -27.26 17.81
N ALA I 45 -27.86 -26.65 18.68
CA ALA I 45 -29.24 -26.25 18.34
C ALA I 45 -29.27 -25.01 17.47
N LEU I 46 -28.33 -24.09 17.76
CA LEU I 46 -28.21 -22.85 16.96
C LEU I 46 -27.79 -23.23 15.53
N VAL I 47 -26.79 -24.07 15.47
CA VAL I 47 -26.29 -24.63 14.18
C VAL I 47 -27.41 -25.29 13.33
N LYS I 48 -28.12 -26.24 13.95
CA LYS I 48 -29.22 -26.96 13.33
C LYS I 48 -30.29 -26.00 12.83
N GLY I 49 -30.60 -24.98 13.62
CA GLY I 49 -31.52 -23.92 13.16
C GLY I 49 -30.99 -23.11 11.96
N ALA I 50 -29.68 -22.80 11.94
CA ALA I 50 -29.17 -22.10 10.78
C ALA I 50 -29.24 -23.05 9.59
N ILE I 51 -28.78 -24.29 9.78
CA ILE I 51 -28.73 -25.22 8.63
C ILE I 51 -30.13 -25.42 8.08
N ASP I 52 -31.12 -25.57 8.99
CA ASP I 52 -32.48 -25.92 8.51
C ASP I 52 -33.11 -24.77 7.77
N ARG I 53 -32.84 -23.54 8.21
CA ARG I 53 -33.42 -22.36 7.51
C ARG I 53 -32.81 -22.24 6.11
N MET I 54 -31.53 -22.54 5.99
CA MET I 54 -30.85 -22.41 4.69
C MET I 54 -31.36 -23.49 3.73
N LEU I 55 -31.45 -24.71 4.22
CA LEU I 55 -32.00 -25.82 3.41
C LEU I 55 -33.32 -25.37 2.90
N SER I 56 -34.13 -24.75 3.77
CA SER I 56 -35.45 -24.32 3.32
C SER I 56 -35.41 -23.15 2.35
N LEU I 57 -34.29 -22.42 2.30
CA LEU I 57 -34.18 -21.31 1.34
C LEU I 57 -33.44 -21.73 0.09
N GLY I 58 -33.09 -23.01 0.00
CA GLY I 58 -32.50 -23.52 -1.24
C GLY I 58 -31.02 -23.89 -1.26
N VAL I 59 -30.30 -23.67 -0.16
CA VAL I 59 -28.90 -24.02 -0.13
C VAL I 59 -28.76 -25.54 -0.09
N LYS I 60 -27.84 -26.10 -0.87
CA LYS I 60 -27.65 -27.53 -0.86
C LYS I 60 -26.78 -28.01 0.28
N GLU I 61 -27.25 -29.07 0.90
CA GLU I 61 -26.57 -29.76 1.98
C GLU I 61 -25.07 -29.87 1.80
N GLU I 62 -24.65 -30.27 0.62
CA GLU I 62 -23.22 -30.44 0.35
C GLU I 62 -22.47 -29.08 0.25
N ASN I 63 -23.20 -27.97 0.33
CA ASN I 63 -22.56 -26.66 0.15
C ASN I 63 -22.66 -25.95 1.48
N ILE I 64 -22.74 -26.72 2.54
CA ILE I 64 -22.78 -26.13 3.88
C ILE I 64 -21.63 -26.74 4.63
N ILE I 65 -20.65 -25.95 4.99
CA ILE I 65 -19.46 -26.57 5.56
C ILE I 65 -19.34 -26.16 7.01
N VAL I 66 -18.97 -27.09 7.88
CA VAL I 66 -18.99 -26.84 9.34
C VAL I 66 -17.61 -27.02 9.93
N GLU I 67 -17.16 -26.05 10.70
CA GLU I 67 -15.85 -26.10 11.29
C GLU I 67 -16.06 -25.69 12.75
N THR I 68 -15.11 -26.02 13.60
CA THR I 68 -15.23 -25.66 15.00
C THR I 68 -13.94 -25.05 15.52
N VAL I 69 -14.12 -24.29 16.59
CA VAL I 69 -12.94 -23.74 17.31
C VAL I 69 -13.17 -24.00 18.81
N PRO I 70 -12.14 -23.94 19.60
CA PRO I 70 -12.37 -24.19 21.02
C PRO I 70 -13.29 -23.19 21.79
N GLY I 71 -13.04 -21.89 21.71
CA GLY I 71 -13.86 -20.89 22.46
C GLY I 71 -14.24 -19.76 21.54
N SER I 72 -15.09 -18.90 22.02
CA SER I 72 -15.53 -17.82 21.20
C SER I 72 -14.40 -16.88 20.70
N PHE I 73 -13.32 -16.71 21.46
CA PHE I 73 -12.23 -15.84 21.10
C PHE I 73 -11.60 -16.28 19.76
N GLU I 74 -11.64 -17.58 19.50
CA GLU I 74 -10.97 -18.17 18.37
C GLU I 74 -11.77 -18.01 17.12
N LEU I 75 -13.02 -17.59 17.26
CA LEU I 75 -13.94 -17.43 16.14
C LEU I 75 -13.45 -16.53 14.99
N PRO I 76 -12.93 -15.31 15.32
CA PRO I 76 -12.57 -14.37 14.25
C PRO I 76 -11.39 -14.87 13.40
N TYR I 77 -10.28 -15.32 14.00
CA TYR I 77 -9.17 -15.79 13.26
C TYR I 77 -9.52 -17.14 12.57
N GLY I 78 -10.26 -17.96 13.31
CA GLY I 78 -10.78 -19.24 12.77
C GLY I 78 -11.59 -18.99 11.50
N SER I 79 -12.50 -18.02 11.57
CA SER I 79 -13.33 -17.73 10.45
C SER I 79 -12.51 -17.26 9.20
N LYS I 80 -11.48 -16.45 9.44
CA LYS I 80 -10.62 -15.93 8.40
C LYS I 80 -9.84 -17.05 7.73
N ARG I 81 -9.22 -17.91 8.50
CA ARG I 81 -8.43 -18.98 7.92
C ARG I 81 -9.34 -19.96 7.22
N PHE I 82 -10.53 -20.17 7.78
CA PHE I 82 -11.54 -21.04 7.16
C PHE I 82 -11.86 -20.53 5.76
N ALA I 83 -12.11 -19.23 5.62
CA ALA I 83 -12.51 -18.66 4.32
C ALA I 83 -11.34 -18.76 3.41
N GLU I 84 -10.16 -18.52 3.96
CA GLU I 84 -8.95 -18.60 3.15
C GLU I 84 -8.68 -19.97 2.64
N LYS I 85 -8.72 -20.99 3.53
CA LYS I 85 -8.50 -22.37 3.13
C LYS I 85 -9.47 -22.81 2.08
N GLN I 86 -10.73 -22.42 2.26
CA GLN I 86 -11.80 -22.79 1.31
C GLN I 86 -11.56 -22.20 -0.08
N ALA I 87 -11.17 -20.90 -0.14
CA ALA I 87 -10.79 -20.27 -1.43
C ALA I 87 -9.58 -20.93 -2.07
N LYS I 88 -8.56 -21.26 -1.27
CA LYS I 88 -7.38 -21.86 -1.82
C LYS I 88 -7.61 -23.22 -2.49
N LYS I 89 -8.57 -23.99 -1.96
CA LYS I 89 -8.89 -25.27 -2.58
C LYS I 89 -9.96 -25.14 -3.66
N GLY I 90 -10.40 -23.94 -3.97
CA GLY I 90 -11.32 -23.76 -5.11
C GLY I 90 -12.76 -23.94 -4.71
N GLU I 91 -13.06 -23.76 -3.42
CA GLU I 91 -14.42 -23.94 -2.88
C GLU I 91 -14.74 -22.80 -1.94
N PRO I 92 -14.66 -21.54 -2.47
CA PRO I 92 -14.82 -20.30 -1.66
C PRO I 92 -16.22 -20.25 -1.01
N LEU I 93 -16.29 -19.69 0.20
CA LEU I 93 -17.51 -19.42 0.82
C LEU I 93 -18.10 -18.15 0.31
N ASP I 94 -19.41 -18.05 0.30
CA ASP I 94 -20.02 -16.81 -0.09
C ASP I 94 -20.36 -16.05 1.19
N VAL I 95 -20.36 -16.75 2.35
CA VAL I 95 -20.73 -16.06 3.58
C VAL I 95 -20.30 -17.00 4.67
N VAL I 96 -20.08 -16.48 5.88
CA VAL I 96 -19.68 -17.31 6.96
C VAL I 96 -20.52 -16.92 8.20
N ILE I 97 -20.83 -17.92 9.03
CA ILE I 97 -21.60 -17.69 10.26
C ILE I 97 -20.80 -18.21 11.46
N PRO I 98 -20.07 -17.32 12.15
CA PRO I 98 -19.40 -17.75 13.38
C PRO I 98 -20.46 -17.84 14.53
N ILE I 99 -20.50 -18.96 15.26
CA ILE I 99 -21.46 -19.17 16.33
C ILE I 99 -20.73 -19.53 17.60
N GLY I 100 -21.04 -18.83 18.69
CA GLY I 100 -20.45 -19.19 19.96
C GLY I 100 -21.48 -18.72 20.99
N VAL I 101 -21.37 -19.20 22.25
CA VAL I 101 -22.39 -18.81 23.28
C VAL I 101 -21.61 -18.36 24.47
N LEU I 102 -21.77 -17.12 24.86
CA LEU I 102 -21.07 -16.63 26.03
C LEU I 102 -22.11 -16.33 27.09
N ILE I 103 -21.77 -16.64 28.33
CA ILE I 103 -22.68 -16.48 29.42
C ILE I 103 -21.91 -15.85 30.53
N LYS I 104 -22.38 -14.70 30.98
CA LYS I 104 -21.75 -14.00 32.08
C LYS I 104 -21.36 -14.92 33.24
N GLY I 105 -20.12 -14.83 33.73
CA GLY I 105 -19.71 -15.56 34.92
C GLY I 105 -19.41 -14.53 36.01
N SER I 106 -18.56 -14.86 36.97
CA SER I 106 -18.30 -13.85 38.00
C SER I 106 -17.09 -12.93 37.80
N THR I 107 -16.23 -13.20 36.80
CA THR I 107 -15.17 -12.30 36.43
C THR I 107 -15.56 -11.39 35.27
N MET I 108 -14.63 -10.54 34.80
CA MET I 108 -14.99 -9.69 33.66
C MET I 108 -14.68 -10.37 32.31
N HIS I 109 -14.23 -11.61 32.41
CA HIS I 109 -13.97 -12.43 31.25
C HIS I 109 -15.05 -12.31 30.20
N PHE I 110 -16.29 -12.52 30.58
CA PHE I 110 -17.38 -12.46 29.62
C PHE I 110 -17.32 -11.16 28.80
N GLU I 111 -17.20 -10.02 29.49
CA GLU I 111 -17.29 -8.71 28.88
C GLU I 111 -16.16 -8.47 27.83
N TYR I 112 -14.92 -8.80 28.20
CA TYR I 112 -13.81 -8.62 27.30
C TYR I 112 -13.74 -9.52 26.07
N ILE I 113 -14.01 -10.83 26.22
CA ILE I 113 -14.22 -11.71 25.07
C ILE I 113 -15.38 -11.15 24.25
N SER I 114 -16.48 -10.76 24.89
CA SER I 114 -17.63 -10.41 24.08
C SER I 114 -17.28 -9.19 23.21
N ASP I 115 -16.71 -8.21 23.84
CA ASP I 115 -16.43 -6.95 23.21
C ASP I 115 -15.45 -7.10 22.02
N SER I 116 -14.34 -7.78 22.28
CA SER I 116 -13.30 -7.82 21.28
C SER I 116 -13.66 -8.86 20.20
N THR I 117 -14.47 -9.87 20.54
CA THR I 117 -14.94 -10.85 19.55
C THR I 117 -15.94 -10.23 18.58
N THR I 118 -16.87 -9.48 19.14
CA THR I 118 -17.87 -8.86 18.33
C THR I 118 -17.25 -7.86 17.37
N GLN I 119 -16.37 -7.01 17.85
CA GLN I 119 -15.74 -6.05 16.95
C GLN I 119 -14.85 -6.77 15.83
N ALA I 120 -14.16 -7.84 16.20
CA ALA I 120 -13.35 -8.59 15.23
C ALA I 120 -14.20 -9.33 14.22
N ILE I 121 -15.38 -9.82 14.60
CA ILE I 121 -16.31 -10.43 13.65
C ILE I 121 -16.75 -9.32 12.69
N MET I 122 -17.11 -8.16 13.20
CA MET I 122 -17.56 -7.11 12.32
C MET I 122 -16.45 -6.70 11.31
N ASN I 123 -15.22 -6.51 11.84
CA ASN I 123 -14.05 -6.12 11.02
C ASN I 123 -13.54 -7.21 10.12
N LEU I 124 -14.02 -8.42 10.32
CA LEU I 124 -13.53 -9.49 9.49
C LEU I 124 -14.07 -9.29 8.06
N GLN I 125 -15.27 -8.73 7.93
CA GLN I 125 -15.86 -8.74 6.61
C GLN I 125 -15.02 -8.08 5.49
N ASP I 126 -14.45 -6.92 5.75
CA ASP I 126 -13.56 -6.27 4.80
C ASP I 126 -12.27 -7.05 4.48
N LYS I 127 -11.73 -7.81 5.43
CA LYS I 127 -10.49 -8.59 5.16
C LYS I 127 -10.78 -9.75 4.23
N ILE I 128 -11.97 -10.39 4.36
CA ILE I 128 -12.20 -11.54 3.54
C ILE I 128 -13.19 -11.28 2.48
N ASN I 129 -13.80 -10.09 2.49
CA ASN I 129 -14.68 -9.67 1.39
C ASN I 129 -15.93 -10.56 1.25
N ILE I 130 -16.42 -11.06 2.38
CA ILE I 130 -17.72 -11.70 2.38
C ILE I 130 -18.48 -11.32 3.59
N PRO I 131 -19.84 -11.38 3.47
CA PRO I 131 -20.55 -11.04 4.67
C PRO I 131 -20.24 -12.09 5.74
N VAL I 132 -20.22 -11.64 6.99
CA VAL I 132 -20.04 -12.51 8.16
C VAL I 132 -21.25 -12.24 9.08
N ILE I 133 -22.04 -13.29 9.36
CA ILE I 133 -23.25 -13.16 10.21
C ILE I 133 -22.86 -13.32 11.64
N PHE I 134 -23.39 -12.46 12.49
CA PHE I 134 -23.06 -12.40 13.93
C PHE I 134 -23.91 -13.42 14.68
N GLY I 135 -23.37 -14.64 14.83
CA GLY I 135 -24.11 -15.70 15.53
C GLY I 135 -23.55 -15.88 16.92
N LEU I 136 -23.25 -14.77 17.59
CA LEU I 136 -22.71 -14.82 18.96
C LEU I 136 -23.82 -14.49 20.02
N LEU I 137 -24.14 -15.42 20.94
CA LEU I 137 -25.12 -15.09 22.02
C LEU I 137 -24.30 -14.51 23.12
N THR I 138 -24.78 -13.44 23.74
CA THR I 138 -24.05 -12.83 24.86
C THR I 138 -25.04 -12.70 26.04
N CYS I 139 -25.07 -13.74 26.88
CA CYS I 139 -26.18 -13.93 27.84
C CYS I 139 -25.78 -13.73 29.26
N LEU I 140 -26.68 -13.08 29.99
CA LEU I 140 -26.53 -13.03 31.46
C LEU I 140 -26.78 -14.39 32.17
N THR I 141 -27.60 -15.26 31.58
CA THR I 141 -27.86 -16.57 32.23
C THR I 141 -28.00 -17.64 31.17
N GLU I 142 -27.74 -18.88 31.55
CA GLU I 142 -28.00 -20.03 30.68
C GLU I 142 -29.43 -20.06 30.14
N GLU I 143 -30.36 -19.65 30.99
CA GLU I 143 -31.73 -19.76 30.64
C GLU I 143 -32.04 -18.79 29.44
N GLN I 144 -31.46 -17.60 29.47
CA GLN I 144 -31.55 -16.71 28.29
C GLN I 144 -30.94 -17.37 27.02
N ALA I 145 -29.82 -18.06 27.18
CA ALA I 145 -29.18 -18.73 26.04
C ALA I 145 -30.13 -19.83 25.48
N LEU I 146 -30.53 -20.79 26.35
CA LEU I 146 -31.59 -21.76 26.02
C LEU I 146 -32.72 -21.16 25.25
N ALA I 147 -33.25 -20.09 25.75
CA ALA I 147 -34.39 -19.49 25.07
C ALA I 147 -34.12 -18.93 23.65
N ARG I 148 -32.94 -18.33 23.47
CA ARG I 148 -32.55 -17.80 22.14
C ARG I 148 -32.16 -18.90 21.15
N ALA I 149 -32.04 -20.15 21.65
CA ALA I 149 -31.77 -21.32 20.79
C ALA I 149 -33.05 -22.13 20.58
N GLY I 150 -34.16 -21.60 21.10
CA GLY I 150 -35.49 -22.28 21.09
C GLY I 150 -35.50 -23.61 21.84
N ILE I 151 -34.61 -23.81 22.81
CA ILE I 151 -34.66 -25.07 23.55
C ILE I 151 -34.88 -24.89 25.07
N ASP I 152 -35.53 -23.82 25.50
CA ASP I 152 -35.90 -23.63 26.92
C ASP I 152 -37.20 -24.41 27.21
N GLU I 153 -37.31 -24.97 28.42
CA GLU I 153 -38.50 -25.75 28.79
C GLU I 153 -39.75 -25.03 28.32
N GLY I 154 -39.80 -23.72 28.55
CA GLY I 154 -40.98 -22.93 28.25
C GLY I 154 -41.25 -22.57 26.79
N LYS I 155 -40.34 -22.93 25.87
CA LYS I 155 -40.39 -22.54 24.43
C LYS I 155 -40.80 -21.08 24.24
N THR I 156 -40.21 -20.20 25.05
CA THR I 156 -40.68 -18.82 25.16
C THR I 156 -40.29 -17.89 24.01
N MET I 157 -39.20 -18.20 23.29
CA MET I 157 -38.76 -17.30 22.22
C MET I 157 -38.77 -17.99 20.87
N HIS I 158 -37.64 -17.98 20.16
CA HIS I 158 -37.52 -18.72 18.91
C HIS I 158 -36.03 -18.95 18.69
N ASN I 159 -35.69 -19.90 17.83
CA ASN I 159 -34.32 -20.28 17.61
C ASN I 159 -33.68 -19.22 16.70
N HIS I 160 -32.90 -18.35 17.32
CA HIS I 160 -32.21 -17.26 16.60
C HIS I 160 -31.30 -17.80 15.48
N GLY I 161 -30.88 -19.05 15.60
CA GLY I 161 -30.02 -19.67 14.65
C GLY I 161 -30.63 -19.62 13.27
N GLU I 162 -31.96 -19.67 13.23
CA GLU I 162 -32.72 -19.64 11.99
C GLU I 162 -32.56 -18.28 11.35
N ASP I 163 -32.66 -17.25 12.18
CA ASP I 163 -32.43 -15.89 11.74
C ASP I 163 -31.05 -15.73 11.07
N TRP I 164 -30.02 -16.37 11.64
CA TRP I 164 -28.66 -16.23 11.12
C TRP I 164 -28.55 -16.93 9.77
N GLY I 165 -29.15 -18.13 9.67
CA GLY I 165 -29.29 -18.80 8.37
C GLY I 165 -29.95 -17.98 7.27
N ALA I 166 -31.06 -17.36 7.59
CA ALA I 166 -31.79 -16.50 6.68
C ALA I 166 -30.96 -15.28 6.35
N ALA I 167 -30.28 -14.73 7.32
CA ALA I 167 -29.53 -13.49 7.02
C ALA I 167 -28.33 -13.86 6.14
N ALA I 168 -27.77 -15.03 6.35
CA ALA I 168 -26.65 -15.42 5.52
C ALA I 168 -27.06 -15.55 4.03
N VAL I 169 -28.14 -16.25 3.71
CA VAL I 169 -28.60 -16.33 2.31
C VAL I 169 -28.86 -14.91 1.74
N GLU I 170 -29.55 -14.10 2.50
CA GLU I 170 -29.87 -12.82 2.01
C GLU I 170 -28.61 -11.96 1.73
N MET I 171 -27.67 -11.92 2.68
CA MET I 171 -26.54 -11.01 2.56
C MET I 171 -25.68 -11.44 1.38
N ALA I 172 -25.45 -12.76 1.22
CA ALA I 172 -24.63 -13.27 0.11
C ALA I 172 -25.35 -13.03 -1.26
N THR I 173 -26.66 -13.16 -1.29
CA THR I 173 -27.40 -12.97 -2.52
C THR I 173 -27.43 -11.47 -2.88
N LYS I 174 -27.83 -10.63 -1.96
CA LYS I 174 -28.05 -9.24 -2.26
C LYS I 174 -26.70 -8.43 -2.42
N PHE I 175 -25.65 -8.85 -1.71
CA PHE I 175 -24.42 -8.05 -1.71
C PHE I 175 -23.20 -8.86 -2.09
N GLY I 176 -23.42 -9.97 -2.78
CA GLY I 176 -22.35 -10.88 -3.12
C GLY I 176 -21.65 -10.27 -4.30
N ALA I 177 -20.37 -10.63 -4.41
CA ALA I 177 -19.47 -10.05 -5.40
C ALA I 177 -20.15 -9.99 -6.76
N ASN I 178 -20.76 -11.12 -7.14
CA ASN I 178 -21.16 -11.31 -8.52
C ASN I 178 -22.46 -10.62 -8.94
N ALA I 179 -23.10 -9.85 -8.04
CA ALA I 179 -24.42 -9.28 -8.43
C ALA I 179 -24.91 -7.97 -7.77
N GLN J 22 -11.34 -34.95 18.12
CA GLN J 22 -10.08 -35.62 17.68
C GLN J 22 -8.97 -35.29 18.67
N ASN J 23 -7.86 -36.02 18.52
CA ASN J 23 -6.69 -35.78 19.34
C ASN J 23 -5.70 -35.07 18.44
N TYR J 24 -5.25 -33.92 18.89
CA TYR J 24 -4.39 -33.09 18.06
C TYR J 24 -3.00 -33.50 18.41
N ASP J 25 -2.22 -33.90 17.40
CA ASP J 25 -0.79 -34.19 17.56
C ASP J 25 -0.02 -32.88 17.34
N GLY J 26 0.88 -32.56 18.25
CA GLY J 26 1.53 -31.28 18.26
C GLY J 26 3.00 -31.48 18.04
N SER J 27 3.39 -32.71 17.74
CA SER J 27 4.80 -33.01 17.68
C SER J 27 5.58 -32.07 16.74
N LYS J 28 4.95 -31.57 15.69
CA LYS J 28 5.70 -30.67 14.78
C LYS J 28 5.71 -29.15 15.14
N LEU J 29 5.12 -28.77 16.27
CA LEU J 29 4.74 -27.36 16.44
C LEU J 29 5.79 -26.67 17.28
N ARG J 30 6.02 -25.39 17.03
CA ARG J 30 6.79 -24.60 18.00
C ARG J 30 5.85 -23.58 18.52
N VAL J 31 5.75 -23.51 19.84
CA VAL J 31 4.76 -22.68 20.54
C VAL J 31 5.50 -21.71 21.46
N GLY J 32 5.12 -20.43 21.41
CA GLY J 32 5.73 -19.43 22.31
C GLY J 32 4.74 -19.14 23.42
N ILE J 33 5.26 -19.01 24.63
CA ILE J 33 4.46 -18.57 25.74
C ILE J 33 5.12 -17.31 26.25
N ILE J 34 4.37 -16.26 26.43
CA ILE J 34 4.96 -15.05 26.87
C ILE J 34 4.10 -14.50 28.02
N HIS J 35 4.72 -14.17 29.15
CA HIS J 35 3.84 -13.86 30.26
C HIS J 35 4.31 -12.68 30.97
N ALA J 36 3.34 -11.90 31.42
CA ALA J 36 3.62 -10.81 32.39
C ALA J 36 4.15 -11.41 33.71
N ARG J 37 4.65 -10.51 34.57
CA ARG J 37 5.31 -10.94 35.80
C ARG J 37 4.64 -10.48 37.11
N TRP J 38 3.56 -9.68 37.04
CA TRP J 38 2.74 -9.44 38.22
C TRP J 38 1.83 -10.64 38.57
N ASN J 39 1.66 -10.89 39.89
CA ASN J 39 0.86 -12.00 40.42
C ASN J 39 1.48 -13.26 39.95
N ARG J 40 2.78 -13.34 40.20
CA ARG J 40 3.66 -14.32 39.67
C ARG J 40 3.20 -15.73 39.99
N VAL J 41 2.68 -15.93 41.22
CA VAL J 41 2.42 -17.26 41.70
C VAL J 41 1.34 -17.83 40.82
N ILE J 42 0.33 -17.00 40.52
CA ILE J 42 -0.76 -17.37 39.63
C ILE J 42 -0.24 -17.55 38.19
N ILE J 43 0.64 -16.63 37.75
CA ILE J 43 1.24 -16.70 36.41
C ILE J 43 1.94 -18.04 36.21
N ASP J 44 2.88 -18.36 37.11
CA ASP J 44 3.59 -19.61 37.10
C ASP J 44 2.74 -20.87 37.00
N ALA J 45 1.63 -20.90 37.73
CA ALA J 45 0.66 -22.05 37.67
C ALA J 45 -0.01 -22.10 36.32
N LEU J 46 -0.46 -20.94 35.84
CA LEU J 46 -1.06 -20.89 34.47
C LEU J 46 -0.10 -21.41 33.42
N VAL J 47 1.10 -20.90 33.46
CA VAL J 47 2.18 -21.30 32.54
C VAL J 47 2.45 -22.79 32.57
N LYS J 48 2.74 -23.30 33.78
CA LYS J 48 2.86 -24.77 33.99
C LYS J 48 1.70 -25.59 33.45
N GLY J 49 0.45 -25.20 33.67
CA GLY J 49 -0.66 -26.01 33.08
C GLY J 49 -0.65 -25.98 31.53
N ALA J 50 -0.27 -24.83 30.95
CA ALA J 50 -0.25 -24.78 29.46
C ALA J 50 0.88 -25.70 28.93
N ILE J 51 2.03 -25.65 29.58
CA ILE J 51 3.13 -26.48 29.19
C ILE J 51 2.81 -27.96 29.32
N ASP J 52 2.30 -28.36 30.49
CA ASP J 52 1.94 -29.77 30.77
C ASP J 52 0.94 -30.29 29.77
N ARG J 53 -0.14 -29.56 29.51
CA ARG J 53 -1.08 -30.01 28.51
C ARG J 53 -0.49 -30.17 27.06
N MET J 54 0.38 -29.24 26.69
CA MET J 54 0.92 -29.28 25.36
C MET J 54 1.90 -30.43 25.30
N LEU J 55 2.72 -30.61 26.34
CA LEU J 55 3.57 -31.76 26.44
C LEU J 55 2.74 -33.02 26.16
N SER J 56 1.60 -33.13 26.82
CA SER J 56 0.85 -34.33 26.73
C SER J 56 0.24 -34.54 25.36
N LEU J 57 0.18 -33.47 24.58
CA LEU J 57 -0.34 -33.60 23.21
C LEU J 57 0.82 -33.71 22.22
N GLY J 58 2.03 -33.81 22.73
CA GLY J 58 3.13 -34.20 21.86
C GLY J 58 4.01 -33.06 21.37
N VAL J 59 3.74 -31.82 21.80
CA VAL J 59 4.65 -30.71 21.54
C VAL J 59 5.92 -31.07 22.24
N LYS J 60 7.07 -30.96 21.61
CA LYS J 60 8.32 -31.29 22.35
C LYS J 60 8.72 -30.18 23.29
N GLU J 61 9.36 -30.55 24.40
CA GLU J 61 9.87 -29.62 25.41
C GLU J 61 10.76 -28.53 24.78
N GLU J 62 11.77 -28.90 24.02
CA GLU J 62 12.70 -27.91 23.46
C GLU J 62 12.00 -26.94 22.48
N ASN J 63 10.77 -27.25 22.07
CA ASN J 63 9.96 -26.40 21.21
C ASN J 63 8.90 -25.51 21.90
N ILE J 64 9.00 -25.38 23.23
CA ILE J 64 8.07 -24.51 23.93
C ILE J 64 8.99 -23.42 24.39
N ILE J 65 8.76 -22.21 23.89
CA ILE J 65 9.72 -21.13 24.09
C ILE J 65 9.04 -20.16 25.02
N VAL J 66 9.73 -19.83 26.08
CA VAL J 66 9.06 -19.00 27.08
C VAL J 66 9.68 -17.62 27.16
N GLU J 67 8.87 -16.59 27.20
CA GLU J 67 9.42 -15.19 27.32
C GLU J 67 8.60 -14.42 28.33
N THR J 68 9.15 -13.32 28.84
CA THR J 68 8.39 -12.50 29.80
C THR J 68 8.40 -11.01 29.49
N VAL J 69 7.39 -10.33 30.03
CA VAL J 69 7.29 -8.87 30.01
C VAL J 69 6.95 -8.41 31.42
N PRO J 70 7.14 -7.12 31.75
CA PRO J 70 6.83 -6.79 33.14
C PRO J 70 5.33 -6.88 33.43
N GLY J 71 4.52 -6.20 32.62
CA GLY J 71 3.10 -6.08 32.88
C GLY J 71 2.26 -6.54 31.69
N SER J 72 0.95 -6.63 31.90
CA SER J 72 0.07 -7.08 30.89
C SER J 72 -0.02 -6.17 29.67
N PHE J 73 0.11 -4.86 29.84
CA PHE J 73 0.00 -3.93 28.76
C PHE J 73 1.12 -4.19 27.71
N GLU J 74 2.25 -4.70 28.14
CA GLU J 74 3.38 -5.03 27.29
C GLU J 74 3.21 -6.36 26.52
N LEU J 75 2.17 -7.16 26.84
CA LEU J 75 2.00 -8.44 26.13
C LEU J 75 1.81 -8.31 24.62
N PRO J 76 1.00 -7.35 24.16
CA PRO J 76 0.78 -7.37 22.70
C PRO J 76 2.02 -6.98 21.88
N TYR J 77 2.71 -5.91 22.24
CA TYR J 77 3.91 -5.57 21.51
C TYR J 77 5.06 -6.57 21.82
N GLY J 78 5.20 -7.00 23.08
CA GLY J 78 6.16 -8.11 23.35
C GLY J 78 5.94 -9.37 22.47
N SER J 79 4.69 -9.79 22.36
CA SER J 79 4.35 -10.97 21.54
C SER J 79 4.69 -10.74 20.05
N LYS J 80 4.43 -9.52 19.55
CA LYS J 80 4.71 -9.20 18.13
C LYS J 80 6.24 -9.32 17.92
N ARG J 81 7.03 -8.65 18.73
CA ARG J 81 8.50 -8.74 18.60
C ARG J 81 9.08 -10.11 18.87
N PHE J 82 8.52 -10.83 19.87
CA PHE J 82 8.81 -12.29 20.07
C PHE J 82 8.61 -13.11 18.80
N ALA J 83 7.46 -13.00 18.18
CA ALA J 83 7.23 -13.79 17.00
C ALA J 83 8.25 -13.36 15.91
N GLU J 84 8.50 -12.05 15.82
CA GLU J 84 9.46 -11.53 14.79
C GLU J 84 10.85 -12.02 15.09
N LYS J 85 11.27 -11.97 16.34
CA LYS J 85 12.62 -12.43 16.56
C LYS J 85 12.79 -13.93 16.27
N GLN J 86 11.74 -14.72 16.51
CA GLN J 86 11.83 -16.15 16.35
C GLN J 86 11.92 -16.43 14.86
N ALA J 87 11.09 -15.75 14.04
CA ALA J 87 11.12 -15.97 12.58
C ALA J 87 12.49 -15.49 12.02
N LYS J 88 12.97 -14.33 12.43
CA LYS J 88 14.28 -13.89 11.99
C LYS J 88 15.44 -14.88 12.27
N LYS J 89 15.38 -15.65 13.37
CA LYS J 89 16.53 -16.53 13.58
C LYS J 89 16.24 -17.94 13.04
N GLY J 90 15.16 -18.10 12.26
CA GLY J 90 14.90 -19.36 11.64
C GLY J 90 14.09 -20.30 12.50
N GLU J 91 13.48 -19.80 13.60
CA GLU J 91 12.75 -20.68 14.53
C GLU J 91 11.36 -20.11 14.77
N PRO J 92 10.53 -20.04 13.67
CA PRO J 92 9.29 -19.35 13.83
C PRO J 92 8.34 -20.13 14.75
N LEU J 93 7.54 -19.35 15.48
CA LEU J 93 6.41 -19.81 16.21
C LEU J 93 5.25 -20.20 15.32
N ASP J 94 4.51 -21.24 15.73
CA ASP J 94 3.27 -21.59 15.06
C ASP J 94 2.11 -20.94 15.73
N VAL J 95 2.31 -20.53 16.97
CA VAL J 95 1.17 -20.02 17.76
C VAL J 95 1.77 -19.35 18.97
N VAL J 96 1.09 -18.37 19.50
CA VAL J 96 1.66 -17.73 20.65
C VAL J 96 0.59 -17.65 21.75
N ILE J 97 1.01 -17.70 23.00
CA ILE J 97 0.05 -17.65 24.13
C ILE J 97 0.49 -16.56 25.11
N PRO J 98 -0.09 -15.34 24.98
CA PRO J 98 0.22 -14.31 25.97
C PRO J 98 -0.61 -14.52 27.28
N ILE J 99 0.09 -14.53 28.40
CA ILE J 99 -0.53 -14.83 29.69
C ILE J 99 -0.29 -13.69 30.68
N GLY J 100 -1.36 -13.13 31.22
CA GLY J 100 -1.22 -12.22 32.34
C GLY J 100 -2.42 -12.29 33.28
N VAL J 101 -2.27 -11.72 34.46
CA VAL J 101 -3.30 -11.83 35.47
C VAL J 101 -3.69 -10.46 35.89
N LEU J 102 -4.90 -10.07 35.61
CA LEU J 102 -5.31 -8.75 36.03
C LEU J 102 -6.42 -8.88 37.08
N ILE J 103 -6.32 -8.09 38.14
CA ILE J 103 -7.26 -8.14 39.25
C ILE J 103 -7.73 -6.72 39.52
N LYS J 104 -9.04 -6.47 39.53
CA LYS J 104 -9.57 -5.14 39.81
C LYS J 104 -8.98 -4.51 41.09
N GLY J 105 -8.60 -3.23 40.99
CA GLY J 105 -8.02 -2.48 42.14
C GLY J 105 -8.99 -1.38 42.55
N SER J 106 -8.50 -0.33 43.16
CA SER J 106 -9.41 0.78 43.47
C SER J 106 -9.72 1.70 42.26
N THR J 107 -8.75 1.83 41.34
CA THR J 107 -8.86 2.83 40.25
C THR J 107 -9.49 2.13 39.06
N MET J 108 -9.59 2.81 37.92
CA MET J 108 -10.00 2.16 36.71
C MET J 108 -8.85 1.59 35.87
N HIS J 109 -7.66 1.51 36.46
CA HIS J 109 -6.49 0.95 35.79
C HIS J 109 -6.85 -0.42 35.19
N PHE J 110 -7.50 -1.26 36.01
CA PHE J 110 -7.83 -2.61 35.61
C PHE J 110 -8.63 -2.55 34.32
N GLU J 111 -9.62 -1.67 34.27
CA GLU J 111 -10.53 -1.71 33.15
C GLU J 111 -9.84 -1.24 31.85
N TYR J 112 -8.93 -0.26 31.93
CA TYR J 112 -8.32 0.33 30.75
C TYR J 112 -7.24 -0.61 30.24
N ILE J 113 -6.54 -1.28 31.14
CA ILE J 113 -5.56 -2.23 30.71
C ILE J 113 -6.25 -3.43 30.06
N SER J 114 -7.38 -3.86 30.66
CA SER J 114 -8.05 -5.06 30.17
C SER J 114 -8.58 -4.93 28.77
N ASP J 115 -9.32 -3.87 28.56
CA ASP J 115 -10.00 -3.66 27.32
C ASP J 115 -8.94 -3.48 26.20
N SER J 116 -7.92 -2.65 26.46
CA SER J 116 -7.04 -2.33 25.40
C SER J 116 -6.11 -3.48 25.12
N THR J 117 -5.74 -4.26 26.14
CA THR J 117 -4.83 -5.37 25.90
C THR J 117 -5.55 -6.50 25.15
N THR J 118 -6.82 -6.71 25.51
CA THR J 118 -7.64 -7.73 24.89
C THR J 118 -7.82 -7.47 23.39
N GLN J 119 -8.19 -6.22 23.00
CA GLN J 119 -8.31 -5.93 21.61
C GLN J 119 -6.96 -6.07 20.92
N ALA J 120 -5.88 -5.72 21.58
CA ALA J 120 -4.62 -5.67 20.81
C ALA J 120 -4.19 -7.11 20.66
N ILE J 121 -4.54 -8.01 21.61
CA ILE J 121 -4.20 -9.44 21.46
C ILE J 121 -4.97 -10.02 20.30
N MET J 122 -6.24 -9.68 20.20
CA MET J 122 -7.07 -10.10 19.09
C MET J 122 -6.57 -9.57 17.72
N ASN J 123 -6.25 -8.28 17.63
CA ASN J 123 -5.70 -7.69 16.39
C ASN J 123 -4.27 -8.05 16.08
N LEU J 124 -3.49 -8.50 17.09
CA LEU J 124 -2.17 -9.01 16.83
C LEU J 124 -2.16 -10.16 15.72
N GLN J 125 -3.18 -10.99 15.69
CA GLN J 125 -3.15 -12.19 14.83
C GLN J 125 -3.01 -11.86 13.34
N ASP J 126 -3.69 -10.83 12.86
CA ASP J 126 -3.47 -10.40 11.50
C ASP J 126 -2.10 -9.75 11.26
N LYS J 127 -1.42 -9.19 12.26
CA LYS J 127 -0.04 -8.70 12.04
C LYS J 127 1.06 -9.78 11.98
N ILE J 128 0.98 -10.85 12.76
CA ILE J 128 2.03 -11.85 12.71
C ILE J 128 1.57 -13.13 12.01
N ASN J 129 0.30 -13.17 11.57
CA ASN J 129 -0.27 -14.27 10.75
C ASN J 129 -0.14 -15.63 11.40
N ILE J 130 -0.32 -15.67 12.71
CA ILE J 130 -0.45 -16.94 13.42
C ILE J 130 -1.51 -16.77 14.51
N PRO J 131 -2.15 -17.90 14.92
CA PRO J 131 -3.14 -17.77 15.98
C PRO J 131 -2.52 -17.23 17.27
N VAL J 132 -3.27 -16.41 17.97
CA VAL J 132 -2.84 -16.02 19.33
C VAL J 132 -3.89 -16.42 20.35
N ILE J 133 -3.48 -17.21 21.34
CA ILE J 133 -4.41 -17.69 22.36
C ILE J 133 -4.59 -16.66 23.48
N PHE J 134 -5.83 -16.34 23.85
CA PHE J 134 -6.07 -15.33 24.87
C PHE J 134 -5.82 -15.90 26.28
N GLY J 135 -4.66 -15.61 26.88
CA GLY J 135 -4.35 -16.16 28.22
C GLY J 135 -4.44 -15.11 29.29
N LEU J 136 -5.34 -14.16 29.17
CA LEU J 136 -5.44 -13.10 30.16
C LEU J 136 -6.57 -13.43 31.18
N LEU J 137 -6.25 -13.53 32.46
CA LEU J 137 -7.30 -13.49 33.51
C LEU J 137 -7.71 -12.05 33.81
N THR J 138 -9.03 -11.79 33.83
CA THR J 138 -9.53 -10.46 34.13
C THR J 138 -10.51 -10.59 35.31
N CYS J 139 -9.97 -10.58 36.53
CA CYS J 139 -10.71 -11.05 37.69
C CYS J 139 -11.02 -9.89 38.64
N LEU J 140 -12.18 -9.98 39.31
CA LEU J 140 -12.52 -9.02 40.41
C LEU J 140 -11.69 -9.22 41.69
N THR J 141 -11.23 -10.45 41.94
CA THR J 141 -10.53 -10.71 43.20
C THR J 141 -9.44 -11.67 42.93
N GLU J 142 -8.44 -11.65 43.79
CA GLU J 142 -7.38 -12.65 43.76
C GLU J 142 -7.81 -14.12 43.90
N GLU J 143 -8.93 -14.32 44.59
CA GLU J 143 -9.39 -15.68 44.87
C GLU J 143 -9.95 -16.27 43.55
N GLN J 144 -10.70 -15.47 42.79
CA GLN J 144 -11.09 -15.80 41.41
C GLN J 144 -9.89 -16.22 40.49
N ALA J 145 -8.77 -15.48 40.61
CA ALA J 145 -7.58 -15.74 39.78
C ALA J 145 -6.99 -17.06 40.24
N LEU J 146 -6.75 -17.18 41.55
CA LEU J 146 -6.29 -18.45 42.14
C LEU J 146 -7.17 -19.66 41.68
N ALA J 147 -8.49 -19.53 41.72
CA ALA J 147 -9.37 -20.65 41.33
C ALA J 147 -9.27 -20.99 39.83
N ARG J 148 -9.10 -19.96 39.00
CA ARG J 148 -8.92 -20.18 37.54
C ARG J 148 -7.51 -20.61 37.20
N ALA J 149 -6.64 -20.62 38.18
CA ALA J 149 -5.36 -21.28 37.95
C ALA J 149 -5.24 -22.67 38.65
N GLY J 150 -6.36 -23.13 39.21
CA GLY J 150 -6.41 -24.44 39.90
C GLY J 150 -5.57 -24.44 41.18
N ILE J 151 -5.40 -23.27 41.79
CA ILE J 151 -4.65 -23.18 43.04
C ILE J 151 -5.43 -22.46 44.16
N ASP J 152 -6.74 -22.29 44.04
CA ASP J 152 -7.49 -21.90 45.26
C ASP J 152 -7.43 -23.08 46.27
N GLU J 153 -7.50 -22.72 47.55
CA GLU J 153 -7.54 -23.72 48.63
C GLU J 153 -8.61 -24.78 48.37
N GLY J 154 -9.86 -24.33 48.17
CA GLY J 154 -10.97 -25.19 47.81
C GLY J 154 -10.89 -25.96 46.49
N LYS J 155 -9.86 -25.69 45.67
CA LYS J 155 -9.80 -26.28 44.33
C LYS J 155 -11.12 -26.29 43.61
N THR J 156 -11.81 -25.16 43.61
CA THR J 156 -13.19 -25.12 43.09
C THR J 156 -13.33 -25.37 41.58
N MET J 157 -12.25 -25.21 40.81
CA MET J 157 -12.40 -25.08 39.33
C MET J 157 -11.27 -25.89 38.66
N HIS J 158 -10.48 -25.31 37.78
CA HIS J 158 -9.30 -26.05 37.28
C HIS J 158 -8.40 -25.07 36.61
N ASN J 159 -7.24 -25.52 36.17
CA ASN J 159 -6.27 -24.62 35.65
C ASN J 159 -6.58 -24.26 34.18
N HIS J 160 -7.06 -23.02 33.96
CA HIS J 160 -7.33 -22.57 32.59
C HIS J 160 -6.13 -22.57 31.67
N GLY J 161 -4.94 -22.54 32.21
CA GLY J 161 -3.79 -22.58 31.36
C GLY J 161 -3.82 -23.88 30.56
N GLU J 162 -4.44 -24.92 31.11
CA GLU J 162 -4.43 -26.20 30.42
C GLU J 162 -5.16 -26.08 29.12
N ASP J 163 -6.29 -25.40 29.19
CA ASP J 163 -7.14 -25.11 28.07
C ASP J 163 -6.43 -24.27 26.98
N TRP J 164 -5.56 -23.37 27.44
CA TRP J 164 -4.86 -22.45 26.56
C TRP J 164 -3.88 -23.27 25.76
N GLY J 165 -3.21 -24.21 26.44
CA GLY J 165 -2.31 -25.18 25.81
C GLY J 165 -3.06 -25.96 24.72
N ALA J 166 -4.26 -26.41 25.02
CA ALA J 166 -5.02 -27.27 24.09
C ALA J 166 -5.48 -26.42 22.92
N ALA J 167 -5.96 -25.23 23.21
CA ALA J 167 -6.27 -24.31 22.12
C ALA J 167 -5.10 -23.91 21.20
N ALA J 168 -3.94 -23.70 21.76
CA ALA J 168 -2.77 -23.41 20.96
C ALA J 168 -2.52 -24.54 19.88
N VAL J 169 -2.44 -25.79 20.37
CA VAL J 169 -2.24 -26.96 19.51
C VAL J 169 -3.35 -27.11 18.47
N GLU J 170 -4.59 -26.93 18.86
CA GLU J 170 -5.64 -27.08 17.91
C GLU J 170 -5.61 -25.94 16.85
N MET J 171 -5.48 -24.68 17.28
CA MET J 171 -5.54 -23.56 16.31
C MET J 171 -4.35 -23.64 15.36
N ALA J 172 -3.14 -23.88 15.87
CA ALA J 172 -1.97 -24.13 14.98
C ALA J 172 -2.17 -25.26 13.96
N THR J 173 -2.74 -26.39 14.45
CA THR J 173 -2.88 -27.59 13.64
C THR J 173 -3.93 -27.40 12.58
N LYS J 174 -5.07 -26.86 12.93
CA LYS J 174 -6.20 -26.70 12.04
C LYS J 174 -6.04 -25.49 11.11
N PHE J 175 -5.38 -24.44 11.59
CA PHE J 175 -5.30 -23.24 10.83
C PHE J 175 -3.84 -22.83 10.77
N GLY J 176 -2.94 -23.81 10.60
CA GLY J 176 -1.58 -23.47 10.27
C GLY J 176 -1.60 -22.74 8.94
N ALA J 177 -0.45 -22.20 8.58
CA ALA J 177 -0.17 -21.88 7.18
C ALA J 177 -0.12 -23.18 6.39
N ASN J 178 0.58 -24.20 6.90
CA ASN J 178 0.88 -25.41 6.09
C ASN J 178 -0.14 -26.55 6.17
S SO4 K . 28.30 -25.65 -21.88
O1 SO4 K . 27.61 -26.93 -22.17
O2 SO4 K . 29.00 -25.63 -20.57
O3 SO4 K . 29.33 -25.34 -22.89
O4 SO4 K . 27.20 -24.64 -21.93
S SO4 L . 21.25 -17.86 -30.30
O1 SO4 L . 22.21 -18.82 -30.84
O2 SO4 L . 21.33 -16.65 -31.16
O3 SO4 L . 21.61 -17.58 -28.89
O4 SO4 L . 19.88 -18.41 -30.20
S SO4 M . 1.50 -19.30 -39.41
O1 SO4 M . 2.55 -19.84 -40.33
O2 SO4 M . 1.19 -20.36 -38.38
O3 SO4 M . 1.91 -18.03 -38.73
O4 SO4 M . 0.24 -18.99 -40.17
S SO4 N . 6.29 -7.04 -39.85
O1 SO4 N . 7.39 -6.05 -39.89
O2 SO4 N . 4.97 -6.34 -39.56
O3 SO4 N . 6.66 -8.05 -38.83
O4 SO4 N . 6.17 -7.75 -41.14
S SO4 O . 0.10 -11.50 -44.96
O1 SO4 O . 0.69 -11.95 -43.68
O2 SO4 O . -0.91 -10.44 -44.74
O3 SO4 O . 1.24 -10.95 -45.74
O4 SO4 O . -0.60 -12.61 -45.65
S SO4 P . 10.48 13.10 -37.46
O1 SO4 P . 11.78 12.38 -37.52
O2 SO4 P . 10.16 13.87 -38.67
O3 SO4 P . 10.48 14.08 -36.35
O4 SO4 P . 9.50 12.02 -37.21
S SO4 Q . -11.51 13.37 -34.68
O1 SO4 Q . -11.69 11.88 -34.82
O2 SO4 Q . -11.19 13.75 -33.28
O3 SO4 Q . -10.44 13.83 -35.60
O4 SO4 Q . -12.74 14.08 -35.09
C7 DLZ R . 5.07 14.02 -32.60
C7A DLZ R . 4.72 12.81 -33.43
C5A DLZ R . 5.56 12.39 -34.59
C6 DLZ R . 6.81 13.12 -35.03
N5 DLZ R . 5.19 11.31 -35.29
C4A DLZ R . 4.06 10.64 -34.95
C4 DLZ R . 3.62 9.46 -35.74
O4 DLZ R . 4.29 9.04 -36.73
N3 DLZ R . 2.48 8.86 -35.33
C2 DLZ R . 1.75 9.28 -34.26
O2 DLZ R . 0.78 8.64 -34.00
N1 DLZ R . 2.09 10.35 -33.51
C8 DLZ R . 3.22 11.06 -33.78
N8 DLZ R . 3.63 12.14 -33.09
C1' DLZ R . 2.86 12.65 -31.99
C2' DLZ R . 3.29 12.14 -30.61
O2' DLZ R . 2.85 10.79 -30.58
C3' DLZ R . 2.74 13.06 -29.47
O3' DLZ R . 1.40 13.59 -29.76
C4' DLZ R . 3.50 14.39 -29.27
O4' DLZ R . 4.95 14.27 -29.24
C5' DLZ R . 2.92 15.10 -28.04
O5' DLZ R . 3.04 14.30 -26.83
S SO4 S . 23.08 26.84 -25.57
O1 SO4 S . 22.87 25.35 -25.50
O2 SO4 S . 23.61 27.33 -24.27
O3 SO4 S . 24.06 27.02 -26.67
O4 SO4 S . 21.82 27.66 -25.77
S SO4 T . 27.76 14.52 -26.33
O1 SO4 T . 28.17 14.63 -24.90
O2 SO4 T . 28.52 15.50 -27.14
O3 SO4 T . 26.27 14.77 -26.35
O4 SO4 T . 28.04 13.15 -26.86
C1 GOL U . 22.85 16.01 -15.44
O1 GOL U . 21.54 15.70 -14.90
C2 GOL U . 22.92 16.37 -16.92
O2 GOL U . 23.27 15.22 -17.72
C3 GOL U . 21.62 17.05 -17.42
O3 GOL U . 21.50 18.30 -16.75
S SO4 V . 34.66 -4.66 -21.85
O1 SO4 V . 34.34 -5.66 -20.77
O2 SO4 V . 36.10 -4.70 -22.09
O3 SO4 V . 34.26 -3.34 -21.36
O4 SO4 V . 33.88 -4.91 -23.08
S SO4 W . 41.78 3.36 -13.74
O1 SO4 W . 42.71 2.38 -13.15
O2 SO4 W . 41.74 4.55 -12.82
O3 SO4 W . 42.34 3.68 -15.10
O4 SO4 W . 40.46 2.70 -14.02
C1 GOL X . 30.08 -5.43 -10.66
O1 GOL X . 28.71 -5.06 -10.38
C2 GOL X . 30.63 -4.63 -11.84
O2 GOL X . 30.04 -4.94 -13.16
C3 GOL X . 30.50 -3.12 -11.53
O3 GOL X . 31.39 -2.77 -10.49
S SO4 Y . -3.00 21.70 37.93
O1 SO4 Y . -3.77 20.93 36.90
O2 SO4 Y . -3.87 21.58 39.14
O3 SO4 Y . -1.60 21.26 38.24
O4 SO4 Y . -2.92 23.07 37.37
S SO4 Z . 3.74 -1.06 47.98
O1 SO4 Z . 4.81 -0.27 48.68
O2 SO4 Z . 4.43 -2.30 47.53
O3 SO4 Z . 2.66 -1.45 48.93
O4 SO4 Z . 3.16 -0.28 46.85
S SO4 AA . -15.04 16.83 34.28
O1 SO4 AA . -13.72 16.28 34.49
O2 SO4 AA . -15.14 17.44 32.95
O3 SO4 AA . -15.19 17.86 35.34
O4 SO4 AA . -16.12 15.80 34.42
S SO4 BA . -30.60 23.84 20.69
O1 SO4 BA . -30.33 22.49 20.10
O2 SO4 BA . -30.55 23.86 22.19
O3 SO4 BA . -29.68 24.93 20.21
O4 SO4 BA . -31.99 24.08 20.30
S SO4 CA . -12.18 25.10 36.99
O1 SO4 CA . -12.11 23.82 36.23
O2 SO4 CA . -13.15 24.92 38.09
O3 SO4 CA . -10.85 25.50 37.51
O4 SO4 CA . -12.67 26.20 36.13
S SO4 DA . -31.55 10.85 23.76
O1 SO4 DA . -31.48 9.72 24.74
O2 SO4 DA . -30.17 11.41 23.69
O3 SO4 DA . -32.53 11.89 24.12
O4 SO4 DA . -31.99 10.46 22.40
C1 GOL EA . -26.91 12.32 12.52
O1 GOL EA . -25.73 11.52 12.15
C2 GOL EA . -26.96 12.65 14.03
O2 GOL EA . -27.13 11.41 14.79
C3 GOL EA . -25.86 13.67 14.50
O3 GOL EA . -25.01 13.44 15.74
S SO4 FA . -32.27 -9.89 23.54
O1 SO4 FA . -33.27 -10.93 23.79
O2 SO4 FA . -31.52 -9.50 24.77
O3 SO4 FA . -31.43 -10.48 22.47
O4 SO4 FA . -33.13 -8.78 23.09
S SO4 GA . -41.25 -6.31 14.19
O1 SO4 GA . -42.27 -7.38 14.26
O2 SO4 GA . -41.56 -5.37 15.28
O3 SO4 GA . -39.90 -6.94 14.36
O4 SO4 GA . -41.41 -5.64 12.86
S SO4 HA . -39.07 -13.87 20.13
O1 SO4 HA . -39.38 -15.31 20.03
O2 SO4 HA . -39.14 -13.37 21.55
O3 SO4 HA . -37.67 -13.58 19.69
O4 SO4 HA . -40.08 -13.16 19.30
S SO4 IA . -15.79 -16.61 34.38
O1 SO4 IA . -16.42 -17.54 35.35
O2 SO4 IA . -14.33 -16.58 34.60
O3 SO4 IA . -16.43 -15.30 34.57
O4 SO4 IA . -16.04 -17.00 33.00
C1 GOL JA . -27.16 -11.59 12.39
O1 GOL JA . -25.91 -10.88 12.21
C2 GOL JA . -27.96 -11.00 13.54
O2 GOL JA . -27.24 -10.94 14.82
C3 GOL JA . -28.39 -9.61 13.09
O3 GOL JA . -29.45 -9.78 12.19
C7 DLZ KA . -12.03 -19.05 28.13
C7A DLZ KA . -13.51 -18.96 27.89
C5A DLZ KA . -14.42 -18.68 29.05
C6 DLZ KA . -13.84 -18.48 30.45
N5 DLZ KA . -15.76 -18.58 28.81
C4A DLZ KA . -16.23 -18.78 27.53
C4 DLZ KA . -17.68 -18.72 27.23
O4 DLZ KA . -18.54 -18.48 28.13
N3 DLZ KA . -18.03 -18.94 25.93
C2 DLZ KA . -17.12 -19.20 24.92
O2 DLZ KA . -17.61 -19.39 23.80
N1 DLZ KA . -15.78 -19.25 25.12
C8 DLZ KA . -15.30 -19.05 26.38
N8 DLZ KA . -14.00 -19.09 26.64
C1' DLZ KA . -13.14 -19.44 25.57
C2' DLZ KA . -12.32 -18.31 25.03
O2' DLZ KA . -13.25 -17.66 24.16
C3' DLZ KA . -10.99 -18.91 24.45
O3' DLZ KA . -11.13 -20.32 24.14
C4' DLZ KA . -9.73 -18.83 25.38
O4' DLZ KA . -9.56 -17.57 26.12
C5' DLZ KA . -8.47 -19.10 24.61
O5' DLZ KA . -8.14 -18.01 23.75
S SO4 LA . 3.57 -10.22 42.79
O1 SO4 LA . 4.11 -11.38 42.01
O2 SO4 LA . 2.64 -10.64 43.87
O3 SO4 LA . 4.73 -9.47 43.36
O4 SO4 LA . 2.75 -9.33 41.91
S SO4 MA . -5.00 -0.10 40.98
O1 SO4 MA . -4.99 -0.11 42.47
O2 SO4 MA . -4.64 -1.47 40.54
O3 SO4 MA . -6.35 0.23 40.53
O4 SO4 MA . -3.93 0.86 40.63
S SO4 NA . 9.97 -28.20 14.31
O1 SO4 NA . 9.81 -29.46 15.09
O2 SO4 NA . 9.25 -27.07 14.97
O3 SO4 NA . 11.40 -27.84 14.20
O4 SO4 NA . 9.40 -28.44 12.96
C1 GOL OA . 3.30 0.09 32.03
O1 GOL OA . 2.90 -0.16 30.64
C2 GOL OA . 2.33 -0.37 33.12
O2 GOL OA . 1.04 0.29 33.09
C3 GOL OA . 2.10 -1.83 32.79
O3 GOL OA . 3.43 -2.28 32.56
#